data_8DAZ
#
_entry.id   8DAZ
#
_cell.length_a   89.832
_cell.length_b   107.357
_cell.length_c   179.301
_cell.angle_alpha   90.000
_cell.angle_beta   90.000
_cell.angle_gamma   90.000
#
_symmetry.space_group_name_H-M   'P 21 21 21'
#
loop_
_entity.id
_entity.type
_entity.pdbx_description
1 polymer 'Dimethylallyltryptophan synthase 1'
2 non-polymer TRYPTOPHAN
3 non-polymer 'GERANYL S-THIOLODIPHOSPHATE'
4 water water
#
_entity_poly.entity_id   1
_entity_poly.type   'polypeptide(L)'
_entity_poly.pdbx_seq_one_letter_code
;MLLQASQATQSVWKTLNKWLPPLSRDKDWWWKTLGPQINTLLTEADYDLNERYEALLLLYRWVVPEMGPRPRSSVAPSKS
FMTDDHSPIEYSWKWISGNKKPEIRYAVELVSPLAGSKQDPFNQIPTRNLVYNLAKIIPELDLTWFEHFWHELLGPGSPT
TSTSGVLTKGSTVFAALEMLHGHLSVKVYFIPVETPDFSAWHQIKHAIEASGCPNLEALNHVDAYLSSHDDGRQLRPFML
AIDLVEPAASRLKIYARSNQTSFRFVRDVMTIGGLRTDLDRSIEKFSDLWKRALGLDPDTPPEDELPKVDHLTSGAVFNF
DVAPKSQIPEVKAYIPVRHYANNDLQAALGLIGYLEDHGHGGYSQSYLRGLDMLAPSGQLDQATGVQTYFAVACQGEDLS
LTSYLNPQFYAAFQEPERT
;
_entity_poly.pdbx_strand_id   A,B,C,D
#
loop_
_chem_comp.id
_chem_comp.type
_chem_comp.name
_chem_comp.formula
GST non-polymer 'GERANYL S-THIOLODIPHOSPHATE' 'C10 H20 O6 P2 S'
#
# COMPACT_ATOMS: atom_id res chain seq x y z
N SER A 11 -22.14 -1.32 12.85
CA SER A 11 -23.01 -0.23 12.42
C SER A 11 -22.30 1.12 12.45
N VAL A 12 -22.45 1.89 11.38
CA VAL A 12 -21.85 3.22 11.32
C VAL A 12 -22.44 4.11 12.41
N TRP A 13 -23.76 4.07 12.58
CA TRP A 13 -24.36 4.92 13.60
C TRP A 13 -23.94 4.51 14.99
N LYS A 14 -23.82 3.21 15.26
CA LYS A 14 -23.39 2.78 16.59
C LYS A 14 -22.00 3.31 16.90
N THR A 15 -21.08 3.20 15.94
CA THR A 15 -19.74 3.73 16.11
C THR A 15 -19.75 5.23 16.37
N LEU A 16 -20.43 5.99 15.51
CA LEU A 16 -20.44 7.45 15.65
C LEU A 16 -21.09 7.87 16.97
N ASN A 17 -22.21 7.25 17.32
CA ASN A 17 -22.86 7.55 18.60
C ASN A 17 -21.97 7.18 19.77
N LYS A 18 -21.15 6.15 19.62
CA LYS A 18 -20.24 5.75 20.67
C LYS A 18 -19.12 6.76 20.87
N TRP A 19 -18.65 7.38 19.79
CA TRP A 19 -17.46 8.22 19.91
C TRP A 19 -17.71 9.72 19.79
N LEU A 20 -18.78 10.14 19.11
CA LEU A 20 -19.05 11.58 19.02
C LEU A 20 -19.53 12.12 20.37
N PRO A 21 -19.27 13.39 20.65
CA PRO A 21 -19.70 13.98 21.93
C PRO A 21 -21.21 13.90 22.10
N PRO A 22 -21.69 13.68 23.33
CA PRO A 22 -23.13 13.55 23.55
C PRO A 22 -23.86 14.87 23.34
N LEU A 23 -25.16 14.74 23.10
CA LEU A 23 -26.03 15.85 22.74
C LEU A 23 -27.12 16.06 23.80
N SER A 24 -27.76 17.24 23.71
CA SER A 24 -28.91 17.56 24.54
C SER A 24 -30.04 16.57 24.29
N ARG A 25 -31.08 16.66 25.14
CA ARG A 25 -32.19 15.72 25.07
C ARG A 25 -32.82 15.71 23.68
N ASP A 26 -33.20 16.89 23.17
CA ASP A 26 -33.85 16.97 21.87
C ASP A 26 -32.91 16.54 20.76
N LYS A 27 -31.68 17.06 20.77
CA LYS A 27 -30.72 16.71 19.74
C LYS A 27 -30.40 15.22 19.79
N ASP A 28 -30.33 14.65 21.00
CA ASP A 28 -30.04 13.22 21.10
C ASP A 28 -31.21 12.38 20.61
N TRP A 29 -32.44 12.82 20.86
CA TRP A 29 -33.59 12.10 20.32
C TRP A 29 -33.56 12.10 18.80
N TRP A 30 -33.34 13.28 18.21
CA TRP A 30 -33.27 13.37 16.75
C TRP A 30 -32.11 12.55 16.21
N TRP A 31 -30.96 12.57 16.89
CA TRP A 31 -29.81 11.79 16.46
C TRP A 31 -30.12 10.30 16.48
N LYS A 32 -30.57 9.78 17.63
CA LYS A 32 -30.82 8.36 17.78
C LYS A 32 -32.06 7.88 17.05
N THR A 33 -32.88 8.80 16.50
CA THR A 33 -33.98 8.38 15.64
C THR A 33 -33.63 8.47 14.15
N LEU A 34 -33.11 9.62 13.69
CA LEU A 34 -32.82 9.79 12.27
C LEU A 34 -31.60 8.98 11.85
N GLY A 35 -30.54 8.96 12.67
CA GLY A 35 -29.33 8.25 12.34
C GLY A 35 -29.57 6.79 11.98
N PRO A 36 -30.24 6.05 12.85
CA PRO A 36 -30.56 4.65 12.49
C PRO A 36 -31.43 4.53 11.25
N GLN A 37 -32.39 5.44 11.04
CA GLN A 37 -33.24 5.35 9.86
C GLN A 37 -32.45 5.55 8.58
N ILE A 38 -31.73 6.67 8.49
CA ILE A 38 -30.93 6.95 7.30
C ILE A 38 -29.86 5.87 7.12
N ASN A 39 -29.25 5.43 8.21
CA ASN A 39 -28.20 4.43 8.13
C ASN A 39 -28.72 3.10 7.60
N THR A 40 -29.90 2.67 8.08
CA THR A 40 -30.50 1.45 7.58
C THR A 40 -30.87 1.57 6.12
N LEU A 41 -31.44 2.72 5.73
CA LEU A 41 -31.81 2.89 4.33
C LEU A 41 -30.59 2.84 3.41
N LEU A 42 -29.51 3.50 3.82
CA LEU A 42 -28.29 3.49 3.01
C LEU A 42 -27.64 2.10 2.98
N THR A 43 -27.67 1.39 4.11
CA THR A 43 -27.09 0.06 4.16
C THR A 43 -27.85 -0.91 3.26
N GLU A 44 -29.18 -0.87 3.30
CA GLU A 44 -29.97 -1.74 2.44
C GLU A 44 -29.77 -1.43 0.96
N ALA A 45 -29.40 -0.19 0.64
CA ALA A 45 -29.12 0.20 -0.74
C ALA A 45 -27.65 0.00 -1.11
N ASP A 46 -26.87 -0.65 -0.25
CA ASP A 46 -25.49 -1.04 -0.54
C ASP A 46 -24.60 0.17 -0.78
N TYR A 47 -24.84 1.25 -0.04
CA TYR A 47 -23.94 2.39 -0.08
C TYR A 47 -22.59 2.03 0.52
N ASP A 48 -21.53 2.59 -0.04
CA ASP A 48 -20.20 2.34 0.49
C ASP A 48 -20.08 2.94 1.89
N LEU A 49 -19.28 2.34 2.75
CA LEU A 49 -19.20 2.74 4.17
C LEU A 49 -18.80 4.19 4.36
N ASN A 50 -17.92 4.69 3.52
CA ASN A 50 -17.47 6.08 3.61
C ASN A 50 -18.66 7.02 3.43
N GLU A 51 -19.55 6.73 2.50
CA GLU A 51 -20.70 7.58 2.22
C GLU A 51 -21.70 7.50 3.39
N ARG A 52 -21.85 6.35 4.01
CA ARG A 52 -22.68 6.27 5.20
C ARG A 52 -22.11 7.11 6.33
N TYR A 53 -20.79 7.04 6.52
CA TYR A 53 -20.15 7.91 7.51
C TYR A 53 -20.37 9.38 7.17
N GLU A 54 -20.15 9.76 5.91
CA GLU A 54 -20.35 11.15 5.52
C GLU A 54 -21.79 11.60 5.77
N ALA A 55 -22.76 10.77 5.40
CA ALA A 55 -24.16 11.13 5.57
C ALA A 55 -24.49 11.33 7.05
N LEU A 56 -24.06 10.41 7.90
CA LEU A 56 -24.39 10.54 9.32
C LEU A 56 -23.62 11.67 9.98
N LEU A 57 -22.41 11.97 9.52
CA LEU A 57 -21.68 13.11 10.05
C LEU A 57 -22.37 14.43 9.68
N LEU A 58 -22.81 14.55 8.42
CA LEU A 58 -23.61 15.70 8.02
C LEU A 58 -24.86 15.80 8.90
N LEU A 59 -25.56 14.69 9.09
CA LEU A 59 -26.75 14.68 9.95
C LEU A 59 -26.44 15.19 11.35
N TYR A 60 -25.37 14.68 11.95
CA TYR A 60 -25.01 15.06 13.31
C TYR A 60 -24.61 16.53 13.40
N ARG A 61 -23.95 17.05 12.36
CA ARG A 61 -23.37 18.38 12.42
C ARG A 61 -24.35 19.50 12.05
N TRP A 62 -25.08 19.34 10.94
CA TRP A 62 -25.86 20.45 10.38
C TRP A 62 -27.37 20.29 10.48
N VAL A 63 -27.87 19.08 10.66
CA VAL A 63 -29.31 18.82 10.65
C VAL A 63 -29.85 18.62 12.05
N VAL A 64 -29.23 17.72 12.83
CA VAL A 64 -29.73 17.43 14.17
C VAL A 64 -29.82 18.67 15.05
N PRO A 65 -28.83 19.57 15.08
CA PRO A 65 -28.97 20.76 15.96
C PRO A 65 -30.13 21.67 15.59
N GLU A 66 -30.68 21.56 14.38
CA GLU A 66 -31.71 22.48 13.91
C GLU A 66 -33.07 21.82 13.71
N MET A 67 -33.29 20.66 14.32
CA MET A 67 -34.58 19.97 14.22
C MET A 67 -35.57 20.39 15.30
N GLY A 68 -35.15 21.20 16.27
CA GLY A 68 -36.05 21.68 17.28
C GLY A 68 -36.40 20.62 18.30
N PRO A 69 -37.45 20.85 19.09
CA PRO A 69 -37.82 19.90 20.14
C PRO A 69 -38.20 18.54 19.57
N ARG A 70 -37.89 17.50 20.35
CA ARG A 70 -38.24 16.14 19.98
C ARG A 70 -39.75 15.93 20.09
N PRO A 71 -40.30 15.00 19.29
CA PRO A 71 -41.72 14.64 19.45
C PRO A 71 -41.96 14.04 20.82
N ARG A 72 -43.04 14.49 21.46
CA ARG A 72 -43.41 13.95 22.76
C ARG A 72 -44.87 13.55 22.85
N SER A 73 -45.66 13.73 21.80
CA SER A 73 -47.05 13.31 21.78
C SER A 73 -47.49 13.15 20.32
N SER A 74 -48.79 12.86 20.14
CA SER A 74 -49.38 12.76 18.81
C SER A 74 -49.49 14.11 18.12
N VAL A 75 -49.35 15.21 18.85
CA VAL A 75 -49.58 16.54 18.31
C VAL A 75 -48.26 17.14 17.85
N ALA A 76 -48.24 17.63 16.61
CA ALA A 76 -47.03 18.22 16.04
C ALA A 76 -46.90 19.68 16.46
N PRO A 77 -45.68 20.19 16.59
CA PRO A 77 -45.48 21.60 16.93
C PRO A 77 -45.73 22.57 15.78
N SER A 78 -46.06 22.07 14.60
CA SER A 78 -46.28 22.90 13.43
C SER A 78 -47.24 22.18 12.50
N LYS A 79 -47.72 22.90 11.49
CA LYS A 79 -48.47 22.27 10.40
C LYS A 79 -47.61 22.15 9.15
N SER A 80 -46.43 21.55 9.30
CA SER A 80 -45.46 21.49 8.21
C SER A 80 -46.03 20.77 7.01
N PHE A 81 -45.77 21.33 5.82
CA PHE A 81 -46.27 20.80 4.56
C PHE A 81 -45.46 19.59 4.06
N MET A 82 -44.43 19.17 4.80
CA MET A 82 -43.59 18.07 4.33
C MET A 82 -44.39 16.78 4.21
N THR A 83 -45.14 16.43 5.25
CA THR A 83 -45.93 15.21 5.25
C THR A 83 -47.30 15.52 5.86
N ASP A 84 -48.19 14.52 5.82
CA ASP A 84 -49.56 14.72 6.29
C ASP A 84 -49.65 14.86 7.79
N ASP A 85 -48.81 14.16 8.56
CA ASP A 85 -48.81 14.36 10.00
C ASP A 85 -47.83 15.44 10.42
N HIS A 86 -47.32 16.22 9.45
CA HIS A 86 -46.41 17.33 9.68
C HIS A 86 -45.06 16.86 10.22
N SER A 87 -44.69 15.61 9.95
CA SER A 87 -43.32 15.18 10.18
C SER A 87 -42.39 16.01 9.31
N PRO A 88 -41.32 16.57 9.87
CA PRO A 88 -40.46 17.47 9.09
C PRO A 88 -39.38 16.74 8.31
N ILE A 89 -39.53 15.43 8.14
CA ILE A 89 -38.56 14.62 7.42
C ILE A 89 -39.30 13.65 6.52
N GLU A 90 -38.81 13.50 5.28
CA GLU A 90 -39.39 12.57 4.33
C GLU A 90 -38.27 11.90 3.57
N TYR A 91 -38.19 10.58 3.67
CA TYR A 91 -37.19 9.83 2.94
C TYR A 91 -37.70 9.50 1.54
N SER A 92 -36.78 9.16 0.65
CA SER A 92 -37.17 8.72 -0.69
C SER A 92 -36.14 7.75 -1.23
N TRP A 93 -36.64 6.76 -1.96
CA TRP A 93 -35.91 5.57 -2.38
C TRP A 93 -36.18 5.45 -3.88
N LYS A 94 -35.22 5.84 -4.71
CA LYS A 94 -35.42 5.83 -6.15
C LYS A 94 -34.90 4.51 -6.72
N TRP A 95 -35.78 3.81 -7.44
CA TRP A 95 -35.44 2.54 -8.06
C TRP A 95 -34.69 2.78 -9.35
N ILE A 96 -33.47 2.30 -9.42
CA ILE A 96 -32.65 2.44 -10.61
C ILE A 96 -32.83 1.21 -11.49
N SER A 97 -32.95 1.43 -12.79
CA SER A 97 -33.17 0.33 -13.71
C SER A 97 -31.92 -0.56 -13.77
N GLY A 98 -32.11 -1.77 -14.32
CA GLY A 98 -31.00 -2.67 -14.50
C GLY A 98 -30.42 -3.25 -13.23
N ASN A 99 -31.25 -3.35 -12.17
CA ASN A 99 -30.84 -3.97 -10.91
C ASN A 99 -29.64 -3.27 -10.28
N LYS A 100 -29.54 -1.95 -10.48
CA LYS A 100 -28.48 -1.16 -9.87
C LYS A 100 -28.91 -0.73 -8.47
N LYS A 101 -27.98 -0.15 -7.73
CA LYS A 101 -28.28 0.23 -6.36
C LYS A 101 -29.29 1.38 -6.35
N PRO A 102 -30.28 1.38 -5.41
CA PRO A 102 -31.21 2.49 -5.31
C PRO A 102 -30.58 3.78 -4.79
N GLU A 103 -31.12 4.91 -5.25
CA GLU A 103 -30.66 6.22 -4.75
C GLU A 103 -31.46 6.60 -3.49
N ILE A 104 -30.78 6.99 -2.42
CA ILE A 104 -31.47 7.41 -1.18
C ILE A 104 -31.38 8.93 -1.03
N ARG A 105 -32.50 9.57 -0.79
CA ARG A 105 -32.57 11.01 -0.57
C ARG A 105 -33.44 11.25 0.65
N TYR A 106 -33.29 12.42 1.26
CA TYR A 106 -34.25 12.81 2.28
C TYR A 106 -34.42 14.31 2.29
N ALA A 107 -35.67 14.74 2.44
CA ALA A 107 -36.02 16.14 2.57
C ALA A 107 -36.28 16.48 4.03
N VAL A 108 -35.85 17.66 4.42
CA VAL A 108 -35.97 18.16 5.78
C VAL A 108 -36.37 19.63 5.73
N GLU A 109 -37.23 20.02 6.67
CA GLU A 109 -37.55 21.41 6.93
C GLU A 109 -37.07 21.70 8.35
N LEU A 110 -35.90 22.32 8.48
CA LEU A 110 -35.38 22.69 9.78
C LEU A 110 -36.23 23.79 10.41
N VAL A 111 -36.12 23.92 11.73
CA VAL A 111 -36.95 24.84 12.50
C VAL A 111 -36.09 25.62 13.48
N SER A 112 -36.64 26.74 13.95
CA SER A 112 -36.00 27.62 14.91
C SER A 112 -37.07 28.16 15.85
N PRO A 113 -36.68 28.64 17.04
CA PRO A 113 -37.66 29.26 17.93
C PRO A 113 -38.33 30.50 17.36
N LEU A 114 -37.75 31.13 16.33
CA LEU A 114 -38.35 32.31 15.72
C LEU A 114 -39.44 31.95 14.72
N ALA A 115 -39.70 30.67 14.51
CA ALA A 115 -40.75 30.25 13.59
C ALA A 115 -42.11 30.78 14.04
N GLY A 116 -42.76 31.53 13.15
CA GLY A 116 -44.02 32.16 13.41
C GLY A 116 -43.92 33.60 13.89
N SER A 117 -42.79 33.97 14.48
CA SER A 117 -42.58 35.34 14.93
C SER A 117 -42.39 36.28 13.73
N LYS A 118 -42.36 37.58 14.03
CA LYS A 118 -42.04 38.58 13.01
C LYS A 118 -40.66 38.39 12.41
N GLN A 119 -39.75 37.73 13.12
CA GLN A 119 -38.38 37.56 12.65
C GLN A 119 -38.25 36.39 11.68
N ASP A 120 -39.24 35.49 11.64
CA ASP A 120 -39.29 34.38 10.70
C ASP A 120 -40.72 33.83 10.66
N PRO A 121 -41.67 34.57 10.09
CA PRO A 121 -43.08 34.13 10.15
C PRO A 121 -43.37 32.86 9.38
N PHE A 122 -42.51 32.47 8.43
CA PHE A 122 -42.75 31.30 7.60
C PHE A 122 -41.61 30.29 7.68
N ASN A 123 -40.76 30.38 8.70
CA ASN A 123 -39.71 29.41 8.98
C ASN A 123 -38.80 29.19 7.77
N GLN A 124 -38.10 30.26 7.39
CA GLN A 124 -37.24 30.23 6.21
C GLN A 124 -35.76 30.25 6.51
N ILE A 125 -35.35 30.87 7.61
CA ILE A 125 -33.93 31.07 7.90
C ILE A 125 -33.20 29.75 8.14
N PRO A 126 -33.78 28.75 8.83
CA PRO A 126 -33.03 27.50 9.03
C PRO A 126 -32.62 26.81 7.72
N THR A 127 -33.50 26.78 6.71
CA THR A 127 -33.14 26.17 5.44
C THR A 127 -32.03 26.95 4.74
N ARG A 128 -32.13 28.28 4.77
CA ARG A 128 -31.05 29.13 4.25
C ARG A 128 -29.72 28.81 4.94
N ASN A 129 -29.74 28.72 6.27
CA ASN A 129 -28.53 28.40 7.02
C ASN A 129 -27.96 27.04 6.61
N LEU A 130 -28.84 26.04 6.50
CA LEU A 130 -28.38 24.71 6.09
C LEU A 130 -27.74 24.75 4.72
N VAL A 131 -28.39 25.43 3.77
CA VAL A 131 -27.86 25.52 2.41
C VAL A 131 -26.50 26.19 2.40
N TYR A 132 -26.34 27.27 3.16
CA TYR A 132 -25.04 27.96 3.19
C TYR A 132 -23.97 27.11 3.87
N ASN A 133 -24.32 26.36 4.91
CA ASN A 133 -23.36 25.45 5.53
C ASN A 133 -22.89 24.39 4.53
N LEU A 134 -23.84 23.80 3.81
CA LEU A 134 -23.49 22.81 2.79
C LEU A 134 -22.63 23.45 1.70
N ALA A 135 -22.93 24.70 1.34
CA ALA A 135 -22.12 25.41 0.36
C ALA A 135 -20.69 25.58 0.86
N LYS A 136 -20.50 25.67 2.17
CA LYS A 136 -19.11 25.74 2.72
C LYS A 136 -18.39 24.41 2.54
N ILE A 137 -19.08 23.28 2.71
CA ILE A 137 -18.40 21.95 2.67
C ILE A 137 -18.31 21.47 1.23
N ILE A 138 -19.33 21.72 0.42
CA ILE A 138 -19.33 21.30 -1.02
C ILE A 138 -19.35 22.55 -1.88
N PRO A 139 -18.18 23.02 -2.37
CA PRO A 139 -18.11 24.19 -3.25
C PRO A 139 -18.76 23.95 -4.63
N GLU A 140 -18.91 22.68 -5.02
CA GLU A 140 -19.56 22.33 -6.31
C GLU A 140 -20.98 22.92 -6.36
N LEU A 141 -21.61 23.17 -5.22
CA LEU A 141 -22.98 23.69 -5.22
C LEU A 141 -23.01 25.14 -5.67
N ASP A 142 -24.00 25.47 -6.49
CA ASP A 142 -24.21 26.81 -7.02
C ASP A 142 -25.45 27.41 -6.36
N LEU A 143 -25.32 28.65 -5.89
CA LEU A 143 -26.40 29.31 -5.16
C LEU A 143 -27.00 30.48 -5.93
N THR A 144 -26.64 30.63 -7.21
CA THR A 144 -27.20 31.74 -8.00
C THR A 144 -28.71 31.62 -8.10
N TRP A 145 -29.20 30.49 -8.62
CA TRP A 145 -30.64 30.30 -8.72
C TRP A 145 -31.31 30.17 -7.37
N PHE A 146 -30.60 29.60 -6.39
CA PHE A 146 -31.15 29.58 -5.03
C PHE A 146 -31.48 30.98 -4.55
N GLU A 147 -30.50 31.88 -4.63
CA GLU A 147 -30.73 33.25 -4.15
C GLU A 147 -31.77 33.96 -5.00
N HIS A 148 -31.73 33.76 -6.32
CA HIS A 148 -32.71 34.42 -7.19
C HIS A 148 -34.14 34.01 -6.83
N PHE A 149 -34.41 32.70 -6.80
CA PHE A 149 -35.77 32.24 -6.52
C PHE A 149 -36.16 32.52 -5.08
N TRP A 150 -35.21 32.49 -4.14
CA TRP A 150 -35.52 32.89 -2.78
C TRP A 150 -35.98 34.34 -2.71
N HIS A 151 -35.21 35.24 -3.33
CA HIS A 151 -35.58 36.65 -3.34
C HIS A 151 -36.93 36.86 -4.01
N GLU A 152 -37.21 36.12 -5.09
CA GLU A 152 -38.45 36.32 -5.82
C GLU A 152 -39.66 35.75 -5.10
N LEU A 153 -39.51 34.62 -4.42
CA LEU A 153 -40.65 33.87 -3.91
C LEU A 153 -40.83 33.94 -2.41
N LEU A 154 -39.77 34.18 -1.65
CA LEU A 154 -39.86 34.21 -0.19
C LEU A 154 -39.29 35.47 0.44
N GLY A 155 -38.61 36.32 -0.32
CA GLY A 155 -37.98 37.49 0.23
C GLY A 155 -39.00 38.50 0.74
N PRO A 156 -38.49 39.63 1.24
CA PRO A 156 -39.40 40.66 1.77
C PRO A 156 -40.33 41.24 0.72
N GLY A 157 -40.01 41.11 -0.57
CA GLY A 157 -40.92 41.57 -1.60
C GLY A 157 -42.05 40.59 -1.87
N SER A 158 -41.82 39.30 -1.60
CA SER A 158 -42.86 38.30 -1.70
C SER A 158 -44.02 38.63 -0.77
N PRO A 159 -45.21 38.09 -1.06
CA PRO A 159 -46.32 38.23 -0.09
C PRO A 159 -46.05 37.45 1.19
N LEU A 167 -52.56 33.13 2.53
CA LEU A 167 -52.80 31.69 2.57
C LEU A 167 -51.50 30.91 2.39
N THR A 168 -51.23 30.00 3.32
CA THR A 168 -50.00 29.21 3.31
C THR A 168 -50.34 27.73 3.39
N LYS A 169 -49.48 26.90 2.82
CA LYS A 169 -49.69 25.46 2.82
C LYS A 169 -49.14 24.78 4.07
N GLY A 170 -48.57 25.54 5.02
CA GLY A 170 -47.94 24.97 6.20
C GLY A 170 -46.45 25.21 6.23
N SER A 171 -45.83 25.32 5.05
CA SER A 171 -44.42 25.65 4.95
C SER A 171 -44.22 26.47 3.68
N THR A 172 -43.06 27.12 3.59
CA THR A 172 -42.73 27.90 2.42
C THR A 172 -41.44 27.46 1.75
N VAL A 173 -40.63 26.63 2.42
CA VAL A 173 -39.36 26.19 1.86
C VAL A 173 -38.91 24.95 2.63
N PHE A 174 -38.23 24.05 1.92
CA PHE A 174 -37.46 23.01 2.59
C PHE A 174 -36.37 22.52 1.65
N ALA A 175 -35.48 21.68 2.18
CA ALA A 175 -34.31 21.24 1.42
C ALA A 175 -34.29 19.73 1.35
N ALA A 176 -33.49 19.21 0.42
CA ALA A 176 -33.37 17.78 0.24
C ALA A 176 -31.93 17.43 -0.12
N LEU A 177 -31.42 16.37 0.50
CA LEU A 177 -30.11 15.82 0.22
C LEU A 177 -30.29 14.53 -0.57
N GLU A 178 -29.59 14.44 -1.71
CA GLU A 178 -29.60 13.26 -2.56
C GLU A 178 -28.20 12.64 -2.52
N MET A 179 -28.11 11.43 -1.95
CA MET A 179 -26.86 10.68 -1.96
C MET A 179 -26.80 9.91 -3.28
N LEU A 180 -26.08 10.46 -4.26
CA LEU A 180 -26.03 9.90 -5.61
C LEU A 180 -24.82 9.01 -5.84
N HIS A 181 -24.38 8.28 -4.80
CA HIS A 181 -23.27 7.33 -4.90
C HIS A 181 -22.01 8.00 -5.45
N GLY A 182 -21.21 8.61 -4.57
CA GLY A 182 -19.98 9.25 -4.95
C GLY A 182 -19.98 10.76 -4.79
N HIS A 183 -21.15 11.39 -4.82
CA HIS A 183 -21.25 12.83 -4.58
C HIS A 183 -22.64 13.14 -4.07
N LEU A 184 -22.76 14.30 -3.42
CA LEU A 184 -24.01 14.73 -2.80
C LEU A 184 -24.62 15.87 -3.61
N SER A 185 -25.92 15.80 -3.84
CA SER A 185 -26.64 16.88 -4.50
C SER A 185 -27.68 17.46 -3.56
N VAL A 186 -27.88 18.77 -3.67
CA VAL A 186 -28.87 19.46 -2.79
C VAL A 186 -29.98 20.06 -3.66
N LYS A 187 -31.22 19.98 -3.15
CA LYS A 187 -32.40 20.46 -3.89
C LYS A 187 -33.20 21.37 -2.98
N VAL A 188 -33.80 22.41 -3.54
CA VAL A 188 -34.58 23.35 -2.70
C VAL A 188 -36.01 23.45 -3.22
N TYR A 189 -36.98 23.34 -2.32
CA TYR A 189 -38.39 23.44 -2.64
C TYR A 189 -38.95 24.71 -2.05
N PHE A 190 -39.54 25.55 -2.91
CA PHE A 190 -40.21 26.77 -2.54
C PHE A 190 -41.71 26.55 -2.66
N ILE A 191 -42.44 26.84 -1.59
CA ILE A 191 -43.90 26.75 -1.60
C ILE A 191 -44.44 28.15 -1.36
N PRO A 192 -44.74 28.91 -2.42
CA PRO A 192 -45.11 30.31 -2.24
C PRO A 192 -46.40 30.48 -1.47
N VAL A 193 -46.51 31.62 -0.79
CA VAL A 193 -47.74 31.98 -0.10
C VAL A 193 -48.67 32.66 -1.09
N GLU A 194 -49.92 32.20 -1.13
CA GLU A 194 -50.90 32.72 -2.10
C GLU A 194 -51.72 33.85 -1.51
N THR A 195 -52.00 34.83 -2.36
CA THR A 195 -52.88 35.95 -2.09
C THR A 195 -53.86 36.07 -3.24
N PRO A 196 -55.00 36.74 -3.04
CA PRO A 196 -55.99 36.86 -4.13
C PRO A 196 -55.43 37.47 -5.41
N ASP A 197 -54.40 38.31 -5.33
CA ASP A 197 -53.81 38.92 -6.52
C ASP A 197 -52.59 38.16 -7.04
N PHE A 198 -51.97 37.32 -6.22
CA PHE A 198 -50.74 36.62 -6.60
C PHE A 198 -50.88 35.14 -6.26
N SER A 199 -51.32 34.35 -7.25
CA SER A 199 -51.34 32.92 -7.11
C SER A 199 -49.92 32.37 -7.06
N ALA A 200 -49.78 31.15 -6.54
CA ALA A 200 -48.47 30.50 -6.55
C ALA A 200 -47.94 30.38 -7.97
N TRP A 201 -48.82 30.07 -8.92
CA TRP A 201 -48.38 29.94 -10.31
C TRP A 201 -47.89 31.26 -10.86
N HIS A 202 -48.56 32.36 -10.51
CA HIS A 202 -48.11 33.66 -10.97
C HIS A 202 -46.69 33.95 -10.51
N GLN A 203 -46.45 33.76 -9.21
CA GLN A 203 -45.12 33.99 -8.65
C GLN A 203 -44.09 33.08 -9.30
N ILE A 204 -44.42 31.80 -9.47
CA ILE A 204 -43.49 30.85 -10.06
C ILE A 204 -43.16 31.23 -11.49
N LYS A 205 -44.19 31.59 -12.28
CA LYS A 205 -43.95 31.95 -13.67
C LYS A 205 -43.09 33.19 -13.77
N HIS A 206 -43.37 34.22 -12.96
CA HIS A 206 -42.55 35.43 -13.02
C HIS A 206 -41.12 35.15 -12.56
N ALA A 207 -40.95 34.27 -11.56
CA ALA A 207 -39.61 33.92 -11.12
C ALA A 207 -38.83 33.22 -12.22
N ILE A 208 -39.46 32.28 -12.92
CA ILE A 208 -38.77 31.57 -14.00
C ILE A 208 -38.47 32.51 -15.16
N GLU A 209 -39.38 33.44 -15.46
CA GLU A 209 -39.11 34.39 -16.53
C GLU A 209 -37.98 35.35 -16.18
N ALA A 210 -37.83 35.70 -14.90
CA ALA A 210 -36.72 36.53 -14.47
C ALA A 210 -35.48 35.72 -14.13
N SER A 211 -35.56 34.38 -14.24
CA SER A 211 -34.42 33.54 -13.90
C SER A 211 -33.25 33.74 -14.87
N GLY A 212 -33.54 34.17 -16.10
CA GLY A 212 -32.49 34.30 -17.09
C GLY A 212 -32.27 33.07 -17.94
N CYS A 213 -33.30 32.26 -18.17
CA CYS A 213 -33.15 31.10 -19.02
C CYS A 213 -33.11 31.51 -20.49
N PRO A 214 -32.36 30.78 -21.32
CA PRO A 214 -32.20 31.17 -22.72
C PRO A 214 -33.35 30.72 -23.61
N ASN A 215 -33.96 29.57 -23.28
CA ASN A 215 -35.02 28.98 -24.09
C ASN A 215 -36.20 28.66 -23.18
N LEU A 216 -37.23 29.51 -23.21
CA LEU A 216 -38.44 29.33 -22.41
C LEU A 216 -39.55 28.65 -23.18
N GLU A 217 -39.22 27.69 -24.06
CA GLU A 217 -40.27 27.03 -24.83
C GLU A 217 -41.05 26.06 -23.95
N ALA A 218 -40.38 25.35 -23.04
CA ALA A 218 -41.07 24.39 -22.19
C ALA A 218 -41.98 25.07 -21.19
N LEU A 219 -41.52 26.19 -20.62
CA LEU A 219 -42.38 26.94 -19.70
C LEU A 219 -43.63 27.45 -20.42
N ASN A 220 -43.47 27.91 -21.66
CA ASN A 220 -44.63 28.40 -22.41
C ASN A 220 -45.57 27.26 -22.79
N HIS A 221 -45.02 26.09 -23.11
CA HIS A 221 -45.85 24.92 -23.35
C HIS A 221 -46.68 24.58 -22.11
N VAL A 222 -46.04 24.56 -20.95
CA VAL A 222 -46.75 24.25 -19.72
C VAL A 222 -47.78 25.34 -19.41
N ASP A 223 -47.46 26.60 -19.66
CA ASP A 223 -48.40 27.68 -19.43
C ASP A 223 -49.63 27.54 -20.32
N ALA A 224 -49.41 27.22 -21.60
CA ALA A 224 -50.54 27.01 -22.51
C ALA A 224 -51.39 25.82 -22.07
N TYR A 225 -50.73 24.74 -21.62
CA TYR A 225 -51.49 23.58 -21.16
C TYR A 225 -52.31 23.92 -19.92
N LEU A 226 -51.73 24.68 -19.00
CA LEU A 226 -52.42 25.03 -17.76
C LEU A 226 -53.56 26.02 -18.00
N SER A 227 -53.41 26.89 -19.00
CA SER A 227 -54.38 27.97 -19.22
C SER A 227 -55.51 27.59 -20.18
N SER A 228 -55.19 26.87 -21.26
CA SER A 228 -56.15 26.63 -22.33
C SER A 228 -56.68 25.20 -22.42
N HIS A 229 -55.90 24.20 -21.99
CA HIS A 229 -56.34 22.83 -22.13
C HIS A 229 -57.45 22.51 -21.13
N ASP A 230 -58.29 21.54 -21.51
CA ASP A 230 -59.49 21.26 -20.72
C ASP A 230 -59.11 20.66 -19.37
N ASP A 231 -58.24 19.65 -19.36
CA ASP A 231 -57.78 19.06 -18.11
C ASP A 231 -56.60 19.80 -17.50
N GLY A 232 -55.78 20.45 -18.34
CA GLY A 232 -54.68 21.25 -17.80
C GLY A 232 -55.16 22.43 -17.00
N ARG A 233 -56.36 22.94 -17.30
CA ARG A 233 -56.95 24.02 -16.51
C ARG A 233 -57.35 23.57 -15.12
N GLN A 234 -57.34 22.27 -14.84
CA GLN A 234 -57.74 21.71 -13.56
C GLN A 234 -56.57 21.49 -12.61
N LEU A 235 -55.36 21.88 -12.99
CA LEU A 235 -54.18 21.69 -12.16
C LEU A 235 -53.82 23.00 -11.44
N ARG A 236 -53.50 22.90 -10.16
CA ARG A 236 -53.17 24.07 -9.35
C ARG A 236 -51.70 24.03 -8.94
N PRO A 237 -50.81 24.78 -9.66
CA PRO A 237 -49.41 24.88 -9.27
C PRO A 237 -49.22 25.40 -7.85
N PHE A 238 -48.26 24.83 -7.11
CA PHE A 238 -48.09 25.14 -5.67
C PHE A 238 -46.63 25.11 -5.25
N MET A 239 -45.76 24.42 -5.97
CA MET A 239 -44.38 24.24 -5.52
C MET A 239 -43.38 24.29 -6.65
N LEU A 240 -42.21 24.83 -6.35
CA LEU A 240 -41.12 24.83 -7.32
C LEU A 240 -39.87 24.25 -6.71
N ALA A 241 -39.22 23.35 -7.44
CA ALA A 241 -38.00 22.71 -6.97
C ALA A 241 -36.85 23.01 -7.92
N ILE A 242 -35.68 23.28 -7.35
CA ILE A 242 -34.47 23.54 -8.11
C ILE A 242 -33.33 22.70 -7.54
N ASP A 243 -32.33 22.46 -8.38
CA ASP A 243 -31.09 21.82 -7.97
C ASP A 243 -30.00 22.87 -7.77
N LEU A 244 -29.18 22.68 -6.74
CA LEU A 244 -28.11 23.62 -6.42
C LEU A 244 -26.86 23.32 -7.25
N VAL A 245 -27.05 23.33 -8.57
CA VAL A 245 -25.96 23.20 -9.53
C VAL A 245 -26.01 24.41 -10.44
N GLU A 246 -25.16 24.42 -11.47
CA GLU A 246 -25.19 25.50 -12.44
C GLU A 246 -26.60 25.66 -13.01
N PRO A 247 -27.12 26.88 -13.12
CA PRO A 247 -28.52 27.05 -13.55
C PRO A 247 -28.82 26.41 -14.90
N ALA A 248 -27.81 26.27 -15.77
CA ALA A 248 -28.01 25.56 -17.02
C ALA A 248 -28.17 24.05 -16.80
N ALA A 249 -27.68 23.53 -15.68
CA ALA A 249 -27.74 22.09 -15.39
C ALA A 249 -28.81 21.72 -14.39
N SER A 250 -29.50 22.70 -13.80
CA SER A 250 -30.53 22.44 -12.81
C SER A 250 -31.87 22.16 -13.49
N ARG A 251 -32.68 21.33 -12.85
CA ARG A 251 -34.06 21.21 -13.32
C ARG A 251 -34.90 22.31 -12.67
N LEU A 252 -36.06 22.55 -13.28
CA LEU A 252 -37.04 23.52 -12.78
C LEU A 252 -38.36 22.77 -12.68
N LYS A 253 -38.67 22.22 -11.51
CA LYS A 253 -39.82 21.34 -11.35
C LYS A 253 -40.99 22.12 -10.76
N ILE A 254 -42.06 22.25 -11.54
CA ILE A 254 -43.30 22.91 -11.11
C ILE A 254 -44.29 21.82 -10.72
N TYR A 255 -44.68 21.79 -9.45
CA TYR A 255 -45.62 20.79 -8.96
C TYR A 255 -47.05 21.32 -9.06
N ALA A 256 -47.97 20.44 -9.47
CA ALA A 256 -49.36 20.82 -9.66
C ALA A 256 -50.28 19.70 -9.19
N ARG A 257 -51.35 20.09 -8.50
CA ARG A 257 -52.32 19.17 -7.92
C ARG A 257 -53.69 19.37 -8.57
N SER A 258 -54.47 18.29 -8.57
CA SER A 258 -55.83 18.30 -9.10
C SER A 258 -56.71 17.43 -8.20
N ASN A 259 -57.98 17.80 -8.12
CA ASN A 259 -58.96 16.98 -7.41
C ASN A 259 -59.42 15.79 -8.24
N GLN A 260 -59.16 15.80 -9.54
CA GLN A 260 -59.50 14.68 -10.41
C GLN A 260 -58.47 13.59 -10.28
N THR A 261 -58.93 12.34 -10.40
CA THR A 261 -58.09 11.19 -10.09
C THR A 261 -58.26 10.04 -11.06
N SER A 262 -59.12 10.15 -12.07
CA SER A 262 -59.23 9.10 -13.08
C SER A 262 -57.88 8.87 -13.75
N PHE A 263 -57.65 7.64 -14.19
CA PHE A 263 -56.40 7.37 -14.89
C PHE A 263 -56.38 8.01 -16.28
N ARG A 264 -57.53 8.27 -16.89
CA ARG A 264 -57.55 9.01 -18.15
C ARG A 264 -56.94 10.39 -17.97
N PHE A 265 -57.28 11.06 -16.87
CA PHE A 265 -56.73 12.39 -16.60
C PHE A 265 -55.22 12.31 -16.40
N VAL A 266 -54.75 11.34 -15.63
CA VAL A 266 -53.32 11.16 -15.42
C VAL A 266 -52.62 10.86 -16.74
N ARG A 267 -53.22 10.01 -17.57
CA ARG A 267 -52.67 9.68 -18.88
C ARG A 267 -52.52 10.92 -19.75
N ASP A 268 -53.49 11.81 -19.70
CA ASP A 268 -53.44 13.00 -20.59
C ASP A 268 -52.42 13.97 -20.03
N VAL A 269 -52.35 14.09 -18.71
CA VAL A 269 -51.37 15.00 -18.13
C VAL A 269 -49.95 14.52 -18.42
N MET A 270 -49.72 13.20 -18.38
CA MET A 270 -48.40 12.68 -18.71
C MET A 270 -47.99 13.03 -20.12
N THR A 271 -48.94 13.12 -21.05
CA THR A 271 -48.66 13.53 -22.42
C THR A 271 -48.73 15.04 -22.62
N ILE A 272 -49.19 15.78 -21.62
CA ILE A 272 -49.41 17.22 -21.71
C ILE A 272 -50.34 17.49 -22.89
N GLY A 273 -51.47 16.80 -22.92
CA GLY A 273 -52.39 16.99 -24.03
C GLY A 273 -51.87 16.51 -25.36
N GLY A 274 -51.02 15.49 -25.38
CA GLY A 274 -50.54 14.97 -26.63
C GLY A 274 -49.29 15.62 -27.16
N LEU A 275 -48.77 16.65 -26.48
CA LEU A 275 -47.52 17.27 -26.92
C LEU A 275 -46.40 16.24 -26.95
N ARG A 276 -46.45 15.27 -26.03
CA ARG A 276 -45.45 14.21 -25.95
C ARG A 276 -46.02 12.97 -26.64
N THR A 277 -45.23 12.39 -27.54
CA THR A 277 -45.65 11.20 -28.28
C THR A 277 -44.69 10.04 -28.00
N ASP A 278 -45.01 8.89 -28.63
CA ASP A 278 -44.24 7.66 -28.45
C ASP A 278 -44.15 7.27 -26.98
N LEU A 279 -45.30 7.23 -26.30
CA LEU A 279 -45.37 6.84 -24.90
C LEU A 279 -46.41 5.77 -24.61
N ASP A 280 -47.00 5.14 -25.63
CA ASP A 280 -48.14 4.25 -25.39
C ASP A 280 -47.76 3.06 -24.52
N ARG A 281 -46.57 2.48 -24.74
CA ARG A 281 -46.14 1.35 -23.92
C ARG A 281 -45.83 1.80 -22.50
N SER A 282 -45.13 2.93 -22.37
CA SER A 282 -44.88 3.49 -21.04
C SER A 282 -46.20 3.75 -20.32
N ILE A 283 -47.21 4.23 -21.03
CA ILE A 283 -48.49 4.54 -20.38
C ILE A 283 -49.25 3.27 -20.02
N GLU A 284 -49.14 2.21 -20.83
CA GLU A 284 -49.77 0.95 -20.47
C GLU A 284 -49.13 0.36 -19.21
N LYS A 285 -47.80 0.38 -19.14
CA LYS A 285 -47.14 -0.07 -17.92
C LYS A 285 -47.52 0.80 -16.73
N PHE A 286 -47.70 2.10 -16.97
CA PHE A 286 -48.13 2.99 -15.90
C PHE A 286 -49.51 2.60 -15.39
N SER A 287 -50.43 2.29 -16.30
CA SER A 287 -51.77 1.89 -15.87
C SER A 287 -51.74 0.61 -15.05
N ASP A 288 -50.96 -0.37 -15.51
CA ASP A 288 -50.79 -1.60 -14.75
C ASP A 288 -50.30 -1.30 -13.32
N LEU A 289 -49.21 -0.55 -13.21
CA LEU A 289 -48.65 -0.22 -11.90
C LEU A 289 -49.65 0.56 -11.06
N TRP A 290 -50.39 1.49 -11.68
CA TRP A 290 -51.38 2.28 -10.98
C TRP A 290 -52.41 1.38 -10.30
N LYS A 291 -52.99 0.47 -11.07
CA LYS A 291 -54.00 -0.42 -10.49
C LYS A 291 -53.39 -1.38 -9.47
N ARG A 292 -52.15 -1.85 -9.67
CA ARG A 292 -51.57 -2.78 -8.70
C ARG A 292 -51.27 -2.09 -7.37
N ALA A 293 -50.60 -0.93 -7.42
CA ALA A 293 -50.22 -0.26 -6.19
C ALA A 293 -51.45 0.27 -5.46
N LEU A 294 -52.43 0.77 -6.22
CA LEU A 294 -53.61 1.35 -5.60
C LEU A 294 -54.65 0.29 -5.20
N GLY A 295 -54.38 -1.00 -5.44
CA GLY A 295 -55.31 -2.03 -5.06
C GLY A 295 -56.60 -2.05 -5.83
N LEU A 296 -56.63 -1.48 -7.03
CA LEU A 296 -57.86 -1.44 -7.81
C LEU A 296 -58.12 -2.77 -8.50
N ASP A 297 -59.36 -2.95 -8.93
CA ASP A 297 -59.69 -4.12 -9.74
C ASP A 297 -59.03 -4.00 -11.11
N PRO A 298 -58.42 -5.07 -11.62
CA PRO A 298 -57.72 -4.98 -12.91
C PRO A 298 -58.57 -4.55 -14.09
N ASP A 299 -59.90 -4.58 -13.98
CA ASP A 299 -60.77 -4.08 -15.04
C ASP A 299 -61.38 -2.72 -14.70
N THR A 300 -60.69 -1.91 -13.91
CA THR A 300 -61.18 -0.57 -13.59
C THR A 300 -61.14 0.32 -14.83
N PRO A 301 -62.26 0.88 -15.25
CA PRO A 301 -62.26 1.81 -16.38
C PRO A 301 -61.40 3.02 -16.11
N PRO A 302 -60.53 3.39 -17.05
CA PRO A 302 -59.62 4.54 -16.81
C PRO A 302 -60.34 5.85 -16.59
N GLU A 303 -61.60 5.98 -17.02
CA GLU A 303 -62.34 7.22 -16.81
C GLU A 303 -62.97 7.29 -15.43
N ASP A 304 -62.94 6.19 -14.67
CA ASP A 304 -63.52 6.17 -13.32
C ASP A 304 -62.66 6.99 -12.36
N GLU A 305 -63.32 7.83 -11.57
CA GLU A 305 -62.58 8.52 -10.53
C GLU A 305 -62.34 7.58 -9.36
N LEU A 306 -61.33 7.90 -8.56
CA LEU A 306 -61.08 7.14 -7.36
C LEU A 306 -62.15 7.49 -6.32
N PRO A 307 -62.40 6.59 -5.37
CA PRO A 307 -63.25 6.96 -4.23
C PRO A 307 -62.77 8.24 -3.57
N LYS A 308 -63.71 9.13 -3.29
CA LYS A 308 -63.38 10.49 -2.88
C LYS A 308 -62.63 10.51 -1.56
N VAL A 309 -61.50 11.20 -1.56
CA VAL A 309 -60.73 11.48 -0.35
C VAL A 309 -60.54 12.99 -0.28
N ASP A 310 -60.96 13.60 0.82
CA ASP A 310 -60.92 15.03 1.01
C ASP A 310 -59.77 15.35 1.95
N HIS A 311 -58.69 15.88 1.39
CA HIS A 311 -57.51 16.21 2.17
C HIS A 311 -56.76 17.33 1.47
N LEU A 312 -55.89 18.00 2.24
CA LEU A 312 -55.04 19.04 1.67
C LEU A 312 -54.22 18.51 0.50
N THR A 313 -53.66 17.31 0.63
CA THR A 313 -52.81 16.72 -0.40
C THR A 313 -53.47 15.54 -1.11
N SER A 314 -54.80 15.48 -1.13
CA SER A 314 -55.53 14.47 -1.88
C SER A 314 -55.51 14.80 -3.36
N GLY A 315 -56.10 13.93 -4.18
CA GLY A 315 -56.10 14.13 -5.61
C GLY A 315 -54.79 13.73 -6.25
N ALA A 316 -54.69 14.00 -7.55
CA ALA A 316 -53.52 13.61 -8.32
C ALA A 316 -52.50 14.73 -8.33
N VAL A 317 -51.23 14.36 -8.14
CA VAL A 317 -50.13 15.32 -8.11
C VAL A 317 -49.16 15.01 -9.23
N PHE A 318 -48.60 16.06 -9.84
CA PHE A 318 -47.66 15.94 -10.94
C PHE A 318 -46.57 16.99 -10.75
N ASN A 319 -45.48 16.82 -11.50
CA ASN A 319 -44.53 17.92 -11.66
C ASN A 319 -44.07 17.97 -13.11
N PHE A 320 -43.91 19.20 -13.61
CA PHE A 320 -43.40 19.49 -14.94
C PHE A 320 -41.99 20.03 -14.81
N ASP A 321 -41.09 19.41 -15.56
CA ASP A 321 -39.72 19.94 -15.64
C ASP A 321 -39.67 20.80 -16.89
N VAL A 322 -39.39 22.09 -16.71
CA VAL A 322 -39.42 23.07 -17.83
C VAL A 322 -38.00 23.61 -18.06
N ALA A 323 -37.00 22.83 -17.66
CA ALA A 323 -35.59 23.27 -17.76
C ALA A 323 -35.20 23.54 -19.20
N PRO A 324 -34.65 24.73 -19.53
CA PRO A 324 -34.31 25.14 -20.90
C PRO A 324 -33.61 24.17 -21.87
N LYS A 325 -32.75 23.28 -21.38
CA LYS A 325 -32.05 22.28 -22.22
C LYS A 325 -33.03 21.55 -23.12
N SER A 326 -34.27 21.37 -22.67
CA SER A 326 -35.32 20.68 -23.44
C SER A 326 -36.34 21.68 -23.94
N GLN A 327 -36.88 21.47 -25.14
CA GLN A 327 -37.93 22.36 -25.66
C GLN A 327 -39.27 21.78 -25.29
N ILE A 328 -39.32 20.48 -25.08
CA ILE A 328 -40.58 19.84 -24.63
C ILE A 328 -40.47 19.60 -23.12
N PRO A 329 -41.48 20.00 -22.33
CA PRO A 329 -41.48 19.71 -20.89
C PRO A 329 -41.61 18.22 -20.51
N GLU A 330 -41.14 17.85 -19.31
CA GLU A 330 -41.16 16.44 -18.83
C GLU A 330 -42.12 16.29 -17.65
N VAL A 331 -42.88 15.19 -17.59
CA VAL A 331 -43.93 15.06 -16.58
C VAL A 331 -43.62 13.87 -15.69
N LYS A 332 -43.76 14.08 -14.37
CA LYS A 332 -43.69 13.02 -13.39
C LYS A 332 -44.99 12.98 -12.61
N ALA A 333 -45.61 11.81 -12.51
CA ALA A 333 -46.86 11.66 -11.79
C ALA A 333 -46.59 11.01 -10.44
N TYR A 334 -47.42 11.34 -9.44
CA TYR A 334 -47.25 10.80 -8.10
C TYR A 334 -48.53 10.08 -7.68
N ILE A 335 -48.44 8.76 -7.57
CA ILE A 335 -49.54 7.94 -7.07
C ILE A 335 -49.61 8.18 -5.57
N PRO A 336 -50.70 8.77 -5.05
CA PRO A 336 -50.85 9.07 -3.61
C PRO A 336 -51.27 7.82 -2.85
N VAL A 337 -50.28 6.99 -2.54
CA VAL A 337 -50.54 5.71 -1.88
C VAL A 337 -51.24 5.90 -0.54
N ARG A 338 -50.84 6.93 0.21
CA ARG A 338 -51.37 7.09 1.56
C ARG A 338 -52.87 7.38 1.55
N HIS A 339 -53.39 7.97 0.48
CA HIS A 339 -54.78 8.40 0.42
C HIS A 339 -55.72 7.39 -0.23
N TYR A 340 -55.22 6.58 -1.16
CA TYR A 340 -56.10 5.74 -1.96
C TYR A 340 -55.76 4.26 -1.95
N ALA A 341 -54.61 3.87 -1.42
CA ALA A 341 -54.33 2.45 -1.27
C ALA A 341 -55.03 1.91 -0.04
N ASN A 342 -54.99 0.58 0.11
CA ASN A 342 -55.64 -0.08 1.24
C ASN A 342 -54.74 -0.13 2.47
N ASN A 343 -53.47 -0.49 2.28
CA ASN A 343 -52.49 -0.48 3.36
C ASN A 343 -51.10 -0.48 2.75
N ASP A 344 -50.10 -0.21 3.61
CA ASP A 344 -48.74 -0.07 3.13
C ASP A 344 -48.17 -1.38 2.59
N LEU A 345 -48.51 -2.50 3.22
CA LEU A 345 -48.00 -3.78 2.72
C LEU A 345 -48.57 -4.11 1.35
N GLN A 346 -49.87 -3.86 1.16
CA GLN A 346 -50.50 -4.15 -0.12
C GLN A 346 -49.89 -3.32 -1.23
N ALA A 347 -49.73 -2.02 -1.00
CA ALA A 347 -49.14 -1.14 -2.02
C ALA A 347 -47.68 -1.51 -2.27
N ALA A 348 -46.94 -1.83 -1.20
CA ALA A 348 -45.54 -2.22 -1.37
C ALA A 348 -45.43 -3.46 -2.23
N LEU A 349 -46.30 -4.45 -1.99
CA LEU A 349 -46.25 -5.66 -2.80
C LEU A 349 -46.72 -5.41 -4.22
N GLY A 350 -47.65 -4.49 -4.43
CA GLY A 350 -48.02 -4.15 -5.80
C GLY A 350 -46.87 -3.55 -6.59
N LEU A 351 -46.21 -2.55 -6.01
CA LEU A 351 -45.04 -1.95 -6.64
C LEU A 351 -43.96 -3.00 -6.87
N ILE A 352 -43.75 -3.86 -5.87
CA ILE A 352 -42.68 -4.85 -5.93
C ILE A 352 -43.00 -5.91 -6.98
N GLY A 353 -44.27 -6.32 -7.11
CA GLY A 353 -44.64 -7.27 -8.14
C GLY A 353 -44.48 -6.69 -9.53
N TYR A 354 -44.83 -5.41 -9.69
CA TYR A 354 -44.55 -4.75 -10.96
C TYR A 354 -43.06 -4.82 -11.28
N LEU A 355 -42.21 -4.44 -10.32
CA LEU A 355 -40.77 -4.45 -10.54
C LEU A 355 -40.27 -5.84 -10.87
N GLU A 356 -40.82 -6.87 -10.23
CA GLU A 356 -40.39 -8.23 -10.48
C GLU A 356 -40.82 -8.71 -11.86
N ASP A 357 -42.00 -8.26 -12.33
CA ASP A 357 -42.44 -8.65 -13.66
C ASP A 357 -41.56 -8.07 -14.75
N HIS A 358 -40.88 -6.95 -14.47
CA HIS A 358 -40.04 -6.31 -15.47
C HIS A 358 -38.55 -6.42 -15.16
N GLY A 359 -38.17 -7.30 -14.23
CA GLY A 359 -36.76 -7.55 -13.96
C GLY A 359 -36.01 -6.42 -13.28
N HIS A 360 -36.69 -5.65 -12.43
CA HIS A 360 -36.08 -4.50 -11.77
C HIS A 360 -36.18 -4.58 -10.25
N GLY A 361 -36.41 -5.77 -9.69
CA GLY A 361 -36.68 -5.86 -8.26
C GLY A 361 -35.57 -6.48 -7.44
N GLY A 362 -34.32 -6.22 -7.81
CA GLY A 362 -33.20 -6.76 -7.06
C GLY A 362 -33.13 -6.27 -5.62
N TYR A 363 -33.69 -5.09 -5.35
CA TYR A 363 -33.63 -4.48 -4.03
C TYR A 363 -35.00 -4.38 -3.36
N SER A 364 -35.90 -5.31 -3.71
CA SER A 364 -37.25 -5.26 -3.17
C SER A 364 -37.27 -5.64 -1.69
N GLN A 365 -36.51 -6.64 -1.35
CA GLN A 365 -36.45 -7.15 0.04
C GLN A 365 -35.72 -6.14 0.93
N SER A 366 -34.70 -5.48 0.41
CA SER A 366 -34.07 -4.38 1.13
C SER A 366 -35.07 -3.26 1.37
N TYR A 367 -35.90 -2.96 0.36
CA TYR A 367 -36.95 -1.96 0.51
C TYR A 367 -37.95 -2.38 1.58
N LEU A 368 -38.30 -3.67 1.62
CA LEU A 368 -39.26 -4.14 2.62
C LEU A 368 -38.68 -4.08 4.03
N ARG A 369 -37.39 -4.40 4.17
CA ARG A 369 -36.74 -4.25 5.47
C ARG A 369 -36.68 -2.78 5.89
N GLY A 370 -36.47 -1.88 4.93
CA GLY A 370 -36.54 -0.45 5.24
C GLY A 370 -37.92 -0.04 5.70
N LEU A 371 -38.97 -0.53 5.01
CA LEU A 371 -40.33 -0.23 5.43
C LEU A 371 -40.59 -0.72 6.85
N ASP A 372 -40.22 -1.97 7.12
CA ASP A 372 -40.42 -2.54 8.45
C ASP A 372 -39.64 -1.76 9.50
N MET A 373 -38.48 -1.23 9.13
CA MET A 373 -37.75 -0.34 10.03
C MET A 373 -38.54 0.93 10.30
N LEU A 374 -39.14 1.51 9.25
CA LEU A 374 -39.85 2.78 9.38
C LEU A 374 -41.24 2.62 9.98
N ALA A 375 -41.85 1.45 9.86
CA ALA A 375 -43.27 1.33 10.16
C ALA A 375 -43.51 1.39 11.66
N PRO A 376 -44.55 2.10 12.10
CA PRO A 376 -45.05 1.94 13.47
C PRO A 376 -45.40 0.49 13.73
N SER A 377 -45.00 0.00 14.91
CA SER A 377 -45.08 -1.43 15.21
C SER A 377 -46.45 -1.99 14.92
N GLY A 378 -46.56 -2.75 13.84
CA GLY A 378 -47.80 -3.43 13.51
C GLY A 378 -48.85 -2.62 12.77
N GLN A 379 -48.46 -1.85 11.76
CA GLN A 379 -49.44 -1.08 11.00
C GLN A 379 -49.22 -1.13 9.48
N LEU A 380 -48.26 -1.91 8.98
CA LEU A 380 -48.01 -1.93 7.54
C LEU A 380 -49.20 -2.48 6.77
N ASP A 381 -49.74 -3.62 7.19
CA ASP A 381 -50.87 -4.24 6.51
C ASP A 381 -52.21 -3.73 7.03
N GLN A 382 -52.21 -2.84 8.00
CA GLN A 382 -53.43 -2.33 8.62
C GLN A 382 -53.77 -0.91 8.21
N ALA A 383 -52.79 -0.10 7.85
CA ALA A 383 -53.02 1.30 7.54
C ALA A 383 -52.06 1.74 6.43
N THR A 384 -52.27 2.97 5.96
CA THR A 384 -51.33 3.61 5.06
C THR A 384 -50.54 4.65 5.87
N GLY A 385 -49.69 5.41 5.17
CA GLY A 385 -48.97 6.47 5.84
C GLY A 385 -47.47 6.41 5.70
N VAL A 386 -46.90 5.20 5.68
CA VAL A 386 -45.46 5.07 5.54
C VAL A 386 -45.03 5.49 4.14
N GLN A 387 -45.65 4.92 3.12
CA GLN A 387 -45.38 5.27 1.72
C GLN A 387 -46.31 6.42 1.33
N THR A 388 -45.75 7.60 1.11
CA THR A 388 -46.59 8.74 0.75
C THR A 388 -46.91 8.75 -0.75
N TYR A 389 -45.89 8.55 -1.59
CA TYR A 389 -46.08 8.64 -3.03
C TYR A 389 -45.27 7.56 -3.73
N PHE A 390 -45.79 7.10 -4.86
CA PHE A 390 -45.02 6.37 -5.86
C PHE A 390 -44.89 7.28 -7.08
N ALA A 391 -43.68 7.79 -7.31
CA ALA A 391 -43.44 8.68 -8.44
C ALA A 391 -43.09 7.85 -9.66
N VAL A 392 -43.72 8.20 -10.78
CA VAL A 392 -43.60 7.51 -12.05
C VAL A 392 -43.24 8.52 -13.12
N ALA A 393 -42.21 8.22 -13.89
CA ALA A 393 -41.89 8.97 -15.10
C ALA A 393 -41.80 8.01 -16.27
N CYS A 394 -42.14 8.48 -17.46
CA CYS A 394 -42.15 7.65 -18.65
C CYS A 394 -40.86 7.92 -19.43
N GLN A 395 -39.97 6.94 -19.46
CA GLN A 395 -38.70 7.03 -20.19
C GLN A 395 -38.77 6.07 -21.38
N GLY A 396 -39.22 6.62 -22.51
CA GLY A 396 -39.33 5.81 -23.72
C GLY A 396 -40.40 4.74 -23.57
N GLU A 397 -39.98 3.50 -23.32
CA GLU A 397 -40.88 2.40 -23.08
C GLU A 397 -40.95 1.97 -21.63
N ASP A 398 -40.12 2.53 -20.76
CA ASP A 398 -39.99 2.05 -19.39
C ASP A 398 -40.47 3.10 -18.40
N LEU A 399 -40.50 2.71 -17.13
CA LEU A 399 -40.89 3.60 -16.04
C LEU A 399 -39.70 3.87 -15.13
N SER A 400 -39.58 5.11 -14.71
CA SER A 400 -38.66 5.49 -13.63
C SER A 400 -39.50 5.67 -12.36
N LEU A 401 -39.18 4.90 -11.32
CA LEU A 401 -39.99 4.83 -10.12
C LEU A 401 -39.24 5.32 -8.89
N THR A 402 -39.97 5.98 -8.00
CA THR A 402 -39.42 6.45 -6.73
C THR A 402 -40.46 6.24 -5.65
N SER A 403 -40.05 5.71 -4.50
CA SER A 403 -40.93 5.56 -3.34
C SER A 403 -40.64 6.66 -2.33
N TYR A 404 -41.66 7.36 -1.88
CA TYR A 404 -41.51 8.40 -0.88
C TYR A 404 -42.08 7.90 0.45
N LEU A 405 -41.35 8.15 1.53
CA LEU A 405 -41.54 7.47 2.80
C LEU A 405 -41.65 8.47 3.94
N ASN A 406 -42.68 8.32 4.76
CA ASN A 406 -42.90 9.17 5.93
C ASN A 406 -42.61 8.39 7.21
N PRO A 407 -41.67 8.84 8.04
CA PRO A 407 -41.44 8.13 9.31
C PRO A 407 -42.56 8.28 10.32
N GLN A 408 -43.48 9.23 10.12
CA GLN A 408 -44.67 9.39 10.97
C GLN A 408 -44.29 9.56 12.44
N PHE A 409 -43.56 10.65 12.73
CA PHE A 409 -43.11 10.90 14.09
C PHE A 409 -44.28 11.14 15.03
N TYR A 410 -45.37 11.73 14.52
CA TYR A 410 -46.49 12.15 15.36
C TYR A 410 -47.73 11.29 15.18
N ALA A 411 -48.05 10.90 13.94
CA ALA A 411 -49.16 9.99 13.72
C ALA A 411 -48.89 8.62 14.32
N ALA A 412 -47.63 8.27 14.52
CA ALA A 412 -47.22 6.97 15.05
C ALA A 412 -46.29 7.15 16.24
N PHE A 413 -46.61 8.08 17.14
CA PHE A 413 -45.74 8.37 18.27
C PHE A 413 -45.63 7.17 19.19
N GLN A 414 -44.43 6.60 19.30
CA GLN A 414 -44.19 5.46 20.17
C GLN A 414 -43.97 5.91 21.61
N SER B 11 16.16 -17.49 -13.09
CA SER B 11 17.58 -17.37 -12.71
C SER B 11 18.06 -15.93 -12.89
N VAL B 12 18.78 -15.42 -11.88
CA VAL B 12 19.29 -14.06 -11.95
C VAL B 12 20.29 -13.92 -13.10
N TRP B 13 21.22 -14.87 -13.25
CA TRP B 13 22.21 -14.75 -14.30
C TRP B 13 21.58 -14.86 -15.68
N LYS B 14 20.62 -15.76 -15.86
CA LYS B 14 19.96 -15.87 -17.16
C LYS B 14 19.25 -14.58 -17.52
N THR B 15 18.55 -13.97 -16.55
CA THR B 15 17.88 -12.70 -16.78
C THR B 15 18.87 -11.62 -17.21
N LEU B 16 19.92 -11.42 -16.41
CA LEU B 16 20.89 -10.37 -16.73
C LEU B 16 21.57 -10.62 -18.06
N ASN B 17 22.00 -11.86 -18.32
CA ASN B 17 22.63 -12.19 -19.59
C ASN B 17 21.69 -11.98 -20.75
N LYS B 18 20.38 -12.20 -20.53
CA LYS B 18 19.41 -12.00 -21.60
C LYS B 18 19.19 -10.54 -21.89
N TRP B 19 19.26 -9.67 -20.88
CA TRP B 19 18.88 -8.27 -21.08
C TRP B 19 20.02 -7.26 -21.03
N LEU B 20 21.14 -7.55 -20.36
CA LEU B 20 22.21 -6.57 -20.31
C LEU B 20 22.83 -6.41 -21.70
N PRO B 21 23.36 -5.23 -22.00
CA PRO B 21 24.02 -5.03 -23.30
C PRO B 21 25.18 -5.99 -23.44
N PRO B 22 25.39 -6.54 -24.64
CA PRO B 22 26.43 -7.55 -24.82
C PRO B 22 27.83 -6.99 -24.68
N LEU B 23 28.76 -7.90 -24.42
CA LEU B 23 30.16 -7.58 -24.22
C LEU B 23 30.98 -8.23 -25.34
N SER B 24 32.21 -7.77 -25.49
CA SER B 24 33.13 -8.37 -26.45
C SER B 24 33.35 -9.85 -26.11
N ARG B 25 34.03 -10.56 -27.04
CA ARG B 25 34.14 -12.00 -26.95
C ARG B 25 34.75 -12.47 -25.63
N ASP B 26 35.95 -11.98 -25.28
CA ASP B 26 36.61 -12.44 -24.06
C ASP B 26 35.83 -12.01 -22.81
N LYS B 27 35.37 -10.76 -22.76
CA LYS B 27 34.59 -10.32 -21.61
C LYS B 27 33.32 -11.14 -21.48
N ASP B 28 32.71 -11.50 -22.62
CA ASP B 28 31.51 -12.33 -22.58
C ASP B 28 31.82 -13.74 -22.11
N TRP B 29 32.98 -14.27 -22.47
CA TRP B 29 33.38 -15.58 -21.97
C TRP B 29 33.55 -15.54 -20.45
N TRP B 30 34.25 -14.52 -19.95
CA TRP B 30 34.40 -14.38 -18.51
C TRP B 30 33.04 -14.21 -17.84
N TRP B 31 32.14 -13.46 -18.47
CA TRP B 31 30.79 -13.29 -17.95
C TRP B 31 30.07 -14.63 -17.84
N LYS B 32 29.99 -15.36 -18.95
CA LYS B 32 29.25 -16.61 -18.99
C LYS B 32 29.96 -17.74 -18.25
N THR B 33 31.19 -17.54 -17.80
CA THR B 33 31.86 -18.52 -16.94
C THR B 33 31.75 -18.17 -15.46
N LEU B 34 32.10 -16.94 -15.07
CA LEU B 34 32.06 -16.56 -13.66
C LEU B 34 30.64 -16.36 -13.15
N GLY B 35 29.78 -15.71 -13.95
CA GLY B 35 28.44 -15.41 -13.55
C GLY B 35 27.64 -16.60 -13.05
N PRO B 36 27.57 -17.68 -13.84
CA PRO B 36 26.87 -18.88 -13.35
C PRO B 36 27.49 -19.43 -12.07
N GLN B 37 28.81 -19.38 -11.92
CA GLN B 37 29.44 -19.89 -10.72
C GLN B 37 29.04 -19.08 -9.49
N ILE B 38 29.23 -17.75 -9.55
CA ILE B 38 28.87 -16.90 -8.42
C ILE B 38 27.38 -17.00 -8.13
N ASN B 39 26.56 -17.05 -9.18
CA ASN B 39 25.11 -17.12 -9.01
C ASN B 39 24.72 -18.42 -8.31
N THR B 40 25.32 -19.55 -8.71
CA THR B 40 25.04 -20.82 -8.06
C THR B 40 25.49 -20.81 -6.61
N LEU B 41 26.68 -20.27 -6.34
CA LEU B 41 27.16 -20.22 -4.96
C LEU B 41 26.23 -19.38 -4.08
N LEU B 42 25.78 -18.23 -4.58
CA LEU B 42 24.89 -17.40 -3.79
C LEU B 42 23.52 -18.04 -3.62
N THR B 43 23.01 -18.71 -4.67
CA THR B 43 21.70 -19.35 -4.58
C THR B 43 21.72 -20.51 -3.59
N GLU B 44 22.75 -21.35 -3.65
CA GLU B 44 22.86 -22.45 -2.70
C GLU B 44 23.04 -21.96 -1.27
N ALA B 45 23.61 -20.76 -1.09
CA ALA B 45 23.80 -20.17 0.22
C ALA B 45 22.60 -19.34 0.67
N ASP B 46 21.49 -19.38 -0.09
CA ASP B 46 20.23 -18.74 0.28
C ASP B 46 20.34 -17.21 0.38
N TYR B 47 21.13 -16.61 -0.51
CA TYR B 47 21.16 -15.16 -0.62
C TYR B 47 19.85 -14.67 -1.22
N ASP B 48 19.37 -13.52 -0.72
CA ASP B 48 18.15 -12.95 -1.26
C ASP B 48 18.38 -12.50 -2.71
N LEU B 49 17.28 -12.42 -3.45
CA LEU B 49 17.37 -12.14 -4.88
C LEU B 49 18.06 -10.82 -5.17
N ASN B 50 17.76 -9.80 -4.36
CA ASN B 50 18.34 -8.48 -4.60
C ASN B 50 19.85 -8.52 -4.52
N GLU B 51 20.40 -9.30 -3.60
CA GLU B 51 21.85 -9.35 -3.46
C GLU B 51 22.50 -10.19 -4.55
N ARG B 52 21.81 -11.21 -5.06
CA ARG B 52 22.32 -11.91 -6.23
C ARG B 52 22.38 -10.98 -7.43
N TYR B 53 21.33 -10.18 -7.64
CA TYR B 53 21.37 -9.18 -8.71
C TYR B 53 22.52 -8.20 -8.50
N GLU B 54 22.68 -7.72 -7.26
CA GLU B 54 23.76 -6.78 -6.95
C GLU B 54 25.13 -7.39 -7.26
N ALA B 55 25.35 -8.63 -6.83
CA ALA B 55 26.63 -9.29 -7.04
C ALA B 55 26.91 -9.50 -8.53
N LEU B 56 25.93 -9.97 -9.28
CA LEU B 56 26.17 -10.22 -10.70
C LEU B 56 26.32 -8.93 -11.48
N LEU B 57 25.65 -7.86 -11.05
CA LEU B 57 25.84 -6.56 -11.70
C LEU B 57 27.25 -6.05 -11.44
N LEU B 58 27.73 -6.17 -10.19
CA LEU B 58 29.12 -5.83 -9.90
C LEU B 58 30.08 -6.62 -10.79
N LEU B 59 29.88 -7.93 -10.85
CA LEU B 59 30.73 -8.78 -11.68
C LEU B 59 30.72 -8.30 -13.13
N TYR B 60 29.54 -8.04 -13.68
CA TYR B 60 29.41 -7.62 -15.06
C TYR B 60 30.08 -6.27 -15.32
N ARG B 61 29.99 -5.36 -14.36
CA ARG B 61 30.44 -4.01 -14.63
C ARG B 61 31.93 -3.83 -14.37
N TRP B 62 32.44 -4.31 -13.23
CA TRP B 62 33.76 -3.95 -12.77
C TRP B 62 34.79 -5.08 -12.78
N VAL B 63 34.38 -6.34 -12.84
CA VAL B 63 35.35 -7.43 -12.73
C VAL B 63 35.65 -8.07 -14.08
N VAL B 64 34.62 -8.54 -14.79
CA VAL B 64 34.86 -9.22 -16.06
C VAL B 64 35.61 -8.37 -17.08
N PRO B 65 35.39 -7.06 -17.22
CA PRO B 65 36.16 -6.31 -18.22
C PRO B 65 37.66 -6.31 -17.97
N GLU B 66 38.10 -6.66 -16.76
CA GLU B 66 39.51 -6.57 -16.41
C GLU B 66 40.13 -7.94 -16.16
N MET B 67 39.51 -9.01 -16.65
CA MET B 67 40.00 -10.36 -16.48
C MET B 67 40.98 -10.77 -17.57
N GLY B 68 41.14 -9.94 -18.59
CA GLY B 68 42.08 -10.20 -19.65
C GLY B 68 41.60 -11.24 -20.64
N PRO B 69 42.52 -11.84 -21.45
CA PRO B 69 42.11 -12.83 -22.42
C PRO B 69 41.60 -14.14 -21.82
N ARG B 70 40.79 -14.85 -22.57
CA ARG B 70 40.20 -16.13 -22.13
C ARG B 70 41.27 -17.19 -22.14
N PRO B 71 41.29 -18.07 -21.12
CA PRO B 71 42.24 -19.17 -21.10
C PRO B 71 42.19 -20.02 -22.38
N SER B 87 44.91 -19.57 -11.82
CA SER B 87 43.55 -19.10 -12.03
C SER B 87 43.40 -17.76 -11.31
N PRO B 88 42.87 -16.72 -11.97
CA PRO B 88 42.86 -15.39 -11.35
C PRO B 88 41.68 -15.11 -10.44
N ILE B 89 40.89 -16.12 -10.06
CA ILE B 89 39.77 -15.94 -9.15
C ILE B 89 39.72 -17.14 -8.22
N GLU B 90 39.42 -16.89 -6.95
CA GLU B 90 39.29 -17.95 -5.97
C GLU B 90 38.09 -17.66 -5.09
N TYR B 91 37.13 -18.58 -5.07
CA TYR B 91 35.95 -18.43 -4.24
C TYR B 91 36.23 -18.94 -2.84
N SER B 92 35.39 -18.55 -1.89
CA SER B 92 35.49 -19.06 -0.54
C SER B 92 34.10 -19.06 0.09
N TRP B 93 33.88 -20.08 0.91
CA TRP B 93 32.59 -20.47 1.47
C TRP B 93 32.81 -20.58 2.97
N LYS B 94 32.38 -19.58 3.72
CA LYS B 94 32.56 -19.57 5.17
C LYS B 94 31.36 -20.23 5.82
N TRP B 95 31.62 -21.28 6.60
CA TRP B 95 30.58 -21.97 7.32
C TRP B 95 30.26 -21.19 8.58
N ILE B 96 29.04 -20.72 8.69
CA ILE B 96 28.61 -19.93 9.83
C ILE B 96 28.01 -20.86 10.86
N SER B 97 28.28 -20.58 12.13
CA SER B 97 27.77 -21.41 13.21
C SER B 97 26.26 -21.34 13.28
N GLY B 98 25.68 -22.31 13.99
CA GLY B 98 24.25 -22.33 14.21
C GLY B 98 23.43 -22.61 12.97
N ASN B 99 24.01 -23.30 11.99
CA ASN B 99 23.31 -23.67 10.76
C ASN B 99 22.77 -22.45 10.02
N LYS B 100 23.45 -21.32 10.13
CA LYS B 100 23.05 -20.12 9.41
C LYS B 100 23.63 -20.14 8.00
N LYS B 101 23.23 -19.15 7.21
CA LYS B 101 23.62 -19.13 5.81
C LYS B 101 25.13 -18.94 5.69
N PRO B 102 25.82 -19.72 4.87
CA PRO B 102 27.26 -19.51 4.67
C PRO B 102 27.50 -18.17 4.00
N GLU B 103 28.73 -17.69 4.14
CA GLU B 103 29.13 -16.42 3.54
C GLU B 103 29.99 -16.69 2.31
N ILE B 104 29.65 -16.03 1.20
CA ILE B 104 30.37 -16.22 -0.05
C ILE B 104 31.31 -15.04 -0.25
N ARG B 105 32.57 -15.34 -0.59
CA ARG B 105 33.55 -14.33 -0.91
C ARG B 105 34.29 -14.81 -2.15
N TYR B 106 34.91 -13.87 -2.85
CA TYR B 106 35.84 -14.28 -3.90
C TYR B 106 36.94 -13.25 -4.03
N ALA B 107 38.16 -13.75 -4.20
CA ALA B 107 39.34 -12.94 -4.43
C ALA B 107 39.64 -12.94 -5.91
N VAL B 108 40.06 -11.78 -6.41
CA VAL B 108 40.34 -11.61 -7.82
C VAL B 108 41.63 -10.80 -7.96
N GLU B 109 42.43 -11.18 -8.95
CA GLU B 109 43.59 -10.44 -9.41
C GLU B 109 43.28 -10.00 -10.83
N LEU B 110 42.84 -8.75 -10.97
CA LEU B 110 42.61 -8.22 -12.31
C LEU B 110 43.94 -8.01 -13.01
N VAL B 111 43.85 -7.93 -14.34
CA VAL B 111 45.08 -7.81 -15.17
C VAL B 111 44.92 -6.74 -16.24
N SER B 112 46.02 -6.37 -16.90
CA SER B 112 46.06 -5.33 -17.96
C SER B 112 47.11 -5.73 -18.98
N PRO B 113 47.06 -5.21 -20.22
CA PRO B 113 48.13 -5.44 -21.15
C PRO B 113 49.46 -4.83 -20.66
N LEU B 114 49.44 -3.94 -19.67
CA LEU B 114 50.66 -3.33 -19.14
C LEU B 114 51.29 -4.16 -18.04
N ALA B 115 50.69 -5.29 -17.65
CA ALA B 115 51.22 -6.11 -16.58
C ALA B 115 52.61 -6.63 -16.92
N GLY B 116 53.59 -6.32 -16.07
CA GLY B 116 54.97 -6.69 -16.28
C GLY B 116 55.81 -5.64 -16.96
N SER B 117 55.20 -4.73 -17.72
CA SER B 117 55.92 -3.67 -18.40
C SER B 117 56.49 -2.67 -17.39
N LYS B 118 57.26 -1.71 -17.92
CA LYS B 118 57.76 -0.61 -17.09
C LYS B 118 56.62 0.21 -16.48
N GLN B 119 55.44 0.22 -17.12
CA GLN B 119 54.34 1.04 -16.64
C GLN B 119 53.54 0.37 -15.52
N ASP B 120 53.67 -0.93 -15.34
CA ASP B 120 53.00 -1.63 -14.26
C ASP B 120 53.68 -2.97 -14.04
N PRO B 121 54.90 -2.98 -13.49
CA PRO B 121 55.66 -4.23 -13.39
C PRO B 121 55.04 -5.24 -12.43
N PHE B 122 54.13 -4.83 -11.54
CA PHE B 122 53.57 -5.73 -10.55
C PHE B 122 52.06 -5.84 -10.65
N ASN B 123 51.46 -5.40 -11.76
CA ASN B 123 50.03 -5.53 -12.02
C ASN B 123 49.23 -4.93 -10.86
N GLN B 124 49.40 -3.61 -10.68
CA GLN B 124 48.81 -2.91 -9.54
C GLN B 124 47.66 -1.99 -9.94
N ILE B 125 47.65 -1.46 -11.15
CA ILE B 125 46.65 -0.47 -11.56
C ILE B 125 45.25 -1.06 -11.60
N PRO B 126 45.02 -2.28 -12.13
CA PRO B 126 43.65 -2.79 -12.16
C PRO B 126 43.01 -2.95 -10.78
N THR B 127 43.74 -3.46 -9.78
CA THR B 127 43.18 -3.60 -8.44
C THR B 127 42.90 -2.25 -7.81
N ARG B 128 43.82 -1.30 -7.95
CA ARG B 128 43.58 0.07 -7.49
C ARG B 128 42.31 0.64 -8.11
N ASN B 129 42.16 0.52 -9.44
CA ASN B 129 40.98 1.03 -10.11
C ASN B 129 39.71 0.37 -9.60
N LEU B 130 39.74 -0.96 -9.44
CA LEU B 130 38.57 -1.67 -8.94
C LEU B 130 38.17 -1.17 -7.57
N VAL B 131 39.13 -0.99 -6.67
CA VAL B 131 38.86 -0.48 -5.29
C VAL B 131 38.21 0.90 -5.35
N TYR B 132 38.69 1.79 -6.21
CA TYR B 132 38.11 3.14 -6.34
C TYR B 132 36.72 3.09 -6.98
N ASN B 133 36.53 2.25 -7.97
CA ASN B 133 35.20 2.08 -8.61
C ASN B 133 34.18 1.57 -7.58
N LEU B 134 34.56 0.67 -6.68
CA LEU B 134 33.67 0.18 -5.63
C LEU B 134 33.48 1.23 -4.54
N ALA B 135 34.54 1.96 -4.21
CA ALA B 135 34.43 3.02 -3.20
C ALA B 135 33.46 4.10 -3.67
N LYS B 136 33.46 4.40 -4.97
CA LYS B 136 32.48 5.34 -5.50
C LYS B 136 31.07 4.79 -5.36
N ILE B 137 30.87 3.50 -5.64
CA ILE B 137 29.52 2.98 -5.56
C ILE B 137 29.14 2.69 -4.11
N ILE B 138 30.05 2.19 -3.30
CA ILE B 138 29.77 1.93 -1.86
C ILE B 138 30.58 2.94 -1.02
N PRO B 139 29.99 4.11 -0.65
CA PRO B 139 30.71 5.15 0.10
C PRO B 139 30.99 4.74 1.55
N GLU B 140 30.44 3.62 2.00
CA GLU B 140 30.66 3.08 3.36
C GLU B 140 32.05 2.45 3.41
N LEU B 141 32.69 2.24 2.26
CA LEU B 141 34.05 1.73 2.24
C LEU B 141 35.01 2.81 2.71
N ASP B 142 35.97 2.41 3.56
CA ASP B 142 36.97 3.32 4.10
C ASP B 142 38.32 2.96 3.50
N LEU B 143 38.99 3.98 2.95
CA LEU B 143 40.25 3.74 2.21
C LEU B 143 41.46 4.28 2.96
N THR B 144 41.31 4.65 4.23
CA THR B 144 42.41 5.24 5.05
C THR B 144 43.59 4.26 5.09
N TRP B 145 43.34 3.06 5.61
CA TRP B 145 44.43 2.06 5.74
C TRP B 145 44.81 1.55 4.37
N PHE B 146 43.85 1.48 3.44
CA PHE B 146 44.22 1.11 2.07
C PHE B 146 45.33 2.03 1.56
N GLU B 147 45.13 3.34 1.65
CA GLU B 147 46.14 4.27 1.15
C GLU B 147 47.43 4.18 1.96
N HIS B 148 47.31 4.05 3.29
CA HIS B 148 48.52 3.95 4.12
C HIS B 148 49.37 2.74 3.73
N PHE B 149 48.76 1.55 3.75
CA PHE B 149 49.53 0.34 3.48
C PHE B 149 49.96 0.25 2.02
N TRP B 150 49.15 0.78 1.10
CA TRP B 150 49.59 0.84 -0.29
C TRP B 150 50.84 1.69 -0.42
N HIS B 151 50.84 2.89 0.16
CA HIS B 151 52.03 3.73 0.03
C HIS B 151 53.24 3.09 0.70
N GLU B 152 53.04 2.45 1.86
CA GLU B 152 54.20 1.94 2.60
C GLU B 152 54.77 0.66 1.97
N LEU B 153 53.93 -0.20 1.39
CA LEU B 153 54.40 -1.49 0.91
C LEU B 153 54.56 -1.56 -0.60
N LEU B 154 53.86 -0.69 -1.33
CA LEU B 154 53.91 -0.66 -2.78
C LEU B 154 54.26 0.69 -3.36
N GLY B 155 54.29 1.71 -2.52
CA GLY B 155 54.49 3.06 -3.02
C GLY B 155 55.88 3.37 -3.53
N PRO B 156 56.13 4.64 -3.86
CA PRO B 156 57.41 5.03 -4.46
C PRO B 156 58.64 4.78 -3.58
N GLY B 157 58.53 4.97 -2.28
CA GLY B 157 59.66 4.66 -1.40
C GLY B 157 59.89 3.19 -1.20
N SER B 158 58.83 2.38 -1.31
CA SER B 158 58.98 0.97 -1.03
C SER B 158 59.99 0.31 -1.98
N PRO B 159 60.60 -0.81 -1.55
CA PRO B 159 61.43 -1.66 -2.42
C PRO B 159 60.59 -2.38 -3.49
N SER B 171 52.66 -11.31 -8.32
CA SER B 171 52.00 -10.01 -8.27
C SER B 171 52.12 -9.51 -6.83
N THR B 172 51.73 -8.25 -6.62
CA THR B 172 51.90 -7.62 -5.32
C THR B 172 50.62 -7.22 -4.61
N VAL B 173 49.45 -7.28 -5.26
CA VAL B 173 48.22 -6.86 -4.61
C VAL B 173 47.05 -7.53 -5.32
N PHE B 174 46.01 -7.86 -4.55
CA PHE B 174 44.75 -8.26 -5.15
C PHE B 174 43.61 -7.97 -4.17
N ALA B 175 42.38 -8.14 -4.65
CA ALA B 175 41.24 -7.71 -3.84
C ALA B 175 40.28 -8.87 -3.64
N ALA B 176 39.39 -8.72 -2.67
CA ALA B 176 38.39 -9.74 -2.38
C ALA B 176 37.08 -9.07 -2.02
N LEU B 177 36.00 -9.61 -2.58
CA LEU B 177 34.64 -9.15 -2.30
C LEU B 177 33.96 -10.17 -1.40
N GLU B 178 33.38 -9.68 -0.31
CA GLU B 178 32.63 -10.50 0.64
C GLU B 178 31.17 -10.07 0.59
N MET B 179 30.29 -10.98 0.15
CA MET B 179 28.85 -10.75 0.18
C MET B 179 28.36 -11.16 1.55
N LEU B 180 28.21 -10.18 2.45
CA LEU B 180 27.95 -10.44 3.87
C LEU B 180 26.47 -10.38 4.24
N HIS B 181 25.57 -10.76 3.33
CA HIS B 181 24.14 -10.79 3.61
C HIS B 181 23.63 -9.45 4.12
N GLY B 182 23.29 -8.53 3.21
CA GLY B 182 22.78 -7.22 3.55
C GLY B 182 23.71 -6.09 3.18
N HIS B 183 25.01 -6.35 3.13
CA HIS B 183 25.98 -5.35 2.70
C HIS B 183 27.20 -6.05 2.15
N LEU B 184 27.96 -5.32 1.34
CA LEU B 184 29.14 -5.83 0.67
C LEU B 184 30.39 -5.24 1.32
N SER B 185 31.38 -6.08 1.58
CA SER B 185 32.65 -5.63 2.12
C SER B 185 33.78 -5.95 1.16
N VAL B 186 34.82 -5.13 1.18
CA VAL B 186 36.01 -5.34 0.36
C VAL B 186 37.21 -5.51 1.27
N LYS B 187 38.05 -6.49 0.94
CA LYS B 187 39.30 -6.75 1.63
C LYS B 187 40.42 -6.64 0.61
N VAL B 188 41.59 -6.21 1.07
CA VAL B 188 42.73 -6.00 0.18
C VAL B 188 43.93 -6.77 0.72
N TYR B 189 44.63 -7.45 -0.19
CA TYR B 189 45.80 -8.25 0.15
C TYR B 189 47.03 -7.65 -0.52
N PHE B 190 48.03 -7.32 0.30
CA PHE B 190 49.32 -6.80 -0.12
C PHE B 190 50.37 -7.88 0.05
N ILE B 191 51.15 -8.14 -0.98
CA ILE B 191 52.26 -9.08 -0.93
C ILE B 191 53.54 -8.32 -1.23
N PRO B 192 54.27 -7.88 -0.20
CA PRO B 192 55.44 -7.03 -0.43
C PRO B 192 56.51 -7.76 -1.21
N VAL B 193 57.28 -6.99 -1.97
CA VAL B 193 58.42 -7.55 -2.68
C VAL B 193 59.61 -7.63 -1.73
N GLU B 194 60.22 -8.80 -1.65
CA GLU B 194 61.28 -9.05 -0.71
C GLU B 194 62.63 -8.73 -1.33
N THR B 195 63.53 -8.19 -0.52
CA THR B 195 64.89 -7.89 -0.91
C THR B 195 65.84 -8.55 0.10
N PRO B 196 67.09 -8.78 -0.29
CA PRO B 196 68.05 -9.35 0.67
C PRO B 196 68.17 -8.53 1.95
N ASP B 197 67.85 -7.23 1.87
CA ASP B 197 67.92 -6.31 3.00
C ASP B 197 66.58 -6.12 3.71
N PHE B 198 65.46 -6.37 3.04
CA PHE B 198 64.12 -6.11 3.57
C PHE B 198 63.22 -7.32 3.35
N SER B 199 63.10 -8.18 4.36
CA SER B 199 62.13 -9.27 4.28
C SER B 199 60.71 -8.70 4.32
N ALA B 200 59.76 -9.51 3.83
CA ALA B 200 58.36 -9.13 3.86
C ALA B 200 57.88 -8.84 5.28
N TRP B 201 58.35 -9.63 6.25
CA TRP B 201 57.91 -9.46 7.63
C TRP B 201 58.31 -8.09 8.19
N HIS B 202 59.53 -7.63 7.88
CA HIS B 202 59.96 -6.32 8.36
C HIS B 202 59.10 -5.19 7.77
N GLN B 203 58.85 -5.25 6.46
CA GLN B 203 58.05 -4.22 5.82
C GLN B 203 56.64 -4.19 6.41
N ILE B 204 56.03 -5.36 6.60
CA ILE B 204 54.69 -5.42 7.17
C ILE B 204 54.69 -4.88 8.60
N LYS B 205 55.72 -5.24 9.38
CA LYS B 205 55.83 -4.80 10.77
C LYS B 205 55.94 -3.29 10.86
N HIS B 206 56.81 -2.68 10.03
CA HIS B 206 56.95 -1.24 10.07
C HIS B 206 55.69 -0.54 9.55
N ALA B 207 55.03 -1.13 8.55
CA ALA B 207 53.79 -0.54 8.07
C ALA B 207 52.75 -0.51 9.18
N ILE B 208 52.62 -1.61 9.93
CA ILE B 208 51.67 -1.62 11.03
C ILE B 208 52.09 -0.66 12.13
N GLU B 209 53.40 -0.52 12.36
CA GLU B 209 53.86 0.41 13.37
C GLU B 209 53.56 1.86 12.99
N ALA B 210 53.59 2.17 11.70
CA ALA B 210 53.19 3.49 11.22
C ALA B 210 51.69 3.60 10.94
N SER B 211 50.94 2.51 11.13
CA SER B 211 49.52 2.52 10.81
C SER B 211 48.73 3.42 11.77
N GLY B 212 49.23 3.65 12.97
CA GLY B 212 48.51 4.44 13.94
C GLY B 212 47.59 3.67 14.86
N CYS B 213 47.85 2.39 15.10
CA CYS B 213 47.04 1.67 16.07
C CYS B 213 47.45 2.06 17.48
N PRO B 214 46.52 2.05 18.43
CA PRO B 214 46.85 2.48 19.79
C PRO B 214 47.53 1.40 20.62
N ASN B 215 47.23 0.14 20.35
CA ASN B 215 47.76 -0.99 21.13
C ASN B 215 48.35 -2.03 20.20
N LEU B 216 49.68 -2.04 20.06
CA LEU B 216 50.40 -3.01 19.24
C LEU B 216 50.92 -4.17 20.06
N GLU B 217 50.16 -4.61 21.07
CA GLU B 217 50.61 -5.70 21.92
C GLU B 217 50.56 -7.03 21.17
N ALA B 218 49.53 -7.24 20.34
CA ALA B 218 49.40 -8.48 19.60
C ALA B 218 50.49 -8.61 18.54
N LEU B 219 50.83 -7.50 17.87
CA LEU B 219 51.93 -7.52 16.92
C LEU B 219 53.24 -7.89 17.61
N ASN B 220 53.45 -7.39 18.82
CA ASN B 220 54.67 -7.72 19.55
C ASN B 220 54.68 -9.18 20.00
N HIS B 221 53.51 -9.72 20.38
CA HIS B 221 53.42 -11.14 20.67
C HIS B 221 53.80 -11.97 19.44
N VAL B 222 53.27 -11.59 18.28
CA VAL B 222 53.58 -12.32 17.05
C VAL B 222 55.07 -12.19 16.72
N ASP B 223 55.65 -11.02 16.96
CA ASP B 223 57.07 -10.83 16.70
C ASP B 223 57.92 -11.73 17.59
N ALA B 224 57.57 -11.80 18.87
CA ALA B 224 58.29 -12.67 19.79
C ALA B 224 58.15 -14.13 19.38
N TYR B 225 56.95 -14.53 18.97
CA TYR B 225 56.75 -15.91 18.54
C TYR B 225 57.56 -16.23 17.28
N LEU B 226 57.60 -15.30 16.33
CA LEU B 226 58.29 -15.57 15.07
C LEU B 226 59.81 -15.60 15.24
N SER B 227 60.34 -14.75 16.12
CA SER B 227 61.79 -14.66 16.22
C SER B 227 62.38 -15.55 17.32
N SER B 228 61.68 -15.69 18.45
CA SER B 228 62.24 -16.34 19.63
C SER B 228 61.73 -17.75 19.85
N HIS B 229 60.50 -18.05 19.45
CA HIS B 229 59.97 -19.39 19.64
C HIS B 229 60.57 -20.34 18.60
N ASP B 230 60.68 -21.61 18.97
CA ASP B 230 61.32 -22.58 18.10
C ASP B 230 60.49 -22.86 16.86
N ASP B 231 59.18 -23.02 17.03
CA ASP B 231 58.30 -23.30 15.90
C ASP B 231 57.95 -22.06 15.11
N GLY B 232 57.89 -20.89 15.77
CA GLY B 232 57.64 -19.66 15.05
C GLY B 232 58.77 -19.29 14.10
N ARG B 233 59.99 -19.75 14.38
CA ARG B 233 61.13 -19.51 13.51
C ARG B 233 61.00 -20.23 12.17
N GLN B 234 60.07 -21.16 12.05
CA GLN B 234 59.86 -21.92 10.82
C GLN B 234 58.77 -21.32 9.94
N LEU B 235 58.18 -20.20 10.35
CA LEU B 235 57.13 -19.54 9.61
C LEU B 235 57.69 -18.37 8.82
N ARG B 236 57.27 -18.24 7.56
CA ARG B 236 57.75 -17.19 6.68
C ARG B 236 56.61 -16.22 6.36
N PRO B 237 56.54 -15.03 7.01
CA PRO B 237 55.56 -14.03 6.62
C PRO B 237 55.69 -13.54 5.18
N PHE B 238 54.56 -13.32 4.49
CA PHE B 238 54.58 -12.97 3.06
C PHE B 238 53.45 -12.04 2.65
N MET B 239 52.39 -11.94 3.44
CA MET B 239 51.21 -11.18 2.97
C MET B 239 50.47 -10.52 4.13
N LEU B 240 49.92 -9.36 3.85
CA LEU B 240 49.10 -8.63 4.80
C LEU B 240 47.74 -8.36 4.20
N ALA B 241 46.67 -8.63 4.96
CA ALA B 241 45.32 -8.41 4.51
C ALA B 241 44.62 -7.43 5.45
N ILE B 242 43.85 -6.52 4.86
CA ILE B 242 43.07 -5.54 5.62
C ILE B 242 41.65 -5.51 5.09
N ASP B 243 40.73 -5.02 5.94
CA ASP B 243 39.35 -4.75 5.56
C ASP B 243 39.18 -3.27 5.25
N LEU B 244 38.39 -2.98 4.21
CA LEU B 244 38.14 -1.59 3.82
C LEU B 244 36.97 -1.02 4.62
N VAL B 245 37.13 -1.06 5.94
CA VAL B 245 36.18 -0.45 6.86
C VAL B 245 36.95 0.56 7.70
N GLU B 246 36.28 1.16 8.69
CA GLU B 246 36.95 2.10 9.56
C GLU B 246 38.18 1.42 10.17
N PRO B 247 39.34 2.09 10.19
CA PRO B 247 40.56 1.41 10.65
C PRO B 247 40.43 0.83 12.05
N ALA B 248 39.56 1.38 12.88
CA ALA B 248 39.31 0.80 14.19
C ALA B 248 38.58 -0.53 14.11
N ALA B 249 37.88 -0.80 13.01
CA ALA B 249 37.11 -2.03 12.85
C ALA B 249 37.74 -3.04 11.90
N SER B 250 38.87 -2.72 11.28
CA SER B 250 39.48 -3.63 10.32
C SER B 250 40.36 -4.67 11.03
N ARG B 251 40.44 -5.85 10.42
CA ARG B 251 41.43 -6.80 10.90
C ARG B 251 42.76 -6.53 10.23
N LEU B 252 43.83 -7.07 10.82
CA LEU B 252 45.19 -6.97 10.29
C LEU B 252 45.74 -8.39 10.24
N LYS B 253 45.60 -9.06 9.10
CA LYS B 253 45.94 -10.46 8.98
C LYS B 253 47.31 -10.60 8.32
N ILE B 254 48.28 -11.10 9.07
CA ILE B 254 49.63 -11.36 8.56
C ILE B 254 49.72 -12.84 8.24
N TYR B 255 49.91 -13.16 6.97
CA TYR B 255 50.00 -14.54 6.51
C TYR B 255 51.45 -15.01 6.54
N ALA B 256 51.65 -16.26 6.93
CA ALA B 256 52.96 -16.87 7.09
C ALA B 256 52.91 -18.29 6.55
N ARG B 257 53.99 -18.69 5.89
CA ARG B 257 54.07 -19.97 5.19
C ARG B 257 55.06 -20.88 5.92
N SER B 258 54.81 -22.18 5.86
CA SER B 258 55.70 -23.15 6.47
C SER B 258 55.76 -24.41 5.62
N ASN B 259 56.93 -25.04 5.63
CA ASN B 259 57.09 -26.37 5.06
C ASN B 259 56.62 -27.45 6.02
N GLN B 260 56.35 -27.11 7.27
CA GLN B 260 55.91 -28.08 8.24
C GLN B 260 54.43 -28.42 8.08
N THR B 261 54.10 -29.68 8.36
CA THR B 261 52.78 -30.24 8.12
C THR B 261 52.32 -31.20 9.21
N SER B 262 53.17 -31.50 10.21
CA SER B 262 52.71 -32.29 11.33
C SER B 262 51.59 -31.56 12.07
N PHE B 263 50.68 -32.33 12.66
CA PHE B 263 49.61 -31.70 13.42
C PHE B 263 50.11 -31.08 14.72
N ARG B 264 51.22 -31.59 15.26
CA ARG B 264 51.80 -30.99 16.46
C ARG B 264 52.17 -29.53 16.22
N PHE B 265 52.83 -29.25 15.09
CA PHE B 265 53.18 -27.86 14.78
C PHE B 265 51.96 -27.00 14.54
N VAL B 266 50.96 -27.53 13.82
CA VAL B 266 49.75 -26.76 13.57
C VAL B 266 49.10 -26.40 14.91
N ARG B 267 49.04 -27.36 15.82
CA ARG B 267 48.49 -27.11 17.15
C ARG B 267 49.32 -26.08 17.91
N ASP B 268 50.64 -26.13 17.76
CA ASP B 268 51.49 -25.17 18.46
C ASP B 268 51.32 -23.75 17.92
N VAL B 269 51.16 -23.63 16.60
CA VAL B 269 50.95 -22.31 16.01
C VAL B 269 49.60 -21.75 16.39
N MET B 270 48.57 -22.61 16.43
CA MET B 270 47.26 -22.15 16.85
C MET B 270 47.30 -21.62 18.27
N THR B 271 48.16 -22.18 19.11
CA THR B 271 48.35 -21.73 20.48
C THR B 271 49.40 -20.63 20.63
N ILE B 272 50.16 -20.35 19.57
CA ILE B 272 51.26 -19.38 19.61
C ILE B 272 52.23 -19.81 20.70
N GLY B 273 52.63 -21.07 20.68
CA GLY B 273 53.55 -21.56 21.69
C GLY B 273 52.98 -21.59 23.09
N GLY B 274 51.66 -21.75 23.22
CA GLY B 274 51.01 -21.79 24.51
C GLY B 274 50.53 -20.45 25.03
N LEU B 275 50.76 -19.36 24.29
CA LEU B 275 50.28 -18.04 24.73
C LEU B 275 48.77 -18.02 24.89
N ARG B 276 48.06 -18.77 24.06
CA ARG B 276 46.61 -18.84 24.10
C ARG B 276 46.18 -20.07 24.88
N THR B 277 45.24 -19.90 25.79
CA THR B 277 44.75 -20.96 26.66
C THR B 277 43.27 -21.23 26.38
N ASP B 278 42.71 -22.20 27.13
CA ASP B 278 41.32 -22.63 26.99
C ASP B 278 41.03 -23.10 25.56
N LEU B 279 41.84 -24.05 25.06
CA LEU B 279 41.62 -24.57 23.71
C LEU B 279 41.60 -26.09 23.58
N ASP B 280 41.62 -26.86 24.67
CA ASP B 280 41.85 -28.28 24.51
C ASP B 280 40.74 -28.95 23.69
N ARG B 281 39.49 -28.53 23.92
CA ARG B 281 38.37 -29.12 23.19
C ARG B 281 38.37 -28.71 21.71
N SER B 282 38.52 -27.41 21.43
CA SER B 282 38.57 -26.95 20.05
C SER B 282 39.74 -27.57 19.30
N ILE B 283 40.88 -27.75 19.98
CA ILE B 283 42.03 -28.35 19.31
C ILE B 283 41.80 -29.84 19.10
N GLU B 284 41.08 -30.50 19.99
CA GLU B 284 40.73 -31.91 19.77
C GLU B 284 39.82 -32.07 18.56
N LYS B 285 38.82 -31.19 18.44
CA LYS B 285 37.96 -31.19 17.26
C LYS B 285 38.77 -30.88 16.00
N PHE B 286 39.76 -30.00 16.11
CA PHE B 286 40.63 -29.69 15.00
C PHE B 286 41.43 -30.92 14.56
N SER B 287 41.94 -31.69 15.52
CA SER B 287 42.68 -32.91 15.17
C SER B 287 41.79 -33.91 14.44
N ASP B 288 40.57 -34.09 14.94
CA ASP B 288 39.61 -34.95 14.26
C ASP B 288 39.41 -34.48 12.82
N LEU B 289 39.07 -33.20 12.64
CA LEU B 289 38.82 -32.68 11.30
C LEU B 289 40.05 -32.80 10.41
N TRP B 290 41.23 -32.58 10.99
CA TRP B 290 42.48 -32.71 10.23
C TRP B 290 42.61 -34.09 9.65
N LYS B 291 42.51 -35.12 10.49
CA LYS B 291 42.65 -36.48 9.98
C LYS B 291 41.52 -36.84 9.01
N ARG B 292 40.33 -36.30 9.24
CA ARG B 292 39.17 -36.62 8.41
C ARG B 292 39.31 -36.03 7.01
N ALA B 293 39.62 -34.74 6.93
CA ALA B 293 39.72 -34.06 5.64
C ALA B 293 40.95 -34.52 4.88
N LEU B 294 42.06 -34.72 5.58
CA LEU B 294 43.30 -35.12 4.94
C LEU B 294 43.37 -36.62 4.64
N GLY B 295 42.31 -37.36 4.94
CA GLY B 295 42.26 -38.78 4.64
C GLY B 295 43.20 -39.65 5.45
N LEU B 296 43.63 -39.19 6.62
CA LEU B 296 44.57 -39.95 7.42
C LEU B 296 43.86 -41.06 8.21
N ASP B 297 44.67 -42.01 8.67
CA ASP B 297 44.22 -43.01 9.62
C ASP B 297 44.01 -42.33 10.97
N PRO B 298 42.91 -42.60 11.67
CA PRO B 298 42.68 -41.92 12.96
C PRO B 298 43.78 -42.11 14.00
N ASP B 299 44.71 -43.06 13.81
CA ASP B 299 45.87 -43.19 14.69
C ASP B 299 47.16 -42.66 14.09
N THR B 300 47.06 -41.66 13.20
CA THR B 300 48.27 -41.02 12.70
C THR B 300 48.91 -40.24 13.84
N PRO B 301 50.15 -40.53 14.22
CA PRO B 301 50.81 -39.77 15.30
C PRO B 301 50.91 -38.31 14.94
N PRO B 302 50.51 -37.41 15.87
CA PRO B 302 50.54 -35.98 15.57
C PRO B 302 51.94 -35.43 15.29
N GLU B 303 52.99 -36.13 15.72
CA GLU B 303 54.34 -35.69 15.41
C GLU B 303 54.80 -36.13 14.03
N ASP B 304 54.04 -37.01 13.37
CA ASP B 304 54.40 -37.47 12.04
C ASP B 304 54.16 -36.38 11.01
N GLY B 315 54.08 -26.38 2.59
CA GLY B 315 53.38 -27.21 3.59
C GLY B 315 52.17 -26.47 4.10
N ALA B 316 52.20 -26.03 5.35
CA ALA B 316 51.01 -25.37 5.94
C ALA B 316 51.16 -23.86 5.94
N VAL B 317 50.06 -23.16 6.05
CA VAL B 317 50.04 -21.70 6.02
C VAL B 317 49.07 -21.23 7.09
N PHE B 318 49.40 -20.09 7.70
CA PHE B 318 48.64 -19.54 8.81
C PHE B 318 48.49 -18.05 8.60
N ASN B 319 47.56 -17.45 9.33
CA ASN B 319 47.50 -16.00 9.42
C ASN B 319 47.22 -15.59 10.85
N PHE B 320 47.90 -14.52 11.27
CA PHE B 320 47.74 -13.92 12.59
C PHE B 320 47.00 -12.60 12.42
N ASP B 321 45.93 -12.47 13.18
CA ASP B 321 45.22 -11.19 13.24
C ASP B 321 45.83 -10.44 14.42
N VAL B 322 46.40 -9.28 14.16
CA VAL B 322 47.11 -8.48 15.19
C VAL B 322 46.31 -7.20 15.38
N ALA B 323 45.01 -7.27 15.21
CA ALA B 323 44.15 -6.06 15.27
C ALA B 323 44.05 -5.51 16.67
N PRO B 324 44.20 -4.17 16.86
CA PRO B 324 44.21 -3.51 18.20
C PRO B 324 42.98 -3.62 19.13
N LYS B 325 41.90 -4.29 18.72
CA LYS B 325 40.71 -4.50 19.58
C LYS B 325 41.00 -5.55 20.64
N SER B 326 41.90 -6.47 20.34
CA SER B 326 42.32 -7.49 21.31
C SER B 326 43.83 -7.36 21.49
N GLN B 327 44.34 -7.73 22.65
CA GLN B 327 45.80 -7.69 22.84
C GLN B 327 46.37 -9.07 22.58
N ILE B 328 45.50 -10.04 22.37
CA ILE B 328 45.99 -11.41 22.02
C ILE B 328 45.78 -11.66 20.52
N PRO B 329 46.80 -12.15 19.83
CA PRO B 329 46.68 -12.48 18.43
C PRO B 329 45.69 -13.60 18.15
N GLU B 330 45.01 -13.56 16.99
CA GLU B 330 44.13 -14.69 16.59
C GLU B 330 44.77 -15.42 15.42
N VAL B 331 44.72 -16.74 15.46
CA VAL B 331 45.40 -17.56 14.48
C VAL B 331 44.37 -18.34 13.66
N LYS B 332 44.57 -18.34 12.35
CA LYS B 332 43.79 -19.18 11.44
C LYS B 332 44.75 -20.07 10.65
N ALA B 333 44.48 -21.37 10.65
CA ALA B 333 45.32 -22.34 9.95
C ALA B 333 44.64 -22.77 8.65
N TYR B 334 45.45 -23.13 7.65
CA TYR B 334 44.91 -23.56 6.36
C TYR B 334 45.40 -24.97 6.05
N ILE B 335 44.49 -25.94 6.11
CA ILE B 335 44.76 -27.32 5.75
C ILE B 335 44.86 -27.40 4.23
N PRO B 336 46.01 -27.80 3.67
CA PRO B 336 46.22 -27.87 2.21
C PRO B 336 45.63 -29.15 1.61
N VAL B 337 44.32 -29.08 1.34
CA VAL B 337 43.61 -30.23 0.80
C VAL B 337 44.17 -30.63 -0.57
N ARG B 338 44.46 -29.65 -1.42
CA ARG B 338 44.88 -29.99 -2.78
C ARG B 338 46.24 -30.68 -2.82
N HIS B 339 47.09 -30.47 -1.81
CA HIS B 339 48.44 -31.03 -1.86
C HIS B 339 48.54 -32.37 -1.15
N TYR B 340 47.70 -32.62 -0.14
CA TYR B 340 47.89 -33.78 0.70
C TYR B 340 46.66 -34.68 0.84
N ALA B 341 45.48 -34.23 0.40
CA ALA B 341 44.32 -35.12 0.41
C ALA B 341 44.36 -36.03 -0.81
N ASN B 342 43.45 -37.00 -0.83
CA ASN B 342 43.43 -37.97 -1.91
C ASN B 342 42.61 -37.50 -3.11
N ASN B 343 41.43 -36.93 -2.85
CA ASN B 343 40.63 -36.33 -3.91
C ASN B 343 39.63 -35.37 -3.28
N ASP B 344 39.03 -34.53 -4.11
CA ASP B 344 38.16 -33.48 -3.60
C ASP B 344 36.90 -34.05 -2.96
N LEU B 345 36.35 -35.12 -3.52
CA LEU B 345 35.15 -35.71 -2.94
C LEU B 345 35.45 -36.30 -1.57
N GLN B 346 36.61 -36.95 -1.43
CA GLN B 346 36.97 -37.55 -0.15
C GLN B 346 37.10 -36.48 0.93
N ALA B 347 37.83 -35.40 0.64
CA ALA B 347 37.99 -34.34 1.62
C ALA B 347 36.68 -33.63 1.91
N ALA B 348 35.86 -33.42 0.87
CA ALA B 348 34.56 -32.79 1.06
C ALA B 348 33.68 -33.62 1.98
N LEU B 349 33.68 -34.95 1.77
CA LEU B 349 32.87 -35.82 2.63
C LEU B 349 33.44 -35.89 4.04
N GLY B 350 34.76 -35.82 4.20
CA GLY B 350 35.32 -35.76 5.54
C GLY B 350 34.89 -34.51 6.29
N LEU B 351 35.03 -33.36 5.65
CA LEU B 351 34.58 -32.10 6.26
C LEU B 351 33.09 -32.13 6.56
N ILE B 352 32.29 -32.64 5.62
CA ILE B 352 30.85 -32.66 5.77
C ILE B 352 30.45 -33.61 6.90
N GLY B 353 31.15 -34.74 7.02
CA GLY B 353 30.88 -35.65 8.12
C GLY B 353 31.25 -35.05 9.46
N TYR B 354 32.36 -34.30 9.53
CA TYR B 354 32.67 -33.55 10.73
C TYR B 354 31.54 -32.62 11.10
N LEU B 355 31.07 -31.82 10.13
CA LEU B 355 30.01 -30.87 10.40
C LEU B 355 28.74 -31.58 10.86
N GLU B 356 28.46 -32.76 10.29
CA GLU B 356 27.26 -33.50 10.66
C GLU B 356 27.37 -34.07 12.06
N ASP B 357 28.58 -34.49 12.46
CA ASP B 357 28.76 -35.00 13.81
C ASP B 357 28.58 -33.92 14.87
N HIS B 358 28.77 -32.65 14.52
CA HIS B 358 28.63 -31.56 15.48
C HIS B 358 27.39 -30.70 15.22
N GLY B 359 26.48 -31.16 14.36
CA GLY B 359 25.23 -30.46 14.15
C GLY B 359 25.37 -29.13 13.44
N HIS B 360 26.35 -29.00 12.53
CA HIS B 360 26.60 -27.75 11.84
C HIS B 360 26.57 -27.92 10.33
N GLY B 361 25.95 -28.98 9.83
CA GLY B 361 26.03 -29.29 8.42
C GLY B 361 24.74 -29.04 7.65
N GLY B 362 24.00 -28.00 8.04
CA GLY B 362 22.76 -27.69 7.36
C GLY B 362 22.94 -27.32 5.90
N TYR B 363 24.13 -26.84 5.53
CA TYR B 363 24.42 -26.42 4.16
C TYR B 363 25.44 -27.34 3.49
N SER B 364 25.48 -28.60 3.90
CA SER B 364 26.45 -29.54 3.34
C SER B 364 26.09 -29.93 1.92
N GLN B 365 24.81 -30.18 1.67
CA GLN B 365 24.40 -30.58 0.33
C GLN B 365 24.45 -29.42 -0.64
N SER B 366 24.16 -28.21 -0.17
CA SER B 366 24.38 -27.02 -0.99
C SER B 366 25.85 -26.88 -1.36
N TYR B 367 26.74 -27.14 -0.40
CA TYR B 367 28.17 -27.08 -0.66
C TYR B 367 28.58 -28.13 -1.68
N LEU B 368 28.03 -29.34 -1.59
CA LEU B 368 28.38 -30.37 -2.56
C LEU B 368 27.87 -30.01 -3.95
N ARG B 369 26.67 -29.42 -4.03
CA ARG B 369 26.19 -28.96 -5.32
C ARG B 369 27.07 -27.86 -5.89
N GLY B 370 27.58 -26.97 -5.02
CA GLY B 370 28.51 -25.96 -5.48
C GLY B 370 29.81 -26.56 -6.00
N LEU B 371 30.34 -27.56 -5.30
CA LEU B 371 31.53 -28.25 -5.77
C LEU B 371 31.30 -28.88 -7.13
N ASP B 372 30.18 -29.59 -7.28
CA ASP B 372 29.88 -30.23 -8.56
C ASP B 372 29.73 -29.19 -9.66
N MET B 373 29.29 -27.98 -9.37
CA MET B 373 29.24 -26.92 -10.42
C MET B 373 30.65 -26.47 -10.80
N LEU B 374 31.50 -26.23 -9.82
CA LEU B 374 32.85 -25.68 -10.06
C LEU B 374 33.76 -26.68 -10.76
N ALA B 375 33.23 -27.83 -11.08
CA ALA B 375 33.98 -28.90 -11.76
C ALA B 375 33.01 -29.54 -12.74
N PRO B 376 32.81 -29.00 -13.97
CA PRO B 376 31.95 -29.65 -14.96
C PRO B 376 32.74 -30.79 -15.64
N SER B 377 34.03 -30.88 -15.36
CA SER B 377 34.93 -31.91 -15.94
C SER B 377 34.56 -33.28 -15.40
N GLY B 378 34.39 -33.39 -14.10
CA GLY B 378 33.97 -34.66 -13.49
C GLY B 378 35.16 -35.36 -12.87
N GLN B 379 35.92 -34.66 -12.06
CA GLN B 379 37.15 -35.25 -11.52
C GLN B 379 37.22 -35.00 -10.01
N LEU B 380 36.08 -34.83 -9.37
CA LEU B 380 36.03 -34.57 -7.91
C LEU B 380 36.48 -35.85 -7.21
N ASP B 381 36.15 -37.00 -7.79
CA ASP B 381 36.49 -38.31 -7.20
C ASP B 381 37.78 -38.91 -7.79
N GLN B 382 38.54 -38.15 -8.59
CA GLN B 382 39.81 -38.64 -9.13
C GLN B 382 41.02 -37.82 -8.70
N ALA B 383 40.85 -36.53 -8.45
CA ALA B 383 41.98 -35.66 -8.15
C ALA B 383 41.55 -34.59 -7.17
N THR B 384 42.52 -33.79 -6.75
CA THR B 384 42.27 -32.60 -5.95
C THR B 384 42.38 -31.37 -6.86
N GLY B 385 42.30 -30.19 -6.27
CA GLY B 385 42.45 -28.96 -7.02
C GLY B 385 41.31 -27.99 -6.84
N VAL B 386 40.08 -28.51 -6.71
CA VAL B 386 38.93 -27.64 -6.49
C VAL B 386 39.01 -27.02 -5.10
N GLN B 387 39.12 -27.85 -4.07
CA GLN B 387 39.27 -27.37 -2.71
C GLN B 387 40.76 -27.19 -2.43
N THR B 388 41.19 -25.94 -2.34
CA THR B 388 42.61 -25.67 -2.10
C THR B 388 42.93 -25.72 -0.62
N TYR B 389 42.10 -25.10 0.21
CA TYR B 389 42.38 -25.01 1.63
C TYR B 389 41.10 -25.16 2.44
N PHE B 390 41.23 -25.76 3.62
CA PHE B 390 40.23 -25.68 4.68
C PHE B 390 40.82 -24.83 5.80
N ALA B 391 40.28 -23.63 5.98
CA ALA B 391 40.74 -22.73 7.02
C ALA B 391 39.98 -23.01 8.31
N VAL B 392 40.73 -23.06 9.41
CA VAL B 392 40.22 -23.38 10.74
C VAL B 392 40.62 -22.29 11.71
N ALA B 393 39.65 -21.79 12.47
CA ALA B 393 39.90 -20.93 13.62
C ALA B 393 39.18 -21.52 14.83
N CYS B 394 39.72 -21.28 16.01
CA CYS B 394 39.18 -21.86 17.25
C CYS B 394 38.39 -20.81 18.01
N GLN B 395 37.09 -21.00 18.13
CA GLN B 395 36.23 -20.11 18.87
C GLN B 395 35.81 -20.83 20.15
N GLY B 396 36.54 -20.58 21.24
CA GLY B 396 36.17 -21.16 22.52
C GLY B 396 36.30 -22.67 22.46
N GLU B 397 35.17 -23.34 22.29
CA GLU B 397 35.14 -24.79 22.19
C GLU B 397 34.90 -25.32 20.78
N ASP B 398 34.52 -24.49 19.81
CA ASP B 398 34.14 -24.97 18.49
C ASP B 398 35.10 -24.41 17.43
N LEU B 399 34.88 -24.86 16.19
CA LEU B 399 35.69 -24.45 15.05
C LEU B 399 34.88 -23.56 14.11
N SER B 400 35.54 -22.53 13.61
CA SER B 400 35.06 -21.71 12.51
C SER B 400 35.79 -22.16 11.26
N LEU B 401 35.03 -22.59 10.24
CA LEU B 401 35.56 -23.26 9.07
C LEU B 401 35.31 -22.45 7.80
N THR B 402 36.27 -22.51 6.88
CA THR B 402 36.13 -21.86 5.58
C THR B 402 36.70 -22.77 4.51
N SER B 403 35.96 -22.96 3.41
CA SER B 403 36.45 -23.72 2.28
C SER B 403 36.88 -22.77 1.17
N TYR B 404 38.09 -22.96 0.66
CA TYR B 404 38.57 -22.16 -0.46
C TYR B 404 38.53 -23.00 -1.73
N LEU B 405 38.05 -22.40 -2.81
CA LEU B 405 37.64 -23.12 -4.01
C LEU B 405 38.28 -22.50 -5.23
N ASN B 406 38.93 -23.33 -6.04
CA ASN B 406 39.57 -22.91 -7.27
C ASN B 406 38.79 -23.42 -8.47
N PRO B 407 38.29 -22.54 -9.35
CA PRO B 407 37.61 -23.01 -10.57
C PRO B 407 38.55 -23.68 -11.58
N GLN B 408 39.87 -23.51 -11.43
CA GLN B 408 40.86 -24.21 -12.24
C GLN B 408 40.65 -23.97 -13.74
N PHE B 409 40.79 -22.72 -14.13
CA PHE B 409 40.62 -22.37 -15.55
C PHE B 409 41.71 -22.97 -16.43
N SER C 11 -9.99 8.43 1.71
CA SER C 11 -9.26 8.29 2.96
C SER C 11 -10.17 8.64 4.14
N VAL C 12 -10.11 7.81 5.18
CA VAL C 12 -10.93 8.02 6.37
C VAL C 12 -10.60 9.35 7.02
N TRP C 13 -9.30 9.68 7.12
CA TRP C 13 -8.92 10.93 7.76
C TRP C 13 -9.43 12.12 6.96
N LYS C 14 -9.40 12.04 5.63
CA LYS C 14 -9.92 13.14 4.83
C LYS C 14 -11.41 13.36 5.09
N THR C 15 -12.17 12.28 5.18
CA THR C 15 -13.60 12.39 5.49
C THR C 15 -13.81 13.06 6.84
N LEU C 16 -13.17 12.54 7.88
CA LEU C 16 -13.36 13.09 9.23
C LEU C 16 -12.92 14.55 9.29
N ASN C 17 -11.78 14.87 8.68
CA ASN C 17 -11.31 16.25 8.64
C ASN C 17 -12.30 17.14 7.90
N LYS C 18 -12.98 16.60 6.90
CA LYS C 18 -13.96 17.37 6.14
C LYS C 18 -15.21 17.66 6.95
N TRP C 19 -15.63 16.73 7.81
CA TRP C 19 -16.93 16.89 8.47
C TRP C 19 -16.86 17.23 9.95
N LEU C 20 -15.78 16.87 10.65
CA LEU C 20 -15.68 17.21 12.05
C LEU C 20 -15.42 18.72 12.21
N PRO C 21 -15.84 19.32 13.32
CA PRO C 21 -15.63 20.76 13.53
C PRO C 21 -14.15 21.11 13.51
N PRO C 22 -13.79 22.28 12.98
CA PRO C 22 -12.37 22.66 12.90
C PRO C 22 -11.77 22.92 14.27
N LEU C 23 -10.44 22.83 14.33
CA LEU C 23 -9.70 22.93 15.58
C LEU C 23 -8.75 24.13 15.58
N SER C 24 -8.29 24.48 16.78
CA SER C 24 -7.26 25.49 16.97
C SER C 24 -5.95 25.09 16.29
N ARG C 25 -5.00 26.03 16.26
CA ARG C 25 -3.73 25.80 15.57
C ARG C 25 -3.01 24.57 16.10
N ASP C 26 -2.78 24.50 17.41
CA ASP C 26 -2.06 23.38 17.99
C ASP C 26 -2.82 22.08 17.81
N LYS C 27 -4.11 22.09 18.14
CA LYS C 27 -4.93 20.90 17.99
C LYS C 27 -5.03 20.48 16.53
N ASP C 28 -5.08 21.45 15.61
CA ASP C 28 -5.13 21.10 14.19
C ASP C 28 -3.81 20.50 13.72
N TRP C 29 -2.69 21.00 14.25
CA TRP C 29 -1.40 20.41 13.90
C TRP C 29 -1.33 18.98 14.38
N TRP C 30 -1.73 18.74 15.63
CA TRP C 30 -1.73 17.38 16.15
C TRP C 30 -2.69 16.49 15.38
N TRP C 31 -3.86 17.00 15.02
CA TRP C 31 -4.82 16.24 14.24
C TRP C 31 -4.25 15.86 12.87
N LYS C 32 -3.81 16.85 12.10
CA LYS C 32 -3.31 16.61 10.75
C LYS C 32 -1.94 15.93 10.73
N THR C 33 -1.28 15.77 11.88
CA THR C 33 -0.06 14.98 11.93
C THR C 33 -0.31 13.56 12.42
N LEU C 34 -1.00 13.38 13.55
CA LEU C 34 -1.23 12.05 14.10
C LEU C 34 -2.25 11.27 13.30
N GLY C 35 -3.36 11.90 12.88
CA GLY C 35 -4.41 11.23 12.16
C GLY C 35 -3.93 10.52 10.91
N PRO C 36 -3.22 11.23 10.03
CA PRO C 36 -2.65 10.55 8.86
C PRO C 36 -1.68 9.43 9.21
N GLN C 37 -0.87 9.59 10.25
CA GLN C 37 0.07 8.53 10.63
C GLN C 37 -0.67 7.28 11.10
N ILE C 38 -1.59 7.43 12.05
CA ILE C 38 -2.35 6.28 12.54
C ILE C 38 -3.16 5.67 11.41
N ASN C 39 -3.75 6.50 10.55
CA ASN C 39 -4.54 5.99 9.44
C ASN C 39 -3.69 5.19 8.48
N THR C 40 -2.48 5.66 8.18
CA THR C 40 -1.58 4.92 7.31
C THR C 40 -1.17 3.59 7.94
N LEU C 41 -0.84 3.60 9.23
CA LEU C 41 -0.46 2.36 9.90
C LEU C 41 -1.60 1.35 9.88
N LEU C 42 -2.83 1.80 10.14
CA LEU C 42 -3.97 0.89 10.12
C LEU C 42 -4.28 0.40 8.71
N THR C 43 -4.14 1.28 7.71
CA THR C 43 -4.40 0.88 6.33
C THR C 43 -3.39 -0.15 5.84
N GLU C 44 -2.10 0.07 6.12
CA GLU C 44 -1.09 -0.89 5.69
C GLU C 44 -1.27 -2.24 6.38
N ALA C 45 -1.86 -2.25 7.58
CA ALA C 45 -2.14 -3.48 8.30
C ALA C 45 -3.51 -4.06 7.95
N ASP C 46 -4.19 -3.47 6.96
CA ASP C 46 -5.46 -4.00 6.44
C ASP C 46 -6.56 -4.02 7.49
N TYR C 47 -6.66 -2.94 8.24
CA TYR C 47 -7.75 -2.84 9.23
C TYR C 47 -9.06 -2.52 8.52
N ASP C 48 -10.16 -3.05 9.05
CA ASP C 48 -11.49 -2.74 8.48
C ASP C 48 -11.74 -1.24 8.59
N LEU C 49 -12.37 -0.65 7.57
CA LEU C 49 -12.64 0.81 7.56
C LEU C 49 -13.33 1.25 8.86
N ASN C 50 -14.29 0.49 9.39
CA ASN C 50 -14.93 0.91 10.64
C ASN C 50 -13.92 1.07 11.77
N GLU C 51 -12.90 0.21 11.81
CA GLU C 51 -11.94 0.31 12.89
C GLU C 51 -11.00 1.49 12.70
N ARG C 52 -10.68 1.84 11.46
CA ARG C 52 -9.96 3.08 11.21
C ARG C 52 -10.78 4.29 11.65
N TYR C 53 -12.08 4.28 11.33
CA TYR C 53 -12.95 5.36 11.79
C TYR C 53 -12.98 5.44 13.31
N GLU C 54 -13.10 4.30 14.01
CA GLU C 54 -13.10 4.32 15.47
C GLU C 54 -11.80 4.90 16.01
N ALA C 55 -10.67 4.46 15.45
CA ALA C 55 -9.39 4.94 15.96
C ALA C 55 -9.25 6.44 15.77
N LEU C 56 -9.61 6.94 14.59
CA LEU C 56 -9.45 8.36 14.33
C LEU C 56 -10.46 9.20 15.11
N LEU C 57 -11.66 8.68 15.36
CA LEU C 57 -12.61 9.42 16.20
C LEU C 57 -12.13 9.50 17.64
N LEU C 58 -11.62 8.39 18.18
CA LEU C 58 -11.01 8.42 19.50
C LEU C 58 -9.88 9.45 19.54
N LEU C 59 -9.00 9.42 18.54
CA LEU C 59 -7.90 10.37 18.47
C LEU C 59 -8.41 11.81 18.50
N TYR C 60 -9.43 12.10 17.68
CA TYR C 60 -9.94 13.47 17.61
C TYR C 60 -10.57 13.90 18.92
N ARG C 61 -11.24 12.98 19.61
CA ARG C 61 -12.02 13.38 20.78
C ARG C 61 -11.17 13.46 22.05
N TRP C 62 -10.34 12.45 22.30
CA TRP C 62 -9.70 12.33 23.60
C TRP C 62 -8.19 12.55 23.60
N VAL C 63 -7.52 12.44 22.47
CA VAL C 63 -6.07 12.52 22.42
C VAL C 63 -5.58 13.87 21.90
N VAL C 64 -6.10 14.30 20.74
CA VAL C 64 -5.65 15.56 20.15
C VAL C 64 -5.83 16.74 21.10
N PRO C 65 -6.94 16.91 21.82
CA PRO C 65 -7.08 18.08 22.71
C PRO C 65 -6.05 18.11 23.84
N GLU C 66 -5.39 17.00 24.15
CA GLU C 66 -4.50 16.92 25.31
C GLU C 66 -3.04 16.76 24.93
N MET C 67 -2.68 17.09 23.68
CA MET C 67 -1.30 16.97 23.24
C MET C 67 -0.47 18.22 23.49
N GLY C 68 -1.08 19.31 23.94
CA GLY C 68 -0.34 20.51 24.26
C GLY C 68 0.10 21.25 23.03
N PRO C 69 1.17 22.09 23.07
CA PRO C 69 1.54 22.82 21.89
C PRO C 69 2.29 22.03 20.84
N ARG C 70 2.24 22.54 19.61
CA ARG C 70 2.90 21.88 18.47
C ARG C 70 4.41 22.08 18.48
N PRO C 71 5.18 21.11 17.94
CA PRO C 71 6.61 21.28 17.79
C PRO C 71 6.98 22.64 17.20
N ARG C 72 7.80 23.41 17.91
CA ARG C 72 8.23 24.75 17.46
C ARG C 72 9.74 24.69 17.22
N SER C 73 10.44 23.82 17.95
CA SER C 73 11.90 23.62 17.70
C SER C 73 12.29 22.16 17.92
N SER C 74 13.58 21.88 17.75
CA SER C 74 14.11 20.53 18.04
C SER C 74 14.18 20.34 19.55
N VAL C 75 13.96 21.40 20.31
CA VAL C 75 13.88 21.22 21.78
C VAL C 75 12.46 20.86 22.11
N ALA C 76 12.24 20.19 23.23
CA ALA C 76 10.91 19.66 23.52
C ALA C 76 10.34 20.30 24.77
N PRO C 77 9.03 20.52 24.82
CA PRO C 77 8.38 21.08 25.99
C PRO C 77 8.61 20.30 27.28
N SER C 78 9.16 19.10 27.17
CA SER C 78 9.28 18.24 28.33
C SER C 78 10.40 17.24 28.05
N LYS C 79 10.80 16.52 29.09
CA LYS C 79 11.73 15.40 28.95
C LYS C 79 10.99 14.08 29.06
N SER C 80 9.98 13.93 28.20
CA SER C 80 9.09 12.77 28.28
C SER C 80 9.88 11.47 28.10
N PHE C 81 9.56 10.48 28.93
CA PHE C 81 10.21 9.18 28.93
C PHE C 81 9.70 8.28 27.82
N MET C 82 8.74 8.75 27.02
CA MET C 82 8.14 7.92 25.98
C MET C 82 9.19 7.51 24.94
N THR C 83 9.96 8.49 24.44
CA THR C 83 10.98 8.24 23.43
C THR C 83 12.24 9.03 23.80
N ASP C 84 13.31 8.83 23.01
CA ASP C 84 14.58 9.48 23.31
C ASP C 84 14.54 10.98 23.07
N ASP C 85 13.81 11.43 22.04
CA ASP C 85 13.65 12.86 21.82
C ASP C 85 12.42 13.42 22.51
N HIS C 86 11.80 12.63 23.40
CA HIS C 86 10.68 13.05 24.22
C HIS C 86 9.42 13.33 23.40
N SER C 87 9.31 12.70 22.24
CA SER C 87 8.03 12.66 21.53
C SER C 87 7.00 11.95 22.41
N PRO C 88 5.81 12.51 22.60
CA PRO C 88 4.85 11.93 23.54
C PRO C 88 3.97 10.83 22.95
N ILE C 89 4.32 10.30 21.78
CA ILE C 89 3.55 9.22 21.18
C ILE C 89 4.53 8.22 20.58
N GLU C 90 4.21 6.93 20.73
CA GLU C 90 5.04 5.86 20.18
C GLU C 90 4.15 4.79 19.59
N TYR C 91 4.32 4.50 18.30
CA TYR C 91 3.55 3.45 17.66
C TYR C 91 4.23 2.10 17.85
N SER C 92 3.48 1.03 17.63
CA SER C 92 4.04 -0.30 17.68
C SER C 92 3.27 -1.21 16.72
N TRP C 93 4.03 -2.11 16.09
CA TRP C 93 3.58 -2.92 14.95
C TRP C 93 3.95 -4.35 15.31
N LYS C 94 2.97 -5.13 15.77
CA LYS C 94 3.21 -6.50 16.21
C LYS C 94 3.00 -7.45 15.03
N TRP C 95 4.02 -8.24 14.72
CA TRP C 95 3.96 -9.20 13.63
C TRP C 95 3.26 -10.47 14.11
N ILE C 96 2.14 -10.81 13.51
CA ILE C 96 1.39 -12.00 13.88
C ILE C 96 1.82 -13.15 12.99
N SER C 97 2.02 -14.32 13.60
CA SER C 97 2.43 -15.50 12.86
C SER C 97 1.31 -15.98 11.93
N GLY C 98 1.67 -16.88 11.03
CA GLY C 98 0.69 -17.47 10.14
C GLY C 98 0.14 -16.52 9.10
N ASN C 99 0.92 -15.51 8.72
CA ASN C 99 0.54 -14.56 7.66
C ASN C 99 -0.76 -13.82 7.99
N LYS C 100 -1.00 -13.57 9.28
CA LYS C 100 -2.16 -12.80 9.71
C LYS C 100 -1.84 -11.30 9.68
N LYS C 101 -2.87 -10.49 9.89
CA LYS C 101 -2.68 -9.05 9.86
C LYS C 101 -1.87 -8.60 11.07
N PRO C 102 -0.93 -7.67 10.89
CA PRO C 102 -0.20 -7.13 12.03
C PRO C 102 -1.17 -6.40 12.96
N GLU C 103 -0.77 -6.25 14.21
CA GLU C 103 -1.57 -5.53 15.19
C GLU C 103 -0.93 -4.17 15.45
N ILE C 104 -1.73 -3.12 15.36
CA ILE C 104 -1.26 -1.75 15.56
C ILE C 104 -1.66 -1.27 16.95
N ARG C 105 -0.71 -0.70 17.65
CA ARG C 105 -0.97 -0.11 18.95
C ARG C 105 -0.22 1.21 19.03
N TYR C 106 -0.65 2.11 19.91
CA TYR C 106 0.19 3.27 20.17
C TYR C 106 0.02 3.74 21.61
N ALA C 107 1.14 4.11 22.22
CA ALA C 107 1.15 4.67 23.57
C ALA C 107 1.29 6.18 23.49
N VAL C 108 0.60 6.86 24.40
CA VAL C 108 0.60 8.32 24.47
C VAL C 108 0.69 8.74 25.92
N GLU C 109 1.43 9.83 26.14
CA GLU C 109 1.48 10.54 27.41
C GLU C 109 0.91 11.92 27.15
N LEU C 110 -0.36 12.11 27.52
CA LEU C 110 -1.01 13.41 27.35
C LEU C 110 -0.41 14.42 28.31
N VAL C 111 -0.60 15.70 27.99
CA VAL C 111 0.00 16.80 28.74
C VAL C 111 -1.06 17.86 29.01
N SER C 112 -0.79 18.69 30.01
CA SER C 112 -1.69 19.75 30.44
C SER C 112 -0.86 20.95 30.86
N PRO C 113 -1.46 22.15 30.88
CA PRO C 113 -0.74 23.32 31.40
C PRO C 113 -0.34 23.18 32.87
N LEU C 114 -0.94 22.25 33.61
CA LEU C 114 -0.62 22.05 35.01
C LEU C 114 0.65 21.23 35.23
N ALA C 115 1.31 20.78 34.15
CA ALA C 115 2.55 20.02 34.28
C ALA C 115 3.61 20.87 34.97
N GLY C 116 4.14 20.36 36.08
CA GLY C 116 5.11 21.07 36.87
C GLY C 116 4.53 21.83 38.05
N SER C 117 3.25 22.18 38.01
CA SER C 117 2.62 22.89 39.10
C SER C 117 2.49 21.99 40.33
N LYS C 118 2.04 22.60 41.44
CA LYS C 118 1.71 21.83 42.63
C LYS C 118 0.58 20.84 42.38
N GLN C 119 -0.29 21.14 41.41
CA GLN C 119 -1.47 20.35 41.14
C GLN C 119 -1.21 19.18 40.20
N ASP C 120 -0.08 19.17 39.50
CA ASP C 120 0.29 18.03 38.67
C ASP C 120 1.78 18.11 38.36
N PRO C 121 2.65 17.89 39.36
CA PRO C 121 4.09 18.06 39.12
C PRO C 121 4.69 17.01 38.21
N PHE C 122 4.01 15.88 37.98
CA PHE C 122 4.56 14.79 37.18
C PHE C 122 3.66 14.45 35.99
N ASN C 123 2.75 15.34 35.62
CA ASN C 123 1.89 15.18 34.45
C ASN C 123 1.15 13.84 34.50
N GLN C 124 0.30 13.73 35.52
CA GLN C 124 -0.42 12.48 35.79
C GLN C 124 -1.91 12.55 35.53
N ILE C 125 -2.53 13.71 35.70
CA ILE C 125 -3.99 13.86 35.61
C ILE C 125 -4.51 13.62 34.19
N PRO C 126 -3.84 14.08 33.12
CA PRO C 126 -4.39 13.82 31.78
C PRO C 126 -4.57 12.34 31.46
N THR C 127 -3.61 11.49 31.86
CA THR C 127 -3.77 10.06 31.65
C THR C 127 -4.95 9.52 32.46
N ARG C 128 -5.10 10.01 33.70
CA ARG C 128 -6.25 9.64 34.51
C ARG C 128 -7.56 9.97 33.79
N ASN C 129 -7.66 11.20 33.27
CA ASN C 129 -8.86 11.64 32.57
C ASN C 129 -9.14 10.77 31.36
N LEU C 130 -8.10 10.48 30.56
CA LEU C 130 -8.27 9.64 29.39
C LEU C 130 -8.80 8.27 29.78
N VAL C 131 -8.23 7.69 30.82
CA VAL C 131 -8.67 6.35 31.26
C VAL C 131 -10.14 6.40 31.66
N TYR C 132 -10.53 7.39 32.45
CA TYR C 132 -11.91 7.44 32.97
C TYR C 132 -12.90 7.72 31.86
N ASN C 133 -12.49 8.46 30.85
CA ASN C 133 -13.38 8.73 29.70
C ASN C 133 -13.52 7.45 28.84
N LEU C 134 -12.44 6.72 28.58
CA LEU C 134 -12.54 5.46 27.84
C LEU C 134 -13.32 4.43 28.65
N ALA C 135 -13.13 4.42 29.98
CA ALA C 135 -13.90 3.50 30.81
C ALA C 135 -15.38 3.81 30.73
N LYS C 136 -15.73 5.09 30.63
CA LYS C 136 -17.12 5.47 30.45
C LYS C 136 -17.66 4.98 29.10
N ILE C 137 -16.84 5.06 28.05
CA ILE C 137 -17.32 4.64 26.72
C ILE C 137 -17.21 3.13 26.51
N ILE C 138 -16.19 2.47 27.07
CA ILE C 138 -16.00 1.04 26.88
C ILE C 138 -16.24 0.30 28.19
N PRO C 139 -17.43 -0.25 28.42
CA PRO C 139 -17.71 -0.89 29.71
C PRO C 139 -16.89 -2.13 29.99
N GLU C 140 -16.26 -2.74 28.98
CA GLU C 140 -15.46 -3.93 29.21
C GLU C 140 -14.18 -3.64 29.98
N LEU C 141 -13.77 -2.38 30.06
CA LEU C 141 -12.56 -2.03 30.80
C LEU C 141 -12.79 -2.12 32.30
N ASP C 142 -11.81 -2.68 33.00
CA ASP C 142 -11.84 -2.84 34.45
C ASP C 142 -10.79 -1.92 35.06
N LEU C 143 -11.18 -1.18 36.10
CA LEU C 143 -10.32 -0.18 36.72
C LEU C 143 -9.90 -0.57 38.13
N THR C 144 -10.20 -1.79 38.58
CA THR C 144 -9.83 -2.19 39.93
C THR C 144 -8.32 -2.14 40.14
N TRP C 145 -7.58 -2.88 39.32
CA TRP C 145 -6.12 -2.85 39.43
C TRP C 145 -5.56 -1.50 39.00
N PHE C 146 -6.23 -0.81 38.07
CA PHE C 146 -5.82 0.54 37.73
C PHE C 146 -5.80 1.43 38.99
N GLU C 147 -6.91 1.44 39.72
CA GLU C 147 -7.00 2.27 40.92
C GLU C 147 -6.02 1.80 41.98
N HIS C 148 -5.90 0.49 42.16
CA HIS C 148 -4.97 -0.04 43.16
C HIS C 148 -3.54 0.41 42.88
N PHE C 149 -3.04 0.15 41.67
CA PHE C 149 -1.66 0.47 41.36
C PHE C 149 -1.42 1.97 41.29
N TRP C 150 -2.42 2.75 40.84
CA TRP C 150 -2.26 4.19 40.89
C TRP C 150 -2.09 4.67 42.32
N HIS C 151 -2.96 4.20 43.22
CA HIS C 151 -2.85 4.57 44.62
C HIS C 151 -1.50 4.17 45.20
N GLU C 152 -1.01 2.98 44.83
CA GLU C 152 0.20 2.47 45.45
C GLU C 152 1.46 3.15 44.91
N LEU C 153 1.50 3.52 43.64
CA LEU C 153 2.73 4.00 43.04
C LEU C 153 2.78 5.51 42.78
N LEU C 154 1.64 6.17 42.59
CA LEU C 154 1.67 7.61 42.32
C LEU C 154 0.72 8.44 43.18
N GLY C 155 -0.14 7.81 43.98
CA GLY C 155 -1.09 8.55 44.76
C GLY C 155 -0.41 9.40 45.82
N LEU C 167 13.95 11.82 41.92
CA LEU C 167 14.55 11.39 40.67
C LEU C 167 13.47 10.76 39.78
N THR C 168 13.34 11.27 38.57
CA THR C 168 12.29 10.85 37.65
C THR C 168 12.91 10.41 36.33
N LYS C 169 12.20 9.52 35.65
CA LYS C 169 12.68 9.04 34.36
C LYS C 169 12.23 9.94 33.22
N GLY C 170 11.56 11.05 33.53
CA GLY C 170 11.03 11.97 32.54
C GLY C 170 9.51 12.02 32.53
N SER C 171 8.88 10.90 32.88
CA SER C 171 7.45 10.81 33.00
C SER C 171 7.16 9.81 34.12
N THR C 172 5.92 9.81 34.59
CA THR C 172 5.52 8.92 35.67
C THR C 172 4.36 8.01 35.34
N VAL C 173 3.63 8.28 34.25
CA VAL C 173 2.50 7.45 33.85
C VAL C 173 2.18 7.75 32.40
N PHE C 174 1.75 6.73 31.66
CA PHE C 174 1.14 6.97 30.35
C PHE C 174 0.27 5.78 29.97
N ALA C 175 -0.43 5.92 28.85
CA ALA C 175 -1.43 4.94 28.44
C ALA C 175 -1.11 4.40 27.06
N ALA C 176 -1.74 3.29 26.71
CA ALA C 176 -1.53 2.65 25.42
C ALA C 176 -2.85 2.08 24.90
N LEU C 177 -3.13 2.32 23.62
CA LEU C 177 -4.30 1.76 22.96
C LEU C 177 -3.85 0.67 22.01
N GLU C 178 -4.46 -0.51 22.13
CA GLU C 178 -4.16 -1.65 21.27
C GLU C 178 -5.39 -1.95 20.41
N MET C 179 -5.26 -1.78 19.10
CA MET C 179 -6.32 -2.14 18.16
C MET C 179 -6.15 -3.61 17.81
N LEU C 180 -6.91 -4.48 18.48
CA LEU C 180 -6.77 -5.92 18.34
C LEU C 180 -7.73 -6.51 17.32
N HIS C 181 -8.04 -5.78 16.25
CA HIS C 181 -8.92 -6.24 15.18
C HIS C 181 -10.27 -6.69 15.71
N GLY C 182 -11.19 -5.75 15.88
CA GLY C 182 -12.53 -6.03 16.36
C GLY C 182 -12.84 -5.47 17.73
N HIS C 183 -11.82 -5.23 18.55
CA HIS C 183 -12.03 -4.62 19.85
C HIS C 183 -10.77 -3.88 20.27
N LEU C 184 -10.95 -2.95 21.21
CA LEU C 184 -9.88 -2.10 21.70
C LEU C 184 -9.49 -2.51 23.11
N SER C 185 -8.18 -2.58 23.36
CA SER C 185 -7.67 -2.84 24.69
C SER C 185 -6.89 -1.62 25.16
N VAL C 186 -6.99 -1.34 26.45
CA VAL C 186 -6.24 -0.21 27.04
C VAL C 186 -5.23 -0.75 28.04
N LYS C 187 -4.04 -0.18 28.01
CA LYS C 187 -2.94 -0.59 28.88
C LYS C 187 -2.38 0.64 29.58
N VAL C 188 -2.00 0.50 30.86
CA VAL C 188 -1.45 1.65 31.63
C VAL C 188 -0.05 1.31 32.15
N TYR C 189 0.86 2.24 31.96
CA TYR C 189 2.25 2.12 32.37
C TYR C 189 2.51 3.09 33.51
N PHE C 190 2.96 2.57 34.64
CA PHE C 190 3.33 3.35 35.81
C PHE C 190 4.84 3.39 35.89
N ILE C 191 5.40 4.59 36.01
CA ILE C 191 6.84 4.81 36.06
C ILE C 191 7.17 5.45 37.42
N PRO C 192 7.54 4.64 38.41
CA PRO C 192 7.74 5.17 39.77
C PRO C 192 8.90 6.16 39.85
N VAL C 193 8.76 7.10 40.79
CA VAL C 193 9.80 8.08 41.11
C VAL C 193 10.72 7.48 42.15
N GLU C 194 12.03 7.53 41.88
CA GLU C 194 13.02 6.94 42.78
C GLU C 194 13.59 7.96 43.75
N THR C 195 13.73 7.54 45.00
CA THR C 195 14.39 8.25 46.09
C THR C 195 15.30 7.27 46.81
N PRO C 196 16.27 7.77 47.61
CA PRO C 196 17.21 6.87 48.29
C PRO C 196 16.58 5.80 49.12
N ASP C 197 15.40 6.07 49.65
CA ASP C 197 14.72 5.14 50.53
C ASP C 197 13.71 4.29 49.78
N PHE C 198 13.32 4.71 48.57
CA PHE C 198 12.23 4.10 47.82
C PHE C 198 12.73 3.84 46.39
N SER C 199 13.31 2.66 46.14
CA SER C 199 13.63 2.31 44.76
C SER C 199 12.36 2.00 43.98
N ALA C 200 12.45 2.10 42.66
CA ALA C 200 11.31 1.73 41.82
C ALA C 200 10.92 0.27 42.06
N TRP C 201 11.91 -0.61 42.18
CA TRP C 201 11.62 -2.03 42.37
C TRP C 201 10.96 -2.28 43.72
N HIS C 202 11.39 -1.57 44.78
CA HIS C 202 10.76 -1.75 46.09
C HIS C 202 9.28 -1.40 46.04
N GLN C 203 8.96 -0.25 45.45
CA GLN C 203 7.58 0.18 45.33
C GLN C 203 6.77 -0.80 44.50
N ILE C 204 7.33 -1.23 43.36
CA ILE C 204 6.62 -2.16 42.48
C ILE C 204 6.40 -3.50 43.17
N LYS C 205 7.42 -4.00 43.88
CA LYS C 205 7.31 -5.30 44.53
C LYS C 205 6.22 -5.28 45.59
N HIS C 206 6.22 -4.27 46.47
CA HIS C 206 5.14 -4.28 47.46
C HIS C 206 3.78 -3.96 46.83
N ALA C 207 3.76 -3.19 45.74
CA ALA C 207 2.49 -2.96 45.06
C ALA C 207 1.90 -4.27 44.57
N ILE C 208 2.74 -5.12 43.99
CA ILE C 208 2.25 -6.44 43.55
C ILE C 208 1.91 -7.31 44.76
N GLU C 209 2.66 -7.17 45.86
CA GLU C 209 2.35 -7.93 47.07
C GLU C 209 1.00 -7.54 47.65
N ALA C 210 0.63 -6.26 47.54
CA ALA C 210 -0.67 -5.76 47.96
C ALA C 210 -1.73 -5.85 46.87
N SER C 211 -1.37 -6.37 45.70
CA SER C 211 -2.32 -6.45 44.60
C SER C 211 -3.47 -7.39 44.92
N GLY C 212 -3.26 -8.38 45.78
CA GLY C 212 -4.27 -9.35 46.11
C GLY C 212 -4.30 -10.59 45.23
N CYS C 213 -3.18 -10.95 44.61
CA CYS C 213 -3.11 -12.18 43.84
C CYS C 213 -2.94 -13.37 44.78
N PRO C 214 -3.51 -14.52 44.44
CA PRO C 214 -3.40 -15.68 45.34
C PRO C 214 -2.10 -16.46 45.20
N ASN C 215 -1.49 -16.44 44.01
CA ASN C 215 -0.28 -17.22 43.73
C ASN C 215 0.78 -16.27 43.17
N LEU C 216 1.71 -15.86 44.03
CA LEU C 216 2.80 -14.96 43.66
C LEU C 216 4.09 -15.73 43.37
N GLU C 217 3.98 -16.90 42.73
CA GLU C 217 5.17 -17.71 42.47
C GLU C 217 6.05 -17.09 41.38
N ALA C 218 5.43 -16.53 40.34
CA ALA C 218 6.23 -15.92 39.28
C ALA C 218 6.92 -14.66 39.77
N LEU C 219 6.23 -13.86 40.59
CA LEU C 219 6.86 -12.69 41.20
C LEU C 219 8.02 -13.10 42.08
N ASN C 220 7.88 -14.20 42.82
CA ASN C 220 8.98 -14.65 43.67
C ASN C 220 10.15 -15.17 42.85
N HIS C 221 9.87 -15.83 41.72
CA HIS C 221 10.95 -16.24 40.83
C HIS C 221 11.72 -15.03 40.31
N VAL C 222 10.98 -14.01 39.85
CA VAL C 222 11.65 -12.80 39.35
C VAL C 222 12.41 -12.11 40.46
N ASP C 223 11.84 -12.09 41.67
CA ASP C 223 12.49 -11.45 42.81
C ASP C 223 13.79 -12.16 43.19
N ALA C 224 13.76 -13.49 43.23
CA ALA C 224 14.97 -14.25 43.53
C ALA C 224 16.02 -14.02 42.46
N TYR C 225 15.62 -14.02 41.19
CA TYR C 225 16.56 -13.79 40.11
C TYR C 225 17.17 -12.39 40.22
N LEU C 226 16.36 -11.39 40.53
CA LEU C 226 16.84 -10.02 40.62
C LEU C 226 17.72 -9.80 41.85
N SER C 227 17.45 -10.50 42.96
CA SER C 227 18.18 -10.19 44.18
C SER C 227 19.44 -11.04 44.35
N SER C 228 19.40 -12.32 44.03
CA SER C 228 20.53 -13.19 44.32
C SER C 228 21.31 -13.67 43.11
N HIS C 229 20.68 -13.79 41.94
CA HIS C 229 21.39 -14.32 40.78
C HIS C 229 22.39 -13.32 40.25
N ASP C 230 23.45 -13.85 39.61
CA ASP C 230 24.55 -13.03 39.14
C ASP C 230 24.10 -12.09 38.03
N ASP C 231 23.31 -12.60 37.08
CA ASP C 231 22.85 -11.75 35.99
C ASP C 231 21.61 -10.94 36.37
N GLY C 232 20.76 -11.50 37.24
CA GLY C 232 19.58 -10.76 37.67
C GLY C 232 19.90 -9.55 38.54
N ARG C 233 21.03 -9.58 39.24
CA ARG C 233 21.43 -8.44 40.06
C ARG C 233 21.78 -7.22 39.24
N GLN C 234 21.96 -7.36 37.93
CA GLN C 234 22.30 -6.26 37.04
C GLN C 234 21.08 -5.61 36.39
N LEU C 235 19.87 -6.05 36.72
CA LEU C 235 18.66 -5.49 36.13
C LEU C 235 18.04 -4.47 37.08
N ARG C 236 17.64 -3.34 36.53
CA ARG C 236 17.04 -2.25 37.29
C ARG C 236 15.58 -2.10 36.90
N PRO C 237 14.61 -2.62 37.70
CA PRO C 237 13.20 -2.37 37.44
C PRO C 237 12.85 -0.87 37.42
N PHE C 238 12.11 -0.42 36.41
CA PHE C 238 11.78 1.02 36.26
C PHE C 238 10.32 1.25 35.92
N MET C 239 9.58 0.20 35.57
CA MET C 239 8.19 0.43 35.09
C MET C 239 7.31 -0.78 35.33
N LEU C 240 6.02 -0.53 35.49
CA LEU C 240 5.05 -1.61 35.62
C LEU C 240 3.88 -1.34 34.68
N ALA C 241 3.49 -2.35 33.91
CA ALA C 241 2.42 -2.23 32.93
C ALA C 241 1.31 -3.22 33.25
N ILE C 242 0.06 -2.75 33.12
CA ILE C 242 -1.11 -3.58 33.33
C ILE C 242 -2.08 -3.39 32.17
N ASP C 243 -2.95 -4.37 31.99
CA ASP C 243 -4.05 -4.31 31.04
C ASP C 243 -5.33 -3.95 31.78
N LEU C 244 -6.16 -3.11 31.17
CA LEU C 244 -7.41 -2.66 31.80
C LEU C 244 -8.53 -3.67 31.54
N VAL C 245 -8.27 -4.91 31.94
CA VAL C 245 -9.27 -5.98 31.92
C VAL C 245 -9.38 -6.55 33.33
N GLU C 246 -10.16 -7.61 33.49
CA GLU C 246 -10.26 -8.27 34.78
C GLU C 246 -8.88 -8.67 35.28
N PRO C 247 -8.54 -8.41 36.54
CA PRO C 247 -7.18 -8.70 37.02
C PRO C 247 -6.75 -10.15 36.83
N ALA C 248 -7.71 -11.09 36.80
CA ALA C 248 -7.36 -12.48 36.52
C ALA C 248 -6.93 -12.67 35.08
N ALA C 249 -7.33 -11.78 34.18
CA ALA C 249 -6.96 -11.87 32.78
C ALA C 249 -5.91 -10.85 32.38
N SER C 250 -5.52 -9.97 33.31
CA SER C 250 -4.53 -8.94 33.03
C SER C 250 -3.14 -9.49 33.27
N ARG C 251 -2.19 -8.99 32.48
CA ARG C 251 -0.77 -9.25 32.71
C ARG C 251 -0.19 -8.23 33.68
N LEU C 252 0.95 -8.59 34.26
CA LEU C 252 1.71 -7.71 35.15
C LEU C 252 3.14 -7.69 34.61
N LYS C 253 3.45 -6.68 33.79
CA LYS C 253 4.73 -6.63 33.09
C LYS C 253 5.65 -5.68 33.86
N ILE C 254 6.72 -6.24 34.44
CA ILE C 254 7.72 -5.47 35.15
C ILE C 254 8.88 -5.24 34.19
N TYR C 255 9.13 -3.98 33.84
CA TYR C 255 10.21 -3.63 32.93
C TYR C 255 11.47 -3.34 33.73
N ALA C 256 12.59 -3.85 33.23
CA ALA C 256 13.88 -3.72 33.91
C ALA C 256 14.96 -3.45 32.88
N ARG C 257 15.85 -2.52 33.22
CA ARG C 257 16.94 -2.14 32.31
C ARG C 257 18.28 -2.57 32.88
N SER C 258 19.23 -2.78 31.99
CA SER C 258 20.58 -3.17 32.39
C SER C 258 21.58 -2.53 31.42
N ASN C 259 22.76 -2.23 31.94
CA ASN C 259 23.87 -1.80 31.11
C ASN C 259 24.56 -2.97 30.42
N GLN C 260 24.27 -4.21 30.85
CA GLN C 260 24.82 -5.40 30.23
C GLN C 260 24.09 -5.67 28.94
N THR C 261 24.81 -6.10 27.90
CA THR C 261 24.22 -6.22 26.57
C THR C 261 24.72 -7.43 25.78
N SER C 262 25.62 -8.24 26.32
CA SER C 262 26.02 -9.46 25.64
C SER C 262 24.82 -10.37 25.44
N PHE C 263 24.85 -11.16 24.37
CA PHE C 263 23.74 -12.08 24.16
C PHE C 263 23.72 -13.19 25.19
N ARG C 264 24.85 -13.51 25.81
CA ARG C 264 24.83 -14.47 26.91
C ARG C 264 23.93 -13.97 28.03
N PHE C 265 24.04 -12.69 28.36
CA PHE C 265 23.20 -12.10 29.40
C PHE C 265 21.73 -12.09 28.98
N VAL C 266 21.45 -11.69 27.73
CA VAL C 266 20.07 -11.66 27.24
C VAL C 266 19.47 -13.05 27.26
N ARG C 267 20.23 -14.05 26.79
CA ARG C 267 19.76 -15.44 26.83
C ARG C 267 19.48 -15.89 28.25
N ASP C 268 20.34 -15.49 29.20
CA ASP C 268 20.14 -15.92 30.58
C ASP C 268 18.90 -15.27 31.17
N VAL C 269 18.64 -14.01 30.81
CA VAL C 269 17.43 -13.34 31.29
C VAL C 269 16.19 -13.98 30.68
N MET C 270 16.26 -14.33 29.39
CA MET C 270 15.13 -14.99 28.74
C MET C 270 14.81 -16.32 29.41
N THR C 271 15.82 -17.02 29.92
CA THR C 271 15.64 -18.25 30.66
C THR C 271 15.45 -18.02 32.15
N ILE C 272 15.64 -16.78 32.62
CA ILE C 272 15.57 -16.46 34.05
C ILE C 272 16.58 -17.31 34.80
N GLY C 273 17.83 -17.27 34.36
CA GLY C 273 18.88 -18.03 35.01
C GLY C 273 18.75 -19.53 34.86
N GLY C 274 18.13 -20.00 33.79
CA GLY C 274 17.96 -21.43 33.57
C GLY C 274 16.69 -22.00 34.16
N LEU C 275 15.89 -21.19 34.86
CA LEU C 275 14.64 -21.67 35.42
C LEU C 275 13.70 -22.19 34.34
N ARG C 276 13.69 -21.53 33.19
CA ARG C 276 12.84 -21.89 32.07
C ARG C 276 13.64 -22.69 31.06
N THR C 277 13.10 -23.84 30.67
CA THR C 277 13.73 -24.72 29.70
C THR C 277 12.82 -24.86 28.49
N ASP C 278 13.27 -25.67 27.52
CA ASP C 278 12.57 -25.86 26.25
C ASP C 278 12.38 -24.53 25.54
N LEU C 279 13.47 -23.77 25.44
CA LEU C 279 13.50 -22.52 24.69
C LEU C 279 14.69 -22.48 23.73
N ASP C 280 15.40 -23.59 23.57
CA ASP C 280 16.68 -23.58 22.86
C ASP C 280 16.52 -23.21 21.39
N ARG C 281 15.45 -23.71 20.74
CA ARG C 281 15.25 -23.36 19.33
C ARG C 281 14.83 -21.91 19.20
N SER C 282 13.88 -21.48 20.04
CA SER C 282 13.47 -20.08 20.04
C SER C 282 14.65 -19.16 20.33
N ILE C 283 15.53 -19.57 21.25
CA ILE C 283 16.67 -18.72 21.58
C ILE C 283 17.73 -18.74 20.49
N GLU C 284 17.90 -19.87 19.78
CA GLU C 284 18.83 -19.86 18.66
C GLU C 284 18.33 -18.92 17.57
N LYS C 285 17.03 -18.97 17.27
CA LYS C 285 16.45 -18.01 16.34
C LYS C 285 16.57 -16.59 16.88
N PHE C 286 16.45 -16.42 18.19
CA PHE C 286 16.63 -15.11 18.81
C PHE C 286 18.05 -14.59 18.59
N SER C 287 19.05 -15.46 18.73
CA SER C 287 20.43 -15.05 18.48
C SER C 287 20.63 -14.66 17.03
N ASP C 288 20.06 -15.45 16.11
CA ASP C 288 20.11 -15.11 14.69
C ASP C 288 19.52 -13.72 14.44
N LEU C 289 18.29 -13.51 14.94
CA LEU C 289 17.63 -12.23 14.74
C LEU C 289 18.39 -11.09 15.40
N TRP C 290 18.94 -11.33 16.58
CA TRP C 290 19.71 -10.32 17.29
C TRP C 290 20.88 -9.84 16.44
N LYS C 291 21.69 -10.80 15.97
CA LYS C 291 22.86 -10.43 15.18
C LYS C 291 22.46 -9.84 13.82
N ARG C 292 21.34 -10.28 13.24
CA ARG C 292 20.92 -9.69 11.96
C ARG C 292 20.45 -8.26 12.12
N ALA C 293 19.57 -8.02 13.10
CA ALA C 293 19.01 -6.69 13.27
C ALA C 293 20.07 -5.70 13.74
N LEU C 294 20.95 -6.13 14.63
CA LEU C 294 21.97 -5.22 15.14
C LEU C 294 23.18 -5.10 14.22
N GLY C 295 23.15 -5.78 13.07
CA GLY C 295 24.23 -5.70 12.10
C GLY C 295 25.53 -6.35 12.53
N LEU C 296 25.49 -7.27 13.49
CA LEU C 296 26.69 -7.92 14.00
C LEU C 296 27.14 -9.06 13.09
N ASP C 297 28.37 -9.52 13.34
CA ASP C 297 28.92 -10.69 12.67
C ASP C 297 28.14 -11.94 13.07
N PRO C 298 27.71 -12.77 12.11
CA PRO C 298 26.98 -13.99 12.49
C PRO C 298 27.77 -14.93 13.40
N ASP C 299 29.08 -14.75 13.53
CA ASP C 299 29.89 -15.47 14.50
C ASP C 299 30.25 -14.61 15.71
N THR C 300 29.38 -13.68 16.07
CA THR C 300 29.65 -12.84 17.24
C THR C 300 29.66 -13.71 18.48
N PRO C 301 30.75 -13.74 19.25
CA PRO C 301 30.78 -14.50 20.50
C PRO C 301 29.71 -14.02 21.46
N PRO C 302 28.94 -14.94 22.05
CA PRO C 302 27.85 -14.52 22.95
C PRO C 302 28.33 -13.77 24.18
N GLU C 303 29.61 -13.89 24.55
CA GLU C 303 30.11 -13.16 25.71
C GLU C 303 30.51 -11.72 25.38
N ASP C 304 30.57 -11.36 24.10
CA ASP C 304 30.96 -10.02 23.72
C ASP C 304 29.86 -9.02 24.03
N GLU C 305 30.22 -7.93 24.70
CA GLU C 305 29.26 -6.88 24.97
C GLU C 305 29.09 -5.99 23.74
N LEU C 306 27.99 -5.24 23.73
CA LEU C 306 27.74 -4.32 22.64
C LEU C 306 28.70 -3.13 22.76
N PRO C 307 28.98 -2.44 21.65
CA PRO C 307 29.73 -1.18 21.75
C PRO C 307 29.06 -0.24 22.74
N LYS C 308 29.87 0.34 23.62
CA LYS C 308 29.35 1.06 24.78
C LYS C 308 28.62 2.30 24.32
N VAL C 309 27.35 2.40 24.69
CA VAL C 309 26.55 3.61 24.51
C VAL C 309 25.94 3.95 25.86
N ASP C 310 26.21 5.15 26.35
CA ASP C 310 25.74 5.58 27.66
C ASP C 310 24.60 6.58 27.42
N HIS C 311 23.38 6.16 27.74
CA HIS C 311 22.19 6.96 27.55
C HIS C 311 21.19 6.55 28.62
N LEU C 312 20.16 7.40 28.82
CA LEU C 312 19.11 7.05 29.76
C LEU C 312 18.50 5.70 29.43
N THR C 313 18.24 5.44 28.15
CA THR C 313 17.61 4.20 27.72
C THR C 313 18.57 3.28 26.97
N SER C 314 19.87 3.40 27.22
CA SER C 314 20.84 2.47 26.66
C SER C 314 20.80 1.13 27.40
N GLY C 315 21.56 0.17 26.89
CA GLY C 315 21.59 -1.15 27.46
C GLY C 315 20.39 -1.99 27.07
N ALA C 316 20.32 -3.19 27.64
CA ALA C 316 19.26 -4.13 27.31
C ALA C 316 18.09 -3.97 28.29
N VAL C 317 16.88 -3.98 27.73
CA VAL C 317 15.67 -3.84 28.53
C VAL C 317 14.80 -5.08 28.33
N PHE C 318 14.11 -5.47 29.40
CA PHE C 318 13.26 -6.64 29.41
C PHE C 318 11.99 -6.31 30.16
N ASN C 319 10.98 -7.18 30.01
CA ASN C 319 9.86 -7.17 30.94
C ASN C 319 9.51 -8.61 31.31
N PHE C 320 9.07 -8.74 32.55
CA PHE C 320 8.73 -10.04 33.10
C PHE C 320 7.24 -10.06 33.39
N ASP C 321 6.52 -10.98 32.76
CA ASP C 321 5.10 -11.12 33.10
C ASP C 321 5.05 -12.01 34.33
N VAL C 322 4.64 -11.44 35.46
CA VAL C 322 4.61 -12.16 36.75
C VAL C 322 3.17 -12.50 37.05
N ALA C 323 2.40 -12.79 36.02
CA ALA C 323 0.97 -13.00 36.23
C ALA C 323 0.72 -14.28 37.02
N PRO C 324 -0.40 -14.38 37.78
CA PRO C 324 -0.79 -15.59 38.49
C PRO C 324 -0.84 -16.94 37.76
N LYS C 325 -1.48 -17.02 36.60
CA LYS C 325 -1.70 -18.31 35.90
C LYS C 325 -0.42 -18.76 35.22
N SER C 326 0.71 -18.35 35.76
CA SER C 326 1.98 -18.68 35.08
C SER C 326 2.85 -19.53 36.00
N GLN C 327 3.12 -19.08 37.23
CA GLN C 327 4.05 -19.79 38.16
C GLN C 327 5.46 -19.59 37.62
N ILE C 328 5.63 -19.75 36.32
CA ILE C 328 6.94 -19.46 35.67
C ILE C 328 6.74 -18.14 34.95
N PRO C 329 7.53 -17.09 35.25
CA PRO C 329 7.39 -15.80 34.59
C PRO C 329 7.68 -15.84 33.09
N GLU C 330 7.06 -14.95 32.31
CA GLU C 330 7.45 -14.94 30.91
C GLU C 330 8.26 -13.68 30.62
N VAL C 331 9.22 -13.78 29.71
CA VAL C 331 10.19 -12.72 29.49
C VAL C 331 10.07 -12.22 28.07
N LYS C 332 10.05 -10.90 27.91
CA LYS C 332 10.14 -10.26 26.61
C LYS C 332 11.36 -9.35 26.60
N ALA C 333 12.21 -9.50 25.60
CA ALA C 333 13.41 -8.69 25.48
C ALA C 333 13.19 -7.62 24.42
N TYR C 334 13.84 -6.47 24.61
CA TYR C 334 13.71 -5.36 23.66
C TYR C 334 15.09 -5.01 23.14
N ILE C 335 15.34 -5.32 21.87
CA ILE C 335 16.58 -4.97 21.20
C ILE C 335 16.53 -3.47 20.88
N PRO C 336 17.44 -2.68 21.44
CA PRO C 336 17.47 -1.22 21.23
C PRO C 336 18.10 -0.86 19.88
N VAL C 337 17.27 -0.92 18.84
CA VAL C 337 17.74 -0.67 17.48
C VAL C 337 18.34 0.73 17.37
N ARG C 338 17.73 1.70 18.04
CA ARG C 338 18.15 3.09 17.89
C ARG C 338 19.56 3.33 18.42
N HIS C 339 19.99 2.53 19.40
CA HIS C 339 21.28 2.75 20.07
C HIS C 339 22.41 1.91 19.50
N TYR C 340 22.13 0.73 18.95
CA TYR C 340 23.19 -0.19 18.58
C TYR C 340 23.16 -0.65 17.13
N ALA C 341 22.09 -0.39 16.39
CA ALA C 341 22.11 -0.69 14.96
C ALA C 341 22.84 0.42 14.21
N ASN C 342 23.10 0.18 12.93
CA ASN C 342 23.83 1.17 12.14
C ASN C 342 22.90 2.19 11.50
N ASN C 343 21.75 1.74 11.00
CA ASN C 343 20.75 2.64 10.45
C ASN C 343 19.40 1.94 10.43
N ASP C 344 18.34 2.73 10.23
CA ASP C 344 16.99 2.19 10.28
C ASP C 344 16.72 1.24 9.12
N LEU C 345 17.23 1.56 7.94
CA LEU C 345 17.00 0.69 6.78
C LEU C 345 17.70 -0.66 6.97
N GLN C 346 18.93 -0.65 7.48
CA GLN C 346 19.66 -1.90 7.67
C GLN C 346 18.95 -2.80 8.67
N ALA C 347 18.54 -2.25 9.81
CA ALA C 347 17.85 -3.05 10.81
C ALA C 347 16.50 -3.53 10.31
N ALA C 348 15.77 -2.66 9.59
CA ALA C 348 14.48 -3.05 9.04
C ALA C 348 14.64 -4.20 8.05
N LEU C 349 15.66 -4.12 7.19
CA LEU C 349 15.89 -5.18 6.21
C LEU C 349 16.36 -6.46 6.89
N GLY C 350 17.12 -6.35 7.98
CA GLY C 350 17.48 -7.55 8.73
C GLY C 350 16.27 -8.24 9.33
N LEU C 351 15.40 -7.46 9.99
CA LEU C 351 14.16 -8.01 10.52
C LEU C 351 13.31 -8.63 9.42
N ILE C 352 13.22 -7.96 8.28
CA ILE C 352 12.39 -8.45 7.17
C ILE C 352 12.96 -9.73 6.60
N GLY C 353 14.30 -9.81 6.50
CA GLY C 353 14.92 -11.04 6.03
C GLY C 353 14.69 -12.19 6.99
N TYR C 354 14.76 -11.92 8.29
CA TYR C 354 14.40 -12.95 9.26
C TYR C 354 12.98 -13.41 9.05
N LEU C 355 12.03 -12.46 8.97
CA LEU C 355 10.62 -12.83 8.85
C LEU C 355 10.34 -13.61 7.57
N GLU C 356 10.95 -13.21 6.46
CA GLU C 356 10.72 -13.94 5.21
C GLU C 356 11.41 -15.29 5.21
N ASP C 357 12.54 -15.42 5.91
CA ASP C 357 13.18 -16.72 6.01
C ASP C 357 12.33 -17.72 6.78
N HIS C 358 11.43 -17.25 7.65
CA HIS C 358 10.55 -18.10 8.42
C HIS C 358 9.09 -18.02 7.98
N GLY C 359 8.83 -17.44 6.81
CA GLY C 359 7.48 -17.41 6.27
C GLY C 359 6.52 -16.50 7.01
N HIS C 360 7.00 -15.38 7.55
CA HIS C 360 6.16 -14.43 8.28
C HIS C 360 6.22 -13.02 7.71
N GLY C 361 6.66 -12.89 6.46
CA GLY C 361 6.90 -11.57 5.91
C GLY C 361 5.88 -11.14 4.86
N GLY C 362 4.62 -11.53 5.06
CA GLY C 362 3.58 -11.15 4.12
C GLY C 362 3.32 -9.65 4.06
N TYR C 363 3.65 -8.92 5.13
CA TYR C 363 3.39 -7.49 5.23
C TYR C 363 4.68 -6.67 5.27
N SER C 364 5.74 -7.15 4.63
CA SER C 364 7.04 -6.49 4.72
C SER C 364 7.03 -5.15 4.00
N GLN C 365 6.47 -5.09 2.80
CA GLN C 365 6.47 -3.83 2.05
C GLN C 365 5.49 -2.83 2.64
N SER C 366 4.38 -3.30 3.23
CA SER C 366 3.51 -2.41 3.98
C SER C 366 4.26 -1.79 5.16
N TYR C 367 5.05 -2.60 5.86
CA TYR C 367 5.87 -2.08 6.96
C TYR C 367 6.88 -1.06 6.47
N LEU C 368 7.49 -1.32 5.31
CA LEU C 368 8.46 -0.37 4.77
C LEU C 368 7.78 0.93 4.34
N ARG C 369 6.57 0.85 3.78
CA ARG C 369 5.84 2.07 3.46
C ARG C 369 5.49 2.85 4.72
N GLY C 370 5.15 2.15 5.81
CA GLY C 370 4.92 2.84 7.07
C GLY C 370 6.18 3.52 7.59
N LEU C 371 7.32 2.87 7.43
CA LEU C 371 8.58 3.44 7.95
C LEU C 371 8.92 4.71 7.18
N ASP C 372 8.73 4.72 5.87
CA ASP C 372 8.99 5.91 5.04
C ASP C 372 8.10 7.05 5.51
N MET C 373 6.82 6.77 5.68
CA MET C 373 5.88 7.79 6.18
C MET C 373 6.43 8.35 7.48
N LEU C 374 6.94 7.48 8.34
CA LEU C 374 7.37 8.04 9.62
C LEU C 374 8.73 8.70 9.55
N ALA C 375 9.58 8.31 8.62
CA ALA C 375 10.98 8.72 8.64
C ALA C 375 11.14 10.17 8.19
N PRO C 376 12.02 10.93 8.84
CA PRO C 376 12.46 12.21 8.28
C PRO C 376 13.01 12.00 6.87
N SER C 377 12.67 12.94 5.97
CA SER C 377 12.88 12.79 4.53
C SER C 377 14.31 12.37 4.17
N GLY C 378 14.48 11.11 3.78
CA GLY C 378 15.77 10.66 3.29
C GLY C 378 16.78 10.35 4.37
N GLN C 379 16.38 9.65 5.43
CA GLN C 379 17.32 9.37 6.51
C GLN C 379 17.25 7.93 7.02
N LEU C 380 16.45 7.06 6.40
CA LEU C 380 16.32 5.69 6.90
C LEU C 380 17.64 4.95 6.84
N ASP C 381 18.34 5.03 5.72
CA ASP C 381 19.59 4.31 5.50
C ASP C 381 20.80 5.01 6.09
N GLN C 382 20.64 6.21 6.63
CA GLN C 382 21.76 6.98 7.16
C GLN C 382 21.79 7.10 8.67
N ALA C 383 20.64 7.02 9.35
CA ALA C 383 20.59 7.20 10.79
C ALA C 383 19.57 6.26 11.39
N THR C 384 19.55 6.21 12.72
CA THR C 384 18.54 5.49 13.48
C THR C 384 17.54 6.49 14.09
N GLY C 385 16.63 5.96 14.89
CA GLY C 385 15.69 6.80 15.60
C GLY C 385 14.24 6.44 15.34
N VAL C 386 13.94 6.03 14.11
CA VAL C 386 12.57 5.65 13.76
C VAL C 386 12.18 4.37 14.49
N GLN C 387 12.99 3.33 14.36
CA GLN C 387 12.77 2.07 15.06
C GLN C 387 13.48 2.12 16.40
N THR C 388 12.69 2.18 17.49
CA THR C 388 13.28 2.25 18.82
C THR C 388 13.63 0.87 19.36
N TYR C 389 12.71 -0.08 19.24
CA TYR C 389 12.92 -1.42 19.80
C TYR C 389 12.38 -2.49 18.87
N PHE C 390 13.04 -3.64 18.90
CA PHE C 390 12.49 -4.89 18.40
C PHE C 390 12.22 -5.78 19.61
N ALA C 391 10.96 -5.99 19.94
CA ALA C 391 10.58 -6.84 21.07
C ALA C 391 10.45 -8.27 20.61
N VAL C 392 11.03 -9.18 21.39
CA VAL C 392 11.12 -10.60 21.10
C VAL C 392 10.58 -11.37 22.30
N ALA C 393 9.66 -12.31 22.04
CA ALA C 393 9.23 -13.30 23.01
C ALA C 393 9.35 -14.69 22.40
N CYS C 394 9.55 -15.70 23.24
CA CYS C 394 9.76 -17.07 22.78
C CYS C 394 8.45 -17.84 22.87
N GLN C 395 7.88 -18.18 21.71
CA GLN C 395 6.63 -18.93 21.63
C GLN C 395 6.96 -20.32 21.07
N GLY C 396 7.25 -21.26 21.97
CA GLY C 396 7.57 -22.62 21.57
C GLY C 396 8.89 -22.69 20.83
N GLU C 397 8.83 -22.81 19.50
CA GLU C 397 10.01 -22.78 18.65
C GLU C 397 10.16 -21.48 17.89
N ASP C 398 9.20 -20.58 17.97
CA ASP C 398 9.19 -19.40 17.12
C ASP C 398 9.36 -18.16 17.98
N LEU C 399 9.47 -17.02 17.29
CA LEU C 399 9.60 -15.73 17.95
C LEU C 399 8.34 -14.91 17.70
N SER C 400 7.88 -14.21 18.74
CA SER C 400 6.86 -13.21 18.61
C SER C 400 7.56 -11.86 18.60
N LEU C 401 7.38 -11.11 17.51
CA LEU C 401 8.15 -9.91 17.24
C LEU C 401 7.25 -8.68 17.19
N THR C 402 7.76 -7.57 17.70
CA THR C 402 7.06 -6.29 17.63
C THR C 402 8.07 -5.18 17.35
N SER C 403 7.76 -4.30 16.40
CA SER C 403 8.61 -3.16 16.13
C SER C 403 8.00 -1.91 16.75
N TYR C 404 8.80 -1.17 17.49
CA TYR C 404 8.35 0.06 18.13
C TYR C 404 8.91 1.26 17.38
N LEU C 405 8.06 2.27 17.18
CA LEU C 405 8.32 3.33 16.21
C LEU C 405 8.13 4.70 16.85
N ASN C 406 9.11 5.56 16.67
CA ASN C 406 9.08 6.93 17.15
C ASN C 406 8.91 7.87 15.96
N PRO C 407 7.84 8.68 15.92
CA PRO C 407 7.69 9.65 14.82
C PRO C 407 8.71 10.77 14.85
N GLN C 408 9.42 10.96 15.97
CA GLN C 408 10.50 11.94 16.07
C GLN C 408 10.01 13.35 15.73
N PHE C 409 9.08 13.84 16.55
CA PHE C 409 8.53 15.18 16.34
C PHE C 409 9.59 16.25 16.53
N TYR C 410 10.54 16.03 17.43
CA TYR C 410 11.50 17.04 17.84
C TYR C 410 12.90 16.80 17.30
N ALA C 411 13.37 15.55 17.30
CA ALA C 411 14.66 15.24 16.72
C ALA C 411 14.70 15.49 15.22
N ALA C 412 13.54 15.47 14.56
CA ALA C 412 13.42 15.65 13.11
C ALA C 412 12.47 16.80 12.80
N PHE C 413 12.61 17.92 13.52
CA PHE C 413 11.70 19.04 13.34
C PHE C 413 11.82 19.61 11.93
N SER D 11 14.11 -0.75 -3.43
CA SER D 11 13.59 -0.62 -4.79
C SER D 11 14.48 -1.30 -5.82
N VAL D 12 13.84 -2.05 -6.73
CA VAL D 12 14.58 -2.67 -7.83
C VAL D 12 15.25 -1.59 -8.67
N TRP D 13 14.53 -0.49 -8.90
CA TRP D 13 15.09 0.59 -9.69
C TRP D 13 16.31 1.19 -9.01
N LYS D 14 16.28 1.31 -7.67
CA LYS D 14 17.43 1.85 -6.96
C LYS D 14 18.67 0.98 -7.18
N THR D 15 18.52 -0.34 -7.09
CA THR D 15 19.63 -1.25 -7.33
C THR D 15 20.17 -1.09 -8.75
N LEU D 16 19.28 -1.17 -9.75
CA LEU D 16 19.73 -1.08 -11.14
C LEU D 16 20.39 0.27 -11.43
N ASN D 17 19.78 1.36 -10.96
CA ASN D 17 20.37 2.67 -11.13
C ASN D 17 21.72 2.78 -10.43
N LYS D 18 21.89 2.04 -9.34
CA LYS D 18 23.15 2.06 -8.61
C LYS D 18 24.25 1.34 -9.39
N TRP D 19 23.90 0.29 -10.13
CA TRP D 19 24.94 -0.52 -10.76
C TRP D 19 25.02 -0.41 -12.28
N LEU D 20 23.95 -0.02 -12.96
CA LEU D 20 24.01 0.08 -14.42
C LEU D 20 24.87 1.28 -14.83
N PRO D 21 25.53 1.19 -15.99
CA PRO D 21 26.36 2.30 -16.45
C PRO D 21 25.53 3.55 -16.64
N PRO D 22 26.11 4.72 -16.38
CA PRO D 22 25.34 5.97 -16.50
C PRO D 22 25.00 6.29 -17.95
N LEU D 23 23.98 7.13 -18.11
CA LEU D 23 23.43 7.54 -19.40
C LEU D 23 23.60 9.04 -19.59
N SER D 24 23.38 9.47 -20.83
CA SER D 24 23.34 10.90 -21.13
C SER D 24 22.26 11.60 -20.31
N ARG D 25 22.30 12.93 -20.32
CA ARG D 25 21.38 13.72 -19.49
C ARG D 25 19.92 13.39 -19.83
N ASP D 26 19.55 13.49 -21.12
CA ASP D 26 18.16 13.23 -21.51
C ASP D 26 17.77 11.78 -21.24
N LYS D 27 18.64 10.85 -21.65
CA LYS D 27 18.35 9.43 -21.45
C LYS D 27 18.28 9.10 -19.97
N ASP D 28 19.12 9.72 -19.15
CA ASP D 28 19.06 9.45 -17.71
C ASP D 28 17.80 10.05 -17.09
N TRP D 29 17.35 11.21 -17.60
CA TRP D 29 16.07 11.74 -17.12
C TRP D 29 14.94 10.79 -17.42
N TRP D 30 14.90 10.27 -18.64
CA TRP D 30 13.87 9.29 -18.98
C TRP D 30 13.99 8.04 -18.13
N TRP D 31 15.23 7.61 -17.85
CA TRP D 31 15.45 6.47 -16.98
C TRP D 31 14.88 6.73 -15.58
N LYS D 32 15.31 7.81 -14.95
CA LYS D 32 14.92 8.13 -13.58
C LYS D 32 13.47 8.58 -13.46
N THR D 33 12.78 8.83 -14.58
CA THR D 33 11.35 9.11 -14.52
C THR D 33 10.51 7.87 -14.82
N LEU D 34 10.79 7.16 -15.92
CA LEU D 34 9.98 6.02 -16.31
C LEU D 34 10.22 4.83 -15.39
N GLY D 35 11.47 4.57 -15.01
CA GLY D 35 11.80 3.44 -14.17
C GLY D 35 11.02 3.39 -12.87
N PRO D 36 11.03 4.48 -12.09
CA PRO D 36 10.23 4.47 -10.85
C PRO D 36 8.75 4.28 -11.09
N GLN D 37 8.19 4.88 -12.14
CA GLN D 37 6.75 4.72 -12.41
C GLN D 37 6.42 3.27 -12.76
N ILE D 38 7.14 2.70 -13.73
CA ILE D 38 6.89 1.33 -14.13
C ILE D 38 7.12 0.37 -12.97
N ASN D 39 8.18 0.61 -12.19
CA ASN D 39 8.48 -0.25 -11.05
C ASN D 39 7.37 -0.19 -10.00
N THR D 40 6.85 1.02 -9.72
CA THR D 40 5.75 1.15 -8.78
C THR D 40 4.50 0.44 -9.28
N LEU D 41 4.18 0.60 -10.57
CA LEU D 41 3.01 -0.07 -11.12
C LEU D 41 3.14 -1.58 -11.04
N LEU D 42 4.33 -2.11 -11.36
CA LEU D 42 4.53 -3.56 -11.30
C LEU D 42 4.51 -4.06 -9.87
N THR D 43 5.08 -3.30 -8.93
CA THR D 43 5.10 -3.71 -7.54
C THR D 43 3.69 -3.74 -6.96
N GLU D 44 2.90 -2.71 -7.25
CA GLU D 44 1.53 -2.65 -6.76
C GLU D 44 0.68 -3.77 -7.36
N ALA D 45 1.05 -4.28 -8.53
CA ALA D 45 0.36 -5.41 -9.15
C ALA D 45 0.95 -6.75 -8.70
N ASP D 46 1.85 -6.74 -7.72
CA ASP D 46 2.42 -7.96 -7.12
C ASP D 46 3.21 -8.78 -8.12
N TYR D 47 3.93 -8.11 -9.02
CA TYR D 47 4.85 -8.83 -9.88
C TYR D 47 6.02 -9.34 -9.03
N ASP D 48 6.45 -10.57 -9.30
CA ASP D 48 7.61 -11.07 -8.56
C ASP D 48 8.86 -10.30 -8.97
N LEU D 49 9.85 -10.29 -8.06
CA LEU D 49 10.99 -9.40 -8.18
C LEU D 49 11.73 -9.60 -9.49
N ASN D 50 11.90 -10.85 -9.92
CA ASN D 50 12.66 -11.13 -11.14
C ASN D 50 12.03 -10.47 -12.35
N GLU D 51 10.70 -10.42 -12.40
CA GLU D 51 10.02 -9.86 -13.56
C GLU D 51 10.09 -8.33 -13.55
N ARG D 52 10.10 -7.71 -12.36
CA ARG D 52 10.36 -6.29 -12.28
C ARG D 52 11.77 -5.96 -12.78
N TYR D 53 12.74 -6.79 -12.40
CA TYR D 53 14.10 -6.62 -12.92
C TYR D 53 14.12 -6.74 -14.43
N GLU D 54 13.42 -7.73 -14.98
CA GLU D 54 13.36 -7.90 -16.44
C GLU D 54 12.77 -6.66 -17.10
N ALA D 55 11.66 -6.16 -16.56
CA ALA D 55 11.00 -5.01 -17.17
C ALA D 55 11.90 -3.78 -17.14
N LEU D 56 12.57 -3.54 -16.01
CA LEU D 56 13.41 -2.34 -15.94
C LEU D 56 14.66 -2.47 -16.79
N LEU D 57 15.18 -3.69 -16.95
CA LEU D 57 16.31 -3.89 -17.85
C LEU D 57 15.91 -3.66 -19.30
N LEU D 58 14.75 -4.18 -19.71
CA LEU D 58 14.23 -3.88 -21.04
C LEU D 58 14.08 -2.38 -21.24
N LEU D 59 13.47 -1.70 -20.26
CA LEU D 59 13.30 -0.26 -20.34
C LEU D 59 14.64 0.45 -20.52
N TYR D 60 15.64 0.07 -19.73
CA TYR D 60 16.94 0.71 -19.79
C TYR D 60 17.64 0.46 -21.13
N ARG D 61 17.47 -0.74 -21.69
CA ARG D 61 18.22 -1.13 -22.88
C ARG D 61 17.57 -0.65 -24.18
N TRP D 62 16.27 -0.85 -24.33
CA TRP D 62 15.61 -0.67 -25.62
C TRP D 62 14.65 0.49 -25.71
N VAL D 63 14.17 1.01 -24.58
CA VAL D 63 13.15 2.04 -24.57
C VAL D 63 13.75 3.41 -24.25
N VAL D 64 14.51 3.49 -23.16
CA VAL D 64 15.08 4.77 -22.74
C VAL D 64 15.94 5.42 -23.82
N PRO D 65 16.80 4.69 -24.56
CA PRO D 65 17.62 5.36 -25.58
C PRO D 65 16.83 6.02 -26.71
N GLU D 66 15.56 5.67 -26.88
CA GLU D 66 14.76 6.19 -28.00
C GLU D 66 13.62 7.09 -27.54
N MET D 67 13.71 7.64 -26.33
CA MET D 67 12.67 8.53 -25.83
C MET D 67 12.90 9.99 -26.19
N GLY D 68 14.05 10.33 -26.78
CA GLY D 68 14.32 11.66 -27.25
C GLY D 68 14.67 12.67 -26.18
N PRO D 69 14.62 13.94 -26.54
CA PRO D 69 15.00 14.99 -25.58
C PRO D 69 14.08 15.01 -24.37
N ARG D 70 14.64 15.45 -23.25
CA ARG D 70 13.91 15.58 -22.00
C ARG D 70 12.85 16.66 -22.09
N PRO D 71 11.71 16.48 -21.41
CA PRO D 71 10.73 17.57 -21.30
C PRO D 71 11.29 18.75 -20.53
N SER D 87 2.52 13.02 -24.48
CA SER D 87 3.46 12.16 -23.79
C SER D 87 3.71 10.92 -24.64
N PRO D 88 4.95 10.53 -24.83
CA PRO D 88 5.24 9.41 -25.73
C PRO D 88 5.12 8.07 -25.02
N ILE D 89 4.49 8.05 -23.85
CA ILE D 89 4.27 6.82 -23.11
C ILE D 89 2.87 6.85 -22.52
N GLU D 90 2.20 5.69 -22.55
CA GLU D 90 0.86 5.54 -21.99
C GLU D 90 0.81 4.20 -21.28
N TYR D 91 0.54 4.21 -19.97
CA TYR D 91 0.43 2.97 -19.23
C TYR D 91 -1.00 2.44 -19.33
N SER D 92 -1.15 1.15 -19.03
CA SER D 92 -2.48 0.57 -18.98
C SER D 92 -2.47 -0.56 -17.96
N TRP D 93 -3.59 -0.67 -17.27
CA TRP D 93 -3.77 -1.51 -16.07
C TRP D 93 -5.02 -2.33 -16.35
N LYS D 94 -4.83 -3.60 -16.72
CA LYS D 94 -5.94 -4.49 -17.04
C LYS D 94 -6.36 -5.22 -15.77
N TRP D 95 -7.63 -5.09 -15.41
CA TRP D 95 -8.16 -5.78 -14.24
C TRP D 95 -8.54 -7.21 -14.61
N ILE D 96 -7.89 -8.18 -13.96
CA ILE D 96 -8.14 -9.59 -14.21
C ILE D 96 -9.14 -10.11 -13.18
N SER D 97 -10.08 -10.93 -13.64
CA SER D 97 -11.09 -11.55 -12.80
C SER D 97 -10.48 -12.63 -11.91
N GLY D 98 -11.26 -13.10 -10.95
CA GLY D 98 -10.85 -14.23 -10.12
C GLY D 98 -9.77 -13.94 -9.10
N ASN D 99 -9.72 -12.72 -8.58
CA ASN D 99 -8.76 -12.33 -7.55
C ASN D 99 -7.31 -12.47 -8.05
N LYS D 100 -7.12 -12.37 -9.36
CA LYS D 100 -5.77 -12.45 -9.90
C LYS D 100 -5.10 -11.08 -9.98
N LYS D 101 -3.80 -11.12 -10.23
CA LYS D 101 -3.00 -9.90 -10.30
C LYS D 101 -3.34 -9.11 -11.56
N PRO D 102 -3.46 -7.79 -11.46
CA PRO D 102 -3.69 -6.99 -12.67
C PRO D 102 -2.51 -7.12 -13.62
N GLU D 103 -2.76 -6.84 -14.89
CA GLU D 103 -1.73 -6.92 -15.92
C GLU D 103 -1.31 -5.52 -16.31
N ILE D 104 0.00 -5.27 -16.30
CA ILE D 104 0.54 -3.96 -16.64
C ILE D 104 1.09 -4.03 -18.06
N ARG D 105 0.71 -3.04 -18.86
CA ARG D 105 1.23 -2.89 -20.21
C ARG D 105 1.54 -1.42 -20.39
N TYR D 106 2.39 -1.13 -21.37
CA TYR D 106 2.55 0.28 -21.74
C TYR D 106 2.86 0.39 -23.21
N ALA D 107 2.25 1.39 -23.84
CA ALA D 107 2.50 1.73 -25.23
C ALA D 107 3.46 2.89 -25.29
N VAL D 108 4.36 2.84 -26.27
CA VAL D 108 5.41 3.83 -26.43
C VAL D 108 5.56 4.17 -27.92
N GLU D 109 5.82 5.45 -28.17
CA GLU D 109 6.21 5.98 -29.47
C GLU D 109 7.65 6.45 -29.33
N LEU D 110 8.59 5.61 -29.75
CA LEU D 110 9.98 6.03 -29.72
C LEU D 110 10.22 7.11 -30.78
N VAL D 111 11.26 7.91 -30.56
CA VAL D 111 11.56 9.05 -31.42
C VAL D 111 13.06 9.09 -31.69
N SER D 112 13.42 9.80 -32.75
CA SER D 112 14.79 9.99 -33.18
C SER D 112 14.94 11.40 -33.71
N PRO D 113 16.18 11.92 -33.77
CA PRO D 113 16.37 13.24 -34.37
C PRO D 113 15.96 13.31 -35.84
N LEU D 114 15.85 12.17 -36.52
CA LEU D 114 15.42 12.13 -37.92
C LEU D 114 13.91 12.17 -38.11
N ALA D 115 13.14 12.22 -37.03
CA ALA D 115 11.68 12.30 -37.17
C ALA D 115 11.31 13.56 -37.94
N GLY D 116 10.60 13.37 -39.06
CA GLY D 116 10.24 14.46 -39.94
C GLY D 116 11.19 14.67 -41.10
N SER D 117 12.43 14.17 -41.00
CA SER D 117 13.42 14.32 -42.04
C SER D 117 13.03 13.54 -43.30
N LYS D 118 13.82 13.73 -44.36
CA LYS D 118 13.69 12.91 -45.55
C LYS D 118 13.91 11.44 -45.24
N GLN D 119 14.67 11.14 -44.19
CA GLN D 119 15.05 9.78 -43.86
C GLN D 119 14.01 9.06 -43.00
N ASP D 120 13.09 9.80 -42.37
CA ASP D 120 12.02 9.20 -41.58
C ASP D 120 10.92 10.23 -41.33
N PRO D 121 10.12 10.57 -42.35
CA PRO D 121 9.13 11.66 -42.17
C PRO D 121 8.02 11.32 -41.17
N PHE D 122 7.82 10.04 -40.84
CA PHE D 122 6.74 9.66 -39.94
C PHE D 122 7.22 8.89 -38.72
N ASN D 123 8.51 8.98 -38.40
CA ASN D 123 9.09 8.39 -37.18
C ASN D 123 8.76 6.90 -37.07
N GLN D 124 9.29 6.13 -38.03
CA GLN D 124 9.01 4.71 -38.12
C GLN D 124 10.18 3.80 -37.77
N ILE D 125 11.41 4.26 -37.95
CA ILE D 125 12.60 3.42 -37.78
C ILE D 125 12.80 2.94 -36.35
N PRO D 126 12.60 3.79 -35.32
CA PRO D 126 12.81 3.30 -33.94
C PRO D 126 11.94 2.13 -33.56
N THR D 127 10.66 2.15 -33.91
CA THR D 127 9.77 1.04 -33.57
C THR D 127 10.17 -0.23 -34.31
N ARG D 128 10.51 -0.11 -35.59
CA ARG D 128 11.01 -1.26 -36.35
C ARG D 128 12.25 -1.88 -35.70
N ASN D 129 13.25 -1.05 -35.36
CA ASN D 129 14.46 -1.59 -34.73
C ASN D 129 14.13 -2.25 -33.39
N LEU D 130 13.27 -1.62 -32.58
CA LEU D 130 12.88 -2.22 -31.31
C LEU D 130 12.22 -3.58 -31.51
N VAL D 131 11.29 -3.65 -32.46
CA VAL D 131 10.58 -4.90 -32.71
C VAL D 131 11.55 -6.00 -33.13
N TYR D 132 12.50 -5.67 -34.02
CA TYR D 132 13.42 -6.70 -34.48
C TYR D 132 14.40 -7.14 -33.38
N ASN D 133 14.86 -6.19 -32.56
CA ASN D 133 15.70 -6.55 -31.41
C ASN D 133 14.96 -7.48 -30.45
N LEU D 134 13.71 -7.12 -30.11
CA LEU D 134 12.94 -7.98 -29.22
C LEU D 134 12.70 -9.35 -29.84
N ALA D 135 12.46 -9.40 -31.15
CA ALA D 135 12.30 -10.69 -31.84
C ALA D 135 13.56 -11.52 -31.73
N LYS D 136 14.73 -10.87 -31.80
CA LYS D 136 15.98 -11.59 -31.58
C LYS D 136 16.08 -12.13 -30.17
N ILE D 137 15.63 -11.34 -29.19
CA ILE D 137 15.79 -11.73 -27.79
C ILE D 137 14.72 -12.73 -27.37
N ILE D 138 13.50 -12.61 -27.90
CA ILE D 138 12.40 -13.49 -27.56
C ILE D 138 12.02 -14.32 -28.77
N PRO D 139 12.51 -15.56 -28.90
CA PRO D 139 12.22 -16.35 -30.10
C PRO D 139 10.75 -16.70 -30.29
N GLU D 140 9.93 -16.62 -29.25
CA GLU D 140 8.51 -16.91 -29.41
C GLU D 140 7.78 -15.85 -30.22
N LEU D 141 8.38 -14.68 -30.42
CA LEU D 141 7.73 -13.61 -31.18
C LEU D 141 7.72 -13.95 -32.67
N ASP D 142 6.56 -13.73 -33.30
CA ASP D 142 6.37 -13.97 -34.73
C ASP D 142 6.17 -12.65 -35.45
N LEU D 143 6.89 -12.45 -36.56
CA LEU D 143 6.86 -11.18 -37.29
C LEU D 143 6.22 -11.28 -38.66
N THR D 144 5.57 -12.39 -38.99
CA THR D 144 4.97 -12.55 -40.32
C THR D 144 3.93 -11.46 -40.59
N TRP D 145 2.92 -11.36 -39.74
CA TRP D 145 1.90 -10.33 -39.95
C TRP D 145 2.45 -8.94 -39.73
N PHE D 146 3.44 -8.79 -38.84
CA PHE D 146 4.13 -7.51 -38.69
C PHE D 146 4.69 -7.04 -40.02
N GLU D 147 5.45 -7.91 -40.68
CA GLU D 147 6.05 -7.54 -41.95
C GLU D 147 5.02 -7.31 -43.04
N HIS D 148 3.99 -8.16 -43.10
CA HIS D 148 2.95 -7.97 -44.12
C HIS D 148 2.28 -6.61 -43.97
N PHE D 149 1.77 -6.32 -42.76
CA PHE D 149 1.03 -5.09 -42.57
C PHE D 149 1.93 -3.86 -42.65
N TRP D 150 3.19 -3.95 -42.22
CA TRP D 150 4.10 -2.83 -42.45
C TRP D 150 4.26 -2.58 -43.93
N HIS D 151 4.49 -3.65 -44.70
CA HIS D 151 4.65 -3.49 -46.15
C HIS D 151 3.43 -2.85 -46.77
N GLU D 152 2.24 -3.23 -46.32
CA GLU D 152 1.02 -2.73 -46.96
C GLU D 152 0.65 -1.32 -46.51
N LEU D 153 0.89 -0.95 -45.25
CA LEU D 153 0.39 0.31 -44.71
C LEU D 153 1.45 1.39 -44.54
N LEU D 154 2.72 1.00 -44.43
CA LEU D 154 3.77 2.01 -44.15
C LEU D 154 4.84 2.01 -45.25
N GLY D 155 5.00 0.92 -46.00
CA GLY D 155 6.09 0.84 -47.00
C GLY D 155 5.61 0.86 -48.43
N PRO D 156 6.11 -0.03 -49.33
CA PRO D 156 5.59 -0.11 -50.70
C PRO D 156 4.14 -0.59 -50.67
N GLY D 157 3.19 0.32 -50.92
CA GLY D 157 1.76 0.01 -50.80
C GLY D 157 1.13 1.25 -50.19
N SER D 158 1.96 2.12 -49.63
CA SER D 158 1.49 3.39 -49.03
C SER D 158 1.62 4.52 -50.05
N PRO D 159 0.69 5.50 -50.05
CA PRO D 159 0.77 6.65 -50.94
C PRO D 159 1.52 7.85 -50.33
N GLY D 170 -0.18 12.61 -36.51
CA GLY D 170 1.10 12.85 -35.85
C GLY D 170 2.16 11.77 -35.97
N SER D 171 1.77 10.50 -35.97
CA SER D 171 2.71 9.41 -36.21
C SER D 171 1.97 8.25 -36.85
N THR D 172 2.75 7.27 -37.33
CA THR D 172 2.19 6.17 -38.10
C THR D 172 2.38 4.79 -37.49
N VAL D 173 3.21 4.64 -36.46
CA VAL D 173 3.43 3.32 -35.86
C VAL D 173 3.93 3.51 -34.44
N PHE D 174 3.52 2.62 -33.56
CA PHE D 174 4.12 2.55 -32.24
C PHE D 174 3.92 1.15 -31.66
N ALA D 175 4.54 0.91 -30.51
CA ALA D 175 4.56 -0.44 -29.97
C ALA D 175 4.01 -0.45 -28.55
N ALA D 176 3.68 -1.66 -28.07
CA ALA D 176 3.17 -1.82 -26.72
C ALA D 176 3.75 -3.10 -26.15
N LEU D 177 4.21 -3.00 -24.93
CA LEU D 177 4.78 -4.15 -24.24
C LEU D 177 3.84 -4.62 -23.14
N GLU D 178 3.48 -5.89 -23.17
CA GLU D 178 2.55 -6.48 -22.19
C GLU D 178 3.27 -7.44 -21.25
N MET D 179 3.51 -7.04 -20.01
CA MET D 179 4.09 -7.95 -19.00
C MET D 179 2.95 -8.85 -18.52
N LEU D 180 2.88 -10.06 -19.04
CA LEU D 180 1.79 -10.99 -18.77
C LEU D 180 2.15 -12.01 -17.69
N HIS D 181 2.94 -11.61 -16.68
CA HIS D 181 3.31 -12.47 -15.57
C HIS D 181 3.94 -13.77 -16.07
N GLY D 182 5.25 -13.75 -16.32
CA GLY D 182 6.00 -14.92 -16.74
C GLY D 182 6.52 -14.84 -18.17
N HIS D 183 5.90 -14.05 -19.03
CA HIS D 183 6.41 -13.88 -20.39
C HIS D 183 5.96 -12.52 -20.91
N LEU D 184 6.62 -12.06 -21.96
CA LEU D 184 6.38 -10.76 -22.54
C LEU D 184 5.63 -10.91 -23.86
N SER D 185 4.61 -10.07 -24.05
CA SER D 185 3.90 -10.01 -25.32
C SER D 185 4.09 -8.63 -25.94
N VAL D 186 4.18 -8.61 -27.26
CA VAL D 186 4.40 -7.33 -27.97
C VAL D 186 3.24 -7.08 -28.92
N LYS D 187 2.78 -5.85 -28.97
CA LYS D 187 1.70 -5.46 -29.87
C LYS D 187 2.13 -4.28 -30.73
N VAL D 188 1.73 -4.28 -32.00
CA VAL D 188 2.15 -3.19 -32.93
C VAL D 188 0.92 -2.45 -33.49
N TYR D 189 0.94 -1.12 -33.42
CA TYR D 189 -0.14 -0.27 -33.89
C TYR D 189 0.33 0.51 -35.11
N PHE D 190 -0.40 0.39 -36.21
CA PHE D 190 -0.17 1.09 -37.46
C PHE D 190 -1.23 2.16 -37.68
N ILE D 191 -0.81 3.39 -37.95
CA ILE D 191 -1.73 4.48 -38.26
C ILE D 191 -1.45 4.98 -39.67
N PRO D 192 -2.19 4.49 -40.68
CA PRO D 192 -1.87 4.87 -42.07
C PRO D 192 -2.07 6.37 -42.29
N VAL D 193 -1.31 6.91 -43.23
CA VAL D 193 -1.47 8.31 -43.61
C VAL D 193 -2.61 8.41 -44.61
N GLU D 194 -3.53 9.34 -44.36
CA GLU D 194 -4.71 9.46 -45.19
C GLU D 194 -4.48 10.44 -46.33
N THR D 195 -5.01 10.09 -47.49
CA THR D 195 -5.01 10.90 -48.69
C THR D 195 -6.45 10.98 -49.19
N PRO D 196 -6.78 11.98 -50.00
CA PRO D 196 -8.17 12.08 -50.48
C PRO D 196 -8.67 10.83 -51.19
N ASP D 197 -7.78 10.03 -51.79
CA ASP D 197 -8.18 8.82 -52.50
C ASP D 197 -8.06 7.55 -51.67
N PHE D 198 -7.26 7.57 -50.59
CA PHE D 198 -7.02 6.39 -49.76
C PHE D 198 -7.22 6.78 -48.30
N SER D 199 -8.43 6.57 -47.80
CA SER D 199 -8.69 6.73 -46.38
C SER D 199 -7.99 5.63 -45.60
N ALA D 200 -7.80 5.88 -44.29
CA ALA D 200 -7.20 4.86 -43.43
C ALA D 200 -8.01 3.56 -43.48
N TRP D 201 -9.34 3.68 -43.51
CA TRP D 201 -10.17 2.49 -43.54
C TRP D 201 -9.97 1.68 -44.82
N HIS D 202 -9.82 2.37 -45.96
CA HIS D 202 -9.58 1.68 -47.22
C HIS D 202 -8.28 0.88 -47.17
N GLN D 203 -7.19 1.52 -46.74
CA GLN D 203 -5.91 0.84 -46.65
C GLN D 203 -5.96 -0.33 -45.69
N ILE D 204 -6.58 -0.12 -44.51
CA ILE D 204 -6.64 -1.18 -43.50
C ILE D 204 -7.46 -2.37 -44.01
N LYS D 205 -8.61 -2.10 -44.64
CA LYS D 205 -9.44 -3.18 -45.14
C LYS D 205 -8.71 -3.96 -46.23
N HIS D 206 -8.04 -3.26 -47.16
CA HIS D 206 -7.35 -3.97 -48.22
C HIS D 206 -6.18 -4.77 -47.67
N ALA D 207 -5.50 -4.24 -46.64
CA ALA D 207 -4.41 -4.98 -46.00
C ALA D 207 -4.93 -6.25 -45.35
N ILE D 208 -6.05 -6.19 -44.64
CA ILE D 208 -6.59 -7.39 -44.03
C ILE D 208 -7.07 -8.36 -45.10
N GLU D 209 -7.60 -7.86 -46.21
CA GLU D 209 -8.02 -8.73 -47.30
C GLU D 209 -6.84 -9.47 -47.92
N ALA D 210 -5.68 -8.83 -47.95
CA ALA D 210 -4.46 -9.46 -48.42
C ALA D 210 -3.69 -10.18 -47.31
N SER D 211 -4.20 -10.15 -46.07
CA SER D 211 -3.48 -10.73 -44.94
C SER D 211 -3.32 -12.23 -45.05
N GLY D 212 -4.23 -12.91 -45.74
CA GLY D 212 -4.18 -14.36 -45.83
C GLY D 212 -4.92 -15.10 -44.74
N CYS D 213 -5.93 -14.48 -44.13
CA CYS D 213 -6.78 -15.12 -43.14
C CYS D 213 -7.77 -16.04 -43.85
N PRO D 214 -8.17 -17.15 -43.23
CA PRO D 214 -9.05 -18.10 -43.92
C PRO D 214 -10.52 -17.72 -43.90
N ASN D 215 -10.99 -17.00 -42.88
CA ASN D 215 -12.40 -16.66 -42.72
C ASN D 215 -12.53 -15.15 -42.52
N LEU D 216 -12.91 -14.44 -43.59
CA LEU D 216 -13.07 -12.99 -43.56
C LEU D 216 -14.52 -12.56 -43.34
N GLU D 217 -15.29 -13.31 -42.55
CA GLU D 217 -16.68 -12.93 -42.32
C GLU D 217 -16.80 -11.75 -41.37
N ALA D 218 -15.95 -11.71 -40.34
CA ALA D 218 -16.03 -10.64 -39.34
C ALA D 218 -15.62 -9.30 -39.93
N LEU D 219 -14.60 -9.29 -40.79
CA LEU D 219 -14.23 -8.04 -41.46
C LEU D 219 -15.40 -7.54 -42.31
N ASN D 220 -16.12 -8.44 -42.95
CA ASN D 220 -17.27 -8.04 -43.77
C ASN D 220 -18.39 -7.51 -42.89
N HIS D 221 -18.60 -8.10 -41.72
CA HIS D 221 -19.58 -7.57 -40.77
C HIS D 221 -19.23 -6.15 -40.36
N VAL D 222 -17.95 -5.91 -40.02
CA VAL D 222 -17.54 -4.57 -39.62
C VAL D 222 -17.68 -3.59 -40.78
N ASP D 223 -17.37 -4.05 -42.00
CA ASP D 223 -17.50 -3.19 -43.17
C ASP D 223 -18.96 -2.79 -43.40
N ALA D 224 -19.87 -3.76 -43.30
CA ALA D 224 -21.29 -3.46 -43.47
C ALA D 224 -21.79 -2.52 -42.38
N TYR D 225 -21.36 -2.73 -41.13
CA TYR D 225 -21.77 -1.84 -40.05
C TYR D 225 -21.26 -0.42 -40.26
N LEU D 226 -20.01 -0.28 -40.72
CA LEU D 226 -19.44 1.05 -40.91
C LEU D 226 -20.06 1.77 -42.10
N SER D 227 -20.44 1.03 -43.14
CA SER D 227 -20.91 1.68 -44.36
C SER D 227 -22.42 1.89 -44.38
N SER D 228 -23.21 0.94 -43.88
CA SER D 228 -24.66 0.99 -44.03
C SER D 228 -25.41 1.33 -42.75
N HIS D 229 -24.91 0.97 -41.58
CA HIS D 229 -25.64 1.24 -40.36
C HIS D 229 -25.56 2.73 -39.99
N ASP D 230 -26.61 3.21 -39.33
CA ASP D 230 -26.73 4.63 -39.05
C ASP D 230 -25.71 5.08 -38.00
N ASP D 231 -25.54 4.30 -36.94
CA ASP D 231 -24.59 4.69 -35.90
C ASP D 231 -23.16 4.34 -36.29
N GLY D 232 -22.96 3.28 -37.07
CA GLY D 232 -21.63 2.95 -37.54
C GLY D 232 -21.05 3.96 -38.53
N ARG D 233 -21.92 4.68 -39.24
CA ARG D 233 -21.46 5.68 -40.20
C ARG D 233 -20.76 6.86 -39.54
N GLN D 234 -20.86 6.99 -38.22
CA GLN D 234 -20.20 8.06 -37.49
C GLN D 234 -18.84 7.64 -36.94
N LEU D 235 -18.39 6.44 -37.27
CA LEU D 235 -17.10 5.93 -36.78
C LEU D 235 -16.05 6.12 -37.87
N ARG D 236 -14.88 6.61 -37.47
CA ARG D 236 -13.78 6.87 -38.39
C ARG D 236 -12.63 5.92 -38.10
N PRO D 237 -12.49 4.80 -38.85
CA PRO D 237 -11.33 3.94 -38.68
C PRO D 237 -10.02 4.69 -38.87
N PHE D 238 -9.05 4.48 -37.97
CA PHE D 238 -7.77 5.22 -38.04
C PHE D 238 -6.57 4.35 -37.74
N MET D 239 -6.75 3.20 -37.10
CA MET D 239 -5.57 2.41 -36.66
C MET D 239 -5.80 0.92 -36.74
N LEU D 240 -4.73 0.18 -36.99
CA LEU D 240 -4.80 -1.28 -36.95
C LEU D 240 -3.75 -1.81 -35.99
N ALA D 241 -4.15 -2.71 -35.11
CA ALA D 241 -3.26 -3.30 -34.11
C ALA D 241 -3.19 -4.81 -34.30
N ILE D 242 -1.99 -5.35 -34.13
CA ILE D 242 -1.77 -6.79 -34.20
C ILE D 242 -0.94 -7.22 -33.00
N ASP D 243 -1.02 -8.51 -32.69
CA ASP D 243 -0.18 -9.15 -31.69
C ASP D 243 0.97 -9.84 -32.40
N LEU D 244 2.16 -9.77 -31.81
CA LEU D 244 3.34 -10.39 -32.40
C LEU D 244 3.45 -11.86 -32.00
N VAL D 245 2.39 -12.60 -32.36
CA VAL D 245 2.34 -14.05 -32.19
C VAL D 245 2.06 -14.69 -33.54
N GLU D 246 1.86 -16.01 -33.56
CA GLU D 246 1.54 -16.71 -34.79
C GLU D 246 0.29 -16.09 -35.42
N PRO D 247 0.28 -15.85 -36.73
CA PRO D 247 -0.86 -15.14 -37.34
C PRO D 247 -2.20 -15.83 -37.12
N ALA D 248 -2.21 -17.15 -36.95
CA ALA D 248 -3.46 -17.85 -36.64
C ALA D 248 -3.96 -17.52 -35.24
N ALA D 249 -3.08 -17.09 -34.34
CA ALA D 249 -3.44 -16.78 -32.97
C ALA D 249 -3.50 -15.29 -32.69
N SER D 250 -3.17 -14.45 -33.67
CA SER D 250 -3.16 -13.01 -33.49
C SER D 250 -4.56 -12.42 -33.70
N ARG D 251 -4.85 -11.36 -32.98
CA ARG D 251 -6.05 -10.57 -33.23
C ARG D 251 -5.77 -9.51 -34.29
N LEU D 252 -6.85 -8.96 -34.84
CA LEU D 252 -6.79 -7.86 -35.81
C LEU D 252 -7.71 -6.76 -35.30
N LYS D 253 -7.15 -5.78 -34.59
CA LYS D 253 -7.95 -4.76 -33.92
C LYS D 253 -8.00 -3.52 -34.80
N ILE D 254 -9.18 -3.19 -35.29
CA ILE D 254 -9.40 -1.99 -36.10
C ILE D 254 -9.96 -0.92 -35.18
N TYR D 255 -9.21 0.15 -34.98
CA TYR D 255 -9.63 1.25 -34.12
C TYR D 255 -10.40 2.28 -34.93
N ALA D 256 -11.46 2.80 -34.32
CA ALA D 256 -12.39 3.72 -34.95
C ALA D 256 -12.77 4.78 -33.93
N ARG D 257 -12.93 6.01 -34.41
CA ARG D 257 -13.19 7.14 -33.53
C ARG D 257 -14.63 7.62 -33.76
N SER D 258 -15.21 8.14 -32.69
CA SER D 258 -16.60 8.64 -32.77
C SER D 258 -16.65 10.08 -32.26
N ASN D 259 -17.77 10.75 -32.45
CA ASN D 259 -17.94 12.12 -31.87
C ASN D 259 -18.97 11.99 -30.74
N GLN D 260 -19.50 10.78 -30.54
CA GLN D 260 -20.58 10.55 -29.55
C GLN D 260 -20.03 10.18 -28.17
N THR D 261 -20.71 10.62 -27.11
CA THR D 261 -20.30 10.30 -25.73
C THR D 261 -21.47 9.65 -24.99
N SER D 262 -22.43 9.06 -25.69
CA SER D 262 -23.66 8.53 -25.06
C SER D 262 -23.58 7.02 -24.85
N PHE D 263 -24.29 6.52 -23.85
CA PHE D 263 -24.27 5.08 -23.54
C PHE D 263 -25.02 4.30 -24.62
N ARG D 264 -26.12 4.85 -25.12
CA ARG D 264 -26.94 4.14 -26.13
C ARG D 264 -26.07 3.87 -27.35
N PHE D 265 -25.29 4.86 -27.77
CA PHE D 265 -24.41 4.71 -28.92
C PHE D 265 -23.30 3.70 -28.65
N VAL D 266 -22.68 3.78 -27.47
CA VAL D 266 -21.65 2.81 -27.11
C VAL D 266 -22.24 1.42 -27.06
N ARG D 267 -23.43 1.28 -26.47
CA ARG D 267 -24.12 -0.01 -26.46
C ARG D 267 -24.38 -0.53 -27.87
N ASP D 268 -24.76 0.36 -28.78
CA ASP D 268 -25.07 -0.05 -30.14
C ASP D 268 -23.81 -0.47 -30.90
N VAL D 269 -22.69 0.23 -30.68
CA VAL D 269 -21.43 -0.17 -31.36
C VAL D 269 -20.99 -1.55 -30.87
N MET D 270 -21.14 -1.83 -29.58
CA MET D 270 -20.68 -3.10 -28.99
C MET D 270 -21.46 -4.26 -29.56
N THR D 271 -22.70 -4.01 -29.92
CA THR D 271 -23.60 -5.04 -30.46
C THR D 271 -23.45 -5.09 -31.97
N ILE D 272 -22.77 -4.10 -32.57
CA ILE D 272 -22.66 -4.05 -34.02
C ILE D 272 -24.04 -4.02 -34.62
N GLY D 273 -24.88 -3.10 -34.14
CA GLY D 273 -26.24 -2.98 -34.63
C GLY D 273 -27.15 -4.14 -34.32
N GLY D 274 -26.87 -4.87 -33.25
CA GLY D 274 -27.76 -5.96 -32.84
C GLY D 274 -27.35 -7.33 -33.38
N LEU D 275 -26.35 -7.38 -34.25
CA LEU D 275 -25.82 -8.68 -34.78
C LEU D 275 -25.29 -9.50 -33.59
N ARG D 276 -24.70 -8.82 -32.61
CA ARG D 276 -24.16 -9.51 -31.43
C ARG D 276 -25.25 -9.63 -30.36
N THR D 277 -25.73 -10.85 -30.15
CA THR D 277 -26.68 -11.10 -29.04
C THR D 277 -25.89 -11.79 -27.93
N ASP D 278 -26.56 -12.20 -26.84
CA ASP D 278 -25.88 -12.91 -25.73
C ASP D 278 -24.93 -11.97 -24.99
N LEU D 279 -25.17 -10.66 -25.06
CA LEU D 279 -24.32 -9.67 -24.36
C LEU D 279 -25.15 -8.90 -23.35
N ASP D 280 -26.35 -9.38 -23.02
CA ASP D 280 -27.29 -8.62 -22.15
C ASP D 280 -26.76 -8.39 -20.74
N ARG D 281 -26.29 -9.44 -20.05
CA ARG D 281 -25.78 -9.32 -18.69
C ARG D 281 -24.53 -8.46 -18.65
N SER D 282 -23.59 -8.72 -19.55
CA SER D 282 -22.39 -7.89 -19.65
C SER D 282 -22.75 -6.45 -19.96
N ILE D 283 -23.79 -6.25 -20.78
CA ILE D 283 -24.18 -4.88 -21.15
C ILE D 283 -24.87 -4.17 -19.98
N GLU D 284 -25.64 -4.90 -19.17
CA GLU D 284 -26.22 -4.29 -17.97
C GLU D 284 -25.13 -3.92 -16.97
N LYS D 285 -24.15 -4.80 -16.78
CA LYS D 285 -23.00 -4.45 -15.96
C LYS D 285 -22.26 -3.25 -16.53
N PHE D 286 -22.23 -3.16 -17.85
CA PHE D 286 -21.62 -2.00 -18.50
C PHE D 286 -22.38 -0.73 -18.15
N SER D 287 -23.71 -0.80 -18.11
CA SER D 287 -24.51 0.37 -17.73
C SER D 287 -24.21 0.79 -16.29
N ASP D 288 -24.06 -0.17 -15.38
CA ASP D 288 -23.73 0.11 -13.95
C ASP D 288 -22.39 0.81 -13.77
N LEU D 289 -21.33 0.26 -14.34
CA LEU D 289 -20.00 0.91 -14.29
C LEU D 289 -20.10 2.34 -14.81
N TRP D 290 -20.83 2.55 -15.91
CA TRP D 290 -20.99 3.90 -16.51
C TRP D 290 -21.47 4.91 -15.46
N LYS D 291 -22.50 4.57 -14.69
CA LYS D 291 -23.06 5.55 -13.72
C LYS D 291 -22.10 5.74 -12.56
N ARG D 292 -21.62 4.64 -11.98
CA ARG D 292 -20.72 4.70 -10.82
C ARG D 292 -19.47 5.50 -11.15
N ALA D 293 -18.93 5.36 -12.36
CA ALA D 293 -17.63 5.98 -12.70
C ALA D 293 -17.79 7.23 -13.56
N LEU D 294 -18.51 7.16 -14.69
CA LEU D 294 -18.57 8.32 -15.61
C LEU D 294 -19.79 9.20 -15.29
N SER D 314 -13.76 14.19 -25.05
CA SER D 314 -13.92 14.25 -26.51
C SER D 314 -14.70 13.04 -26.99
N GLY D 315 -14.31 12.45 -28.11
CA GLY D 315 -15.03 11.35 -28.75
C GLY D 315 -14.79 9.99 -28.10
N ALA D 316 -15.75 9.07 -28.14
CA ALA D 316 -15.51 7.70 -27.63
C ALA D 316 -14.83 6.86 -28.73
N VAL D 317 -13.90 5.96 -28.36
CA VAL D 317 -13.10 5.19 -29.37
C VAL D 317 -13.42 3.70 -29.25
N PHE D 318 -13.28 2.95 -30.33
CA PHE D 318 -13.59 1.54 -30.31
C PHE D 318 -12.54 0.79 -31.10
N ASN D 319 -12.49 -0.52 -30.90
CA ASN D 319 -11.77 -1.38 -31.83
C ASN D 319 -12.58 -2.65 -32.05
N PHE D 320 -12.58 -3.10 -33.30
CA PHE D 320 -13.21 -4.35 -33.72
C PHE D 320 -12.12 -5.38 -33.99
N ASP D 321 -12.16 -6.48 -33.25
CA ASP D 321 -11.35 -7.65 -33.53
C ASP D 321 -12.10 -8.50 -34.56
N VAL D 322 -11.49 -8.69 -35.73
CA VAL D 322 -12.14 -9.34 -36.85
C VAL D 322 -11.45 -10.67 -37.14
N ALA D 323 -11.01 -11.36 -36.09
CA ALA D 323 -10.34 -12.64 -36.24
C ALA D 323 -11.20 -13.78 -35.70
N LYS D 325 -10.78 -17.76 -37.00
CA LYS D 325 -10.83 -18.33 -35.66
C LYS D 325 -12.22 -18.15 -35.05
N SER D 326 -12.72 -16.91 -35.07
CA SER D 326 -14.05 -16.59 -34.61
C SER D 326 -14.81 -15.89 -35.72
N GLN D 327 -16.05 -16.34 -35.97
CA GLN D 327 -16.86 -15.79 -37.06
C GLN D 327 -17.50 -14.45 -36.71
N ILE D 328 -17.65 -14.14 -35.44
CA ILE D 328 -18.30 -12.90 -35.00
C ILE D 328 -17.23 -11.92 -34.53
N PRO D 329 -17.20 -10.70 -35.03
CA PRO D 329 -16.21 -9.73 -34.55
C PRO D 329 -16.55 -9.27 -33.13
N GLU D 330 -15.51 -8.87 -32.40
CA GLU D 330 -15.66 -8.44 -31.02
C GLU D 330 -15.31 -6.96 -30.89
N VAL D 331 -15.95 -6.28 -29.95
CA VAL D 331 -15.81 -4.83 -29.82
C VAL D 331 -15.25 -4.51 -28.44
N LYS D 332 -14.26 -3.61 -28.41
CA LYS D 332 -13.77 -3.04 -27.16
C LYS D 332 -13.94 -1.53 -27.24
N ALA D 333 -14.59 -0.96 -26.22
CA ALA D 333 -14.83 0.48 -26.19
C ALA D 333 -13.87 1.18 -25.25
N TYR D 334 -13.56 2.42 -25.58
CA TYR D 334 -12.68 3.29 -24.82
C TYR D 334 -13.51 4.52 -24.52
N ILE D 335 -13.98 4.59 -23.27
CA ILE D 335 -14.74 5.68 -22.68
C ILE D 335 -13.80 6.78 -22.22
N PRO D 336 -13.90 8.05 -22.73
CA PRO D 336 -13.05 9.18 -22.32
C PRO D 336 -13.42 9.77 -20.96
N VAL D 337 -12.62 9.54 -19.95
CA VAL D 337 -13.00 9.97 -18.58
C VAL D 337 -12.91 11.48 -18.43
N ARG D 338 -12.35 12.20 -19.39
CA ARG D 338 -12.34 13.68 -19.27
C ARG D 338 -13.69 14.29 -19.65
N HIS D 339 -14.20 13.94 -20.82
CA HIS D 339 -15.45 14.50 -21.35
C HIS D 339 -16.66 14.07 -20.55
N TYR D 340 -16.47 13.69 -19.30
CA TYR D 340 -17.60 13.06 -18.58
C TYR D 340 -17.45 13.18 -17.08
N ALA D 341 -16.22 13.25 -16.60
CA ALA D 341 -16.06 13.23 -15.14
C ALA D 341 -15.50 14.53 -14.64
N ASN D 342 -15.75 14.73 -13.37
CA ASN D 342 -15.29 15.98 -12.75
C ASN D 342 -13.84 15.77 -12.35
N ASN D 343 -13.50 14.54 -11.95
CA ASN D 343 -12.11 14.52 -11.52
C ASN D 343 -11.65 13.07 -11.49
N ASP D 344 -10.32 12.89 -11.43
CA ASP D 344 -9.76 11.55 -11.51
C ASP D 344 -10.10 10.70 -10.29
N LEU D 345 -10.13 11.32 -9.11
CA LEU D 345 -10.41 10.57 -7.89
C LEU D 345 -11.83 10.03 -7.88
N GLN D 346 -12.80 10.84 -8.32
CA GLN D 346 -14.19 10.39 -8.33
C GLN D 346 -14.38 9.20 -9.25
N ALA D 347 -13.81 9.27 -10.47
CA ALA D 347 -13.92 8.17 -11.41
C ALA D 347 -13.20 6.92 -10.88
N ALA D 348 -12.04 7.12 -10.24
CA ALA D 348 -11.31 5.99 -9.67
C ALA D 348 -12.12 5.31 -8.59
N LEU D 349 -12.76 6.09 -7.72
CA LEU D 349 -13.57 5.50 -6.65
C LEU D 349 -14.81 4.81 -7.20
N GLY D 350 -15.41 5.36 -8.26
CA GLY D 350 -16.54 4.67 -8.88
C GLY D 350 -16.14 3.34 -9.49
N LEU D 351 -15.07 3.33 -10.28
CA LEU D 351 -14.58 2.08 -10.87
C LEU D 351 -14.21 1.08 -9.78
N ILE D 352 -13.58 1.54 -8.71
CA ILE D 352 -13.16 0.64 -7.63
C ILE D 352 -14.38 0.06 -6.92
N GLY D 353 -15.42 0.88 -6.74
CA GLY D 353 -16.64 0.36 -6.13
C GLY D 353 -17.31 -0.68 -6.99
N TYR D 354 -17.34 -0.46 -8.31
CA TYR D 354 -17.85 -1.49 -9.21
C TYR D 354 -17.04 -2.78 -9.06
N LEU D 355 -15.71 -2.68 -9.15
CA LEU D 355 -14.86 -3.87 -9.13
C LEU D 355 -15.00 -4.64 -7.82
N GLU D 356 -15.09 -3.93 -6.70
CA GLU D 356 -15.21 -4.58 -5.39
C GLU D 356 -16.60 -5.16 -5.18
N ASP D 357 -17.63 -4.50 -5.70
CA ASP D 357 -18.99 -5.03 -5.62
C ASP D 357 -19.18 -6.30 -6.44
N HIS D 358 -18.34 -6.53 -7.45
CA HIS D 358 -18.40 -7.73 -8.27
C HIS D 358 -17.26 -8.69 -7.93
N GLY D 359 -16.61 -8.49 -6.78
CA GLY D 359 -15.57 -9.40 -6.33
C GLY D 359 -14.28 -9.33 -7.11
N HIS D 360 -13.91 -8.14 -7.61
CA HIS D 360 -12.71 -7.96 -8.40
C HIS D 360 -11.80 -6.88 -7.82
N GLY D 361 -11.98 -6.54 -6.55
CA GLY D 361 -11.28 -5.38 -6.00
C GLY D 361 -10.17 -5.65 -5.00
N GLY D 362 -9.44 -6.75 -5.17
CA GLY D 362 -8.31 -7.02 -4.30
C GLY D 362 -7.20 -5.99 -4.41
N TYR D 363 -7.12 -5.29 -5.53
CA TYR D 363 -6.02 -4.37 -5.82
C TYR D 363 -6.47 -2.91 -5.90
N SER D 364 -7.51 -2.54 -5.15
CA SER D 364 -8.05 -1.18 -5.24
C SER D 364 -7.10 -0.16 -4.61
N GLN D 365 -6.56 -0.48 -3.43
CA GLN D 365 -5.66 0.46 -2.76
C GLN D 365 -4.34 0.58 -3.49
N SER D 366 -3.86 -0.52 -4.08
CA SER D 366 -2.69 -0.47 -4.93
C SER D 366 -2.93 0.42 -6.16
N TYR D 367 -4.11 0.31 -6.76
CA TYR D 367 -4.45 1.17 -7.89
C TYR D 367 -4.47 2.63 -7.48
N LEU D 368 -5.01 2.91 -6.29
CA LEU D 368 -5.05 4.30 -5.83
C LEU D 368 -3.63 4.82 -5.56
N ARG D 369 -2.76 3.98 -5.01
CA ARG D 369 -1.38 4.40 -4.81
C ARG D 369 -0.67 4.65 -6.14
N GLY D 370 -0.95 3.82 -7.15
CA GLY D 370 -0.38 4.07 -8.47
C GLY D 370 -0.87 5.39 -9.06
N LEU D 371 -2.17 5.67 -8.92
CA LEU D 371 -2.71 6.94 -9.39
C LEU D 371 -2.03 8.11 -8.68
N ASP D 372 -1.92 8.03 -7.35
CA ASP D 372 -1.30 9.09 -6.58
C ASP D 372 0.17 9.26 -6.97
N MET D 373 0.84 8.17 -7.36
CA MET D 373 2.18 8.28 -7.90
C MET D 373 2.18 9.03 -9.23
N LEU D 374 1.21 8.73 -10.10
CA LEU D 374 1.18 9.36 -11.42
C LEU D 374 0.61 10.77 -11.41
N ALA D 375 -0.21 11.11 -10.40
CA ALA D 375 -0.97 12.35 -10.47
C ALA D 375 -0.06 13.54 -10.18
N PRO D 376 -0.22 14.64 -10.92
CA PRO D 376 0.39 15.90 -10.49
C PRO D 376 -0.04 16.27 -9.08
N SER D 377 0.93 16.69 -8.27
CA SER D 377 0.73 16.88 -6.83
C SER D 377 -0.48 17.76 -6.54
N GLY D 378 -1.54 17.14 -6.03
CA GLY D 378 -2.73 17.88 -5.64
C GLY D 378 -3.68 18.16 -6.77
N GLN D 379 -3.93 17.17 -7.65
CA GLN D 379 -4.87 17.36 -8.75
C GLN D 379 -5.81 16.17 -8.94
N LEU D 380 -5.77 15.16 -8.07
CA LEU D 380 -6.70 14.06 -8.18
C LEU D 380 -8.13 14.53 -7.98
N ASP D 381 -8.36 15.34 -6.95
CA ASP D 381 -9.68 15.86 -6.63
C ASP D 381 -10.02 17.14 -7.39
N GLN D 382 -9.07 17.70 -8.15
CA GLN D 382 -9.30 18.98 -8.80
C GLN D 382 -9.46 18.91 -10.31
N ALA D 383 -8.82 17.95 -10.98
CA ALA D 383 -8.82 17.90 -12.43
C ALA D 383 -8.80 16.46 -12.92
N THR D 384 -8.90 16.31 -14.22
CA THR D 384 -8.73 15.03 -14.90
C THR D 384 -7.34 15.00 -15.54
N GLY D 385 -7.05 13.95 -16.29
CA GLY D 385 -5.79 13.89 -17.00
C GLY D 385 -4.99 12.63 -16.72
N VAL D 386 -5.06 12.13 -15.48
CA VAL D 386 -4.33 10.92 -15.12
C VAL D 386 -4.94 9.71 -15.82
N GLN D 387 -6.24 9.50 -15.64
CA GLN D 387 -6.97 8.43 -16.31
C GLN D 387 -7.53 8.94 -17.63
N THR D 388 -6.98 8.45 -18.74
CA THR D 388 -7.44 8.90 -20.05
C THR D 388 -8.67 8.13 -20.52
N TYR D 389 -8.65 6.80 -20.38
CA TYR D 389 -9.69 5.94 -20.90
C TYR D 389 -10.04 4.85 -19.91
N PHE D 390 -11.32 4.48 -19.92
CA PHE D 390 -11.79 3.22 -19.35
C PHE D 390 -12.22 2.33 -20.51
N ALA D 391 -11.45 1.28 -20.77
CA ALA D 391 -11.77 0.33 -21.83
C ALA D 391 -12.61 -0.81 -21.27
N VAL D 392 -13.66 -1.15 -22.01
CA VAL D 392 -14.63 -2.19 -21.63
C VAL D 392 -14.75 -3.17 -22.77
N ALA D 393 -14.63 -4.46 -22.47
CA ALA D 393 -14.97 -5.53 -23.38
C ALA D 393 -15.94 -6.49 -22.71
N CYS D 394 -16.79 -7.14 -23.50
CA CYS D 394 -17.81 -8.04 -23.00
C CYS D 394 -17.36 -9.48 -23.16
N GLN D 395 -17.12 -10.17 -22.04
CA GLN D 395 -16.72 -11.58 -22.02
C GLN D 395 -17.88 -12.39 -21.47
N GLY D 396 -18.76 -12.83 -22.37
CA GLY D 396 -19.88 -13.63 -21.94
C GLY D 396 -20.87 -12.88 -21.07
N GLU D 397 -20.75 -13.07 -19.76
CA GLU D 397 -21.62 -12.42 -18.78
C GLU D 397 -20.93 -11.28 -18.05
N ASP D 398 -19.61 -11.16 -18.20
CA ASP D 398 -18.83 -10.24 -17.39
C ASP D 398 -18.17 -9.19 -18.26
N LEU D 399 -17.49 -8.25 -17.59
CA LEU D 399 -16.75 -7.19 -18.26
C LEU D 399 -15.25 -7.36 -18.03
N SER D 400 -14.48 -7.13 -19.08
CA SER D 400 -13.04 -6.99 -18.99
C SER D 400 -12.74 -5.49 -19.02
N LEU D 401 -12.06 -5.01 -17.98
CA LEU D 401 -11.85 -3.59 -17.78
C LEU D 401 -10.37 -3.26 -17.85
N THR D 402 -10.06 -2.09 -18.42
CA THR D 402 -8.68 -1.62 -18.48
C THR D 402 -8.67 -0.12 -18.23
N SER D 403 -7.77 0.34 -17.36
CA SER D 403 -7.58 1.75 -17.11
C SER D 403 -6.34 2.22 -17.87
N TYR D 404 -6.48 3.28 -18.66
CA TYR D 404 -5.35 3.82 -19.39
C TYR D 404 -4.89 5.11 -18.72
N LEU D 405 -3.58 5.25 -18.57
CA LEU D 405 -2.99 6.24 -17.66
C LEU D 405 -1.94 7.06 -18.39
N ASN D 406 -2.07 8.39 -18.27
CA ASN D 406 -1.12 9.33 -18.85
C ASN D 406 -0.33 9.98 -17.73
N PRO D 407 1.00 9.84 -17.71
CA PRO D 407 1.80 10.48 -16.65
C PRO D 407 1.84 12.00 -16.71
N GLN D 408 1.43 12.60 -17.83
CA GLN D 408 1.32 14.05 -17.98
C GLN D 408 2.65 14.75 -17.70
N PHE D 409 3.64 14.43 -18.53
CA PHE D 409 4.96 15.04 -18.40
C PHE D 409 4.95 16.52 -18.72
N TYR D 410 4.09 16.97 -19.64
CA TYR D 410 4.14 18.33 -20.16
C TYR D 410 3.04 19.24 -19.62
N TRP E . -46.53 17.34 1.56
CA TRP E . -46.94 17.80 0.24
C TRP E . -47.74 16.73 -0.50
O TRP E . -48.31 17.05 -1.56
CB TRP E . -45.72 18.20 -0.60
CG TRP E . -44.72 17.11 -0.96
CD1 TRP E . -43.71 16.65 -0.14
CD2 TRP E . -44.64 16.40 -2.17
NE1 TRP E . -43.06 15.70 -0.80
CE2 TRP E . -43.60 15.54 -2.04
CE3 TRP E . -45.38 16.44 -3.38
CZ2 TRP E . -43.26 14.67 -3.11
CZ3 TRP E . -45.05 15.58 -4.42
CH2 TRP E . -43.98 14.69 -4.29
OXT TRP E . -47.86 15.55 -0.07
PA GST F . 3.41 -5.84 24.43
O1A GST F . 2.10 -5.17 24.78
O2A GST F . 3.37 -6.30 23.00
O3A GST F . 3.70 -7.01 25.32
O1B GST F . 4.68 -4.84 24.69
PB GST F . 4.57 -3.28 25.19
O2B GST F . 3.82 -2.49 24.16
O3B GST F . 3.89 -3.25 26.50
S1 GST F . 6.54 -2.56 25.40
C1 GST F . 6.69 -1.13 26.46
C2 GST F . 5.93 -0.12 25.68
C3 GST F . 5.79 1.08 26.14
C10 GST F . 6.41 1.48 27.46
C4 GST F . 4.99 2.03 25.31
C5 GST F . 3.96 1.09 24.72
C6 GST F . 3.86 1.41 23.27
C7 GST F . 2.86 0.92 22.62
C9 GST F . 1.78 -0.01 23.18
C8 GST F . 2.84 1.36 21.21
N TRP G . 11.22 4.88 26.36
CA TRP G . 11.24 4.22 27.66
C TRP G . 12.41 3.23 27.70
O TRP G . 13.07 3.01 26.67
CB TRP G . 9.89 3.53 27.94
CG TRP G . 9.46 2.64 26.80
CD1 TRP G . 8.67 3.01 25.73
CD2 TRP G . 9.81 1.30 26.65
NE1 TRP G . 8.54 1.93 24.95
CE2 TRP G . 9.22 0.89 25.49
CE3 TRP G . 10.58 0.41 27.44
CZ2 TRP G . 9.40 -0.45 25.06
CZ3 TRP G . 10.76 -0.88 27.02
CH2 TRP G . 10.16 -1.29 25.84
OXT TRP G . 12.71 2.64 28.77
#